data_4YN6
# 
_entry.id   4YN6 
# 
_audit_conform.dict_name       mmcif_pdbx.dic 
_audit_conform.dict_version    5.387 
_audit_conform.dict_location   http://mmcif.pdb.org/dictionaries/ascii/mmcif_pdbx.dic 
# 
loop_
_database_2.database_id 
_database_2.database_code 
_database_2.pdbx_database_accession 
_database_2.pdbx_DOI 
PDB   4YN6         pdb_00004yn6 10.2210/pdb4yn6/pdb 
WWPDB D_1000207739 ?            ?                   
# 
loop_
_pdbx_audit_revision_history.ordinal 
_pdbx_audit_revision_history.data_content_type 
_pdbx_audit_revision_history.major_revision 
_pdbx_audit_revision_history.minor_revision 
_pdbx_audit_revision_history.revision_date 
1 'Structure model' 1 0 2015-04-22 
2 'Structure model' 1 1 2015-04-29 
3 'Structure model' 1 2 2015-07-15 
4 'Structure model' 1 3 2015-09-02 
5 'Structure model' 1 4 2024-03-20 
# 
_pdbx_audit_revision_details.ordinal             1 
_pdbx_audit_revision_details.revision_ordinal    1 
_pdbx_audit_revision_details.data_content_type   'Structure model' 
_pdbx_audit_revision_details.provider            repository 
_pdbx_audit_revision_details.type                'Initial release' 
_pdbx_audit_revision_details.description         ? 
_pdbx_audit_revision_details.details             ? 
# 
loop_
_pdbx_audit_revision_group.ordinal 
_pdbx_audit_revision_group.revision_ordinal 
_pdbx_audit_revision_group.data_content_type 
_pdbx_audit_revision_group.group 
1 2 'Structure model' 'Data collection'      
2 3 'Structure model' 'Database references'  
3 4 'Structure model' 'Data collection'      
4 5 'Structure model' 'Data collection'      
5 5 'Structure model' 'Database references'  
6 5 'Structure model' 'Derived calculations' 
# 
loop_
_pdbx_audit_revision_category.ordinal 
_pdbx_audit_revision_category.revision_ordinal 
_pdbx_audit_revision_category.data_content_type 
_pdbx_audit_revision_category.category 
1 5 'Structure model' chem_comp_atom        
2 5 'Structure model' chem_comp_bond        
3 5 'Structure model' database_2            
4 5 'Structure model' pdbx_struct_oper_list 
# 
loop_
_pdbx_audit_revision_item.ordinal 
_pdbx_audit_revision_item.revision_ordinal 
_pdbx_audit_revision_item.data_content_type 
_pdbx_audit_revision_item.item 
1 5 'Structure model' '_database_2.pdbx_DOI'                      
2 5 'Structure model' '_database_2.pdbx_database_accession'       
3 5 'Structure model' '_pdbx_struct_oper_list.symmetry_operation' 
# 
_pdbx_database_status.status_code                     REL 
_pdbx_database_status.status_code_sf                  REL 
_pdbx_database_status.status_code_mr                  ? 
_pdbx_database_status.entry_id                        4YN6 
_pdbx_database_status.recvd_initial_deposition_date   2015-03-09 
_pdbx_database_status.SG_entry                        N 
_pdbx_database_status.deposit_site                    RCSB 
_pdbx_database_status.process_site                    PDBJ 
_pdbx_database_status.status_code_cs                  ? 
_pdbx_database_status.methods_development_category    ? 
_pdbx_database_status.pdb_format_compatible           Y 
_pdbx_database_status.status_code_nmr_data            ? 
# 
loop_
_audit_author.name 
_audit_author.pdbx_ordinal 
'Tawani, A.' 1 
'Kumar, A.'  2 
# 
_citation.abstract                  ? 
_citation.abstract_id_CAS           ? 
_citation.book_id_ISBN              ? 
_citation.book_publisher            ? 
_citation.book_publisher_city       ? 
_citation.book_title                ? 
_citation.coordinate_linkage        ? 
_citation.country                   US 
_citation.database_id_Medline       ? 
_citation.details                   ? 
_citation.id                        primary 
_citation.journal_abbrev            'Plos One' 
_citation.journal_id_ASTM           ? 
_citation.journal_id_CSD            ? 
_citation.journal_id_ISSN           1932-6203 
_citation.journal_full              ? 
_citation.journal_issue             ? 
_citation.journal_volume            10 
_citation.language                  ? 
_citation.page_first                e0131788 
_citation.page_last                 e0131788 
_citation.title                     
;Structural Insights Reveal the Dynamics of the Repeating r(CAG) Transcript Found in Huntington's Disease (HD) and Spinocerebellar Ataxias (SCAs)
;
_citation.year                      2015 
_citation.database_id_CSD           ? 
_citation.pdbx_database_id_DOI      10.1371/journal.pone.0131788 
_citation.pdbx_database_id_PubMed   26148061 
_citation.unpublished_flag          ? 
# 
loop_
_citation_author.citation_id 
_citation_author.name 
_citation_author.ordinal 
_citation_author.identifier_ORCID 
primary 'Tawani, A.' 1 ? 
primary 'Kumar, A.'  2 ? 
# 
loop_
_entity.id 
_entity.type 
_entity.src_method 
_entity.pdbx_description 
_entity.formula_weight 
_entity.pdbx_number_of_molecules 
_entity.pdbx_ec 
_entity.pdbx_mutation 
_entity.pdbx_fragment 
_entity.details 
1 polymer     syn 
;RNA (5'-R(P*UP*UP*GP*GP*GP*CP*CP*AP*GP*CP*AP*GP*CP*AP*GP*GP*UP*CP*C)-3')
;
6108.689 2  ? ? ? RNA 
2 non-polymer syn 'PHOSPHATE ION'                                                            94.971   2  ? ? ? ?   
3 water       nat water                                                                      18.015   54 ? ? ? ?   
# 
_entity_poly.entity_id                      1 
_entity_poly.type                           polyribonucleotide 
_entity_poly.nstd_linkage                   no 
_entity_poly.nstd_monomer                   no 
_entity_poly.pdbx_seq_one_letter_code       UUGGGCCAGCAGCAGGUCC 
_entity_poly.pdbx_seq_one_letter_code_can   UUGGGCCAGCAGCAGGUCC 
_entity_poly.pdbx_strand_id                 A,B 
_entity_poly.pdbx_target_identifier         ? 
# 
loop_
_pdbx_entity_nonpoly.entity_id 
_pdbx_entity_nonpoly.name 
_pdbx_entity_nonpoly.comp_id 
2 'PHOSPHATE ION' PO4 
3 water           HOH 
# 
loop_
_entity_poly_seq.entity_id 
_entity_poly_seq.num 
_entity_poly_seq.mon_id 
_entity_poly_seq.hetero 
1 1  U n 
1 2  U n 
1 3  G n 
1 4  G n 
1 5  G n 
1 6  C n 
1 7  C n 
1 8  A n 
1 9  G n 
1 10 C n 
1 11 A n 
1 12 G n 
1 13 C n 
1 14 A n 
1 15 G n 
1 16 G n 
1 17 U n 
1 18 C n 
1 19 C n 
# 
_pdbx_entity_src_syn.entity_id              1 
_pdbx_entity_src_syn.pdbx_src_id            1 
_pdbx_entity_src_syn.pdbx_alt_source_flag   sample 
_pdbx_entity_src_syn.pdbx_beg_seq_num       1 
_pdbx_entity_src_syn.pdbx_end_seq_num       19 
_pdbx_entity_src_syn.organism_scientific    'synthetic construct' 
_pdbx_entity_src_syn.organism_common_name   ? 
_pdbx_entity_src_syn.ncbi_taxonomy_id       32630 
_pdbx_entity_src_syn.details                ? 
# 
loop_
_chem_comp.id 
_chem_comp.type 
_chem_comp.mon_nstd_flag 
_chem_comp.name 
_chem_comp.pdbx_synonyms 
_chem_comp.formula 
_chem_comp.formula_weight 
A   'RNA linking' y "ADENOSINE-5'-MONOPHOSPHATE" ? 'C10 H14 N5 O7 P' 347.221 
C   'RNA linking' y "CYTIDINE-5'-MONOPHOSPHATE"  ? 'C9 H14 N3 O8 P'  323.197 
G   'RNA linking' y "GUANOSINE-5'-MONOPHOSPHATE" ? 'C10 H14 N5 O8 P' 363.221 
HOH non-polymer   . WATER                        ? 'H2 O'            18.015  
PO4 non-polymer   . 'PHOSPHATE ION'              ? 'O4 P -3'         94.971  
U   'RNA linking' y "URIDINE-5'-MONOPHOSPHATE"   ? 'C9 H13 N2 O9 P'  324.181 
# 
loop_
_pdbx_poly_seq_scheme.asym_id 
_pdbx_poly_seq_scheme.entity_id 
_pdbx_poly_seq_scheme.seq_id 
_pdbx_poly_seq_scheme.mon_id 
_pdbx_poly_seq_scheme.ndb_seq_num 
_pdbx_poly_seq_scheme.pdb_seq_num 
_pdbx_poly_seq_scheme.auth_seq_num 
_pdbx_poly_seq_scheme.pdb_mon_id 
_pdbx_poly_seq_scheme.auth_mon_id 
_pdbx_poly_seq_scheme.pdb_strand_id 
_pdbx_poly_seq_scheme.pdb_ins_code 
_pdbx_poly_seq_scheme.hetero 
A 1 1  U 1  1  1  U U A . n 
A 1 2  U 2  2  2  U U A . n 
A 1 3  G 3  3  3  G G A . n 
A 1 4  G 4  4  4  G G A . n 
A 1 5  G 5  5  5  G G A . n 
A 1 6  C 6  6  6  C C A . n 
A 1 7  C 7  7  7  C C A . n 
A 1 8  A 8  8  8  A A A . n 
A 1 9  G 9  9  9  G G A . n 
A 1 10 C 10 10 10 C C A . n 
A 1 11 A 11 11 11 A A A . n 
A 1 12 G 12 12 12 G G A . n 
A 1 13 C 13 13 13 C C A . n 
A 1 14 A 14 14 14 A A A . n 
A 1 15 G 15 15 15 G G A . n 
A 1 16 G 16 16 16 G G A . n 
A 1 17 U 17 17 17 U U A . n 
A 1 18 C 18 18 18 C C A . n 
A 1 19 C 19 19 19 C C A . n 
B 1 1  U 1  1  1  U U B . n 
B 1 2  U 2  2  2  U U B . n 
B 1 3  G 3  3  3  G G B . n 
B 1 4  G 4  4  4  G G B . n 
B 1 5  G 5  5  5  G G B . n 
B 1 6  C 6  6  6  C C B . n 
B 1 7  C 7  7  7  C C B . n 
B 1 8  A 8  8  8  A A B . n 
B 1 9  G 9  9  9  G G B . n 
B 1 10 C 10 10 10 C C B . n 
B 1 11 A 11 11 11 A A B . n 
B 1 12 G 12 12 12 G G B . n 
B 1 13 C 13 13 13 C C B . n 
B 1 14 A 14 14 14 A A B . n 
B 1 15 G 15 15 15 G G B . n 
B 1 16 G 16 16 16 G G B . n 
B 1 17 U 17 17 17 U U B . n 
B 1 18 C 18 18 18 C C B . n 
B 1 19 C 19 19 19 C C B . n 
# 
loop_
_pdbx_nonpoly_scheme.asym_id 
_pdbx_nonpoly_scheme.entity_id 
_pdbx_nonpoly_scheme.mon_id 
_pdbx_nonpoly_scheme.ndb_seq_num 
_pdbx_nonpoly_scheme.pdb_seq_num 
_pdbx_nonpoly_scheme.auth_seq_num 
_pdbx_nonpoly_scheme.pdb_mon_id 
_pdbx_nonpoly_scheme.auth_mon_id 
_pdbx_nonpoly_scheme.pdb_strand_id 
_pdbx_nonpoly_scheme.pdb_ins_code 
C 2 PO4 1  101 1  PO4 PO4 A . 
D 2 PO4 1  101 2  PO4 PO4 B . 
E 3 HOH 1  201 68 HOH HOH A . 
E 3 HOH 2  202 66 HOH HOH A . 
E 3 HOH 3  203 16 HOH HOH A . 
E 3 HOH 4  204 1  HOH HOH A . 
E 3 HOH 5  205 27 HOH HOH A . 
E 3 HOH 6  206 39 HOH HOH A . 
E 3 HOH 7  207 63 HOH HOH A . 
E 3 HOH 8  208 53 HOH HOH A . 
E 3 HOH 9  209 52 HOH HOH A . 
E 3 HOH 10 210 23 HOH HOH A . 
E 3 HOH 11 211 11 HOH HOH A . 
E 3 HOH 12 212 33 HOH HOH A . 
E 3 HOH 13 213 8  HOH HOH A . 
E 3 HOH 14 214 17 HOH HOH A . 
E 3 HOH 15 215 56 HOH HOH A . 
E 3 HOH 16 216 4  HOH HOH A . 
E 3 HOH 17 217 31 HOH HOH A . 
E 3 HOH 18 218 40 HOH HOH A . 
E 3 HOH 19 219 10 HOH HOH A . 
E 3 HOH 20 220 3  HOH HOH A . 
E 3 HOH 21 221 24 HOH HOH A . 
E 3 HOH 22 222 22 HOH HOH A . 
E 3 HOH 23 223 49 HOH HOH A . 
E 3 HOH 24 224 59 HOH HOH A . 
E 3 HOH 25 225 62 HOH HOH A . 
E 3 HOH 26 226 48 HOH HOH A . 
F 3 HOH 1  201 12 HOH HOH B . 
F 3 HOH 2  202 26 HOH HOH B . 
F 3 HOH 3  203 64 HOH HOH B . 
F 3 HOH 4  204 2  HOH HOH B . 
F 3 HOH 5  205 25 HOH HOH B . 
F 3 HOH 6  206 54 HOH HOH B . 
F 3 HOH 7  207 14 HOH HOH B . 
F 3 HOH 8  208 36 HOH HOH B . 
F 3 HOH 9  209 55 HOH HOH B . 
F 3 HOH 10 210 38 HOH HOH B . 
F 3 HOH 11 211 35 HOH HOH B . 
F 3 HOH 12 212 19 HOH HOH B . 
F 3 HOH 13 213 46 HOH HOH B . 
F 3 HOH 14 214 13 HOH HOH B . 
F 3 HOH 15 215 9  HOH HOH B . 
F 3 HOH 16 216 50 HOH HOH B . 
F 3 HOH 17 217 20 HOH HOH B . 
F 3 HOH 18 218 5  HOH HOH B . 
F 3 HOH 19 219 67 HOH HOH B . 
F 3 HOH 20 220 15 HOH HOH B . 
F 3 HOH 21 221 37 HOH HOH B . 
F 3 HOH 22 222 69 HOH HOH B . 
F 3 HOH 23 223 6  HOH HOH B . 
F 3 HOH 24 224 47 HOH HOH B . 
F 3 HOH 25 225 7  HOH HOH B . 
F 3 HOH 26 226 43 HOH HOH B . 
F 3 HOH 27 227 32 HOH HOH B . 
F 3 HOH 28 228 65 HOH HOH B . 
# 
loop_
_pdbx_unobs_or_zero_occ_atoms.id 
_pdbx_unobs_or_zero_occ_atoms.PDB_model_num 
_pdbx_unobs_or_zero_occ_atoms.polymer_flag 
_pdbx_unobs_or_zero_occ_atoms.occupancy_flag 
_pdbx_unobs_or_zero_occ_atoms.auth_asym_id 
_pdbx_unobs_or_zero_occ_atoms.auth_comp_id 
_pdbx_unobs_or_zero_occ_atoms.auth_seq_id 
_pdbx_unobs_or_zero_occ_atoms.PDB_ins_code 
_pdbx_unobs_or_zero_occ_atoms.auth_atom_id 
_pdbx_unobs_or_zero_occ_atoms.label_alt_id 
_pdbx_unobs_or_zero_occ_atoms.label_asym_id 
_pdbx_unobs_or_zero_occ_atoms.label_comp_id 
_pdbx_unobs_or_zero_occ_atoms.label_seq_id 
_pdbx_unobs_or_zero_occ_atoms.label_atom_id 
1 1 N 1 A PO4 101 ? O3 ? C PO4 1 O3 
2 1 N 1 B PO4 101 ? O3 ? D PO4 1 O3 
# 
loop_
_software.citation_id 
_software.classification 
_software.compiler_name 
_software.compiler_version 
_software.contact_author 
_software.contact_author_email 
_software.date 
_software.description 
_software.dependencies 
_software.hardware 
_software.language 
_software.location 
_software.mods 
_software.name 
_software.os 
_software.os_version 
_software.type 
_software.version 
_software.pdbx_ordinal 
? refinement       ? ? ? ? ? ? ? ? ? ? ? PHENIX   ? ? ? '(phenix.refine: 1.8.3_1479)' 1 
? 'data reduction' ? ? ? ? ? ? ? ? ? ? ? HKL-2000 ? ? ? .                             2 
? 'data scaling'   ? ? ? ? ? ? ? ? ? ? ? HKL-2000 ? ? ? .                             3 
? phasing          ? ? ? ? ? ? ? ? ? ? ? Coot     ? ? ? .                             4 
# 
_cell.entry_id           4YN6 
_cell.length_a           46.074 
_cell.length_b           46.074 
_cell.length_c           133.202 
_cell.angle_alpha        90.00 
_cell.angle_beta         90.00 
_cell.angle_gamma        120.00 
_cell.Z_PDB              18 
_cell.pdbx_unique_axis   ? 
# 
_symmetry.entry_id                         4YN6 
_symmetry.space_group_name_H-M             'H 3' 
_symmetry.pdbx_full_space_group_name_H-M   ? 
_symmetry.cell_setting                     ? 
_symmetry.Int_Tables_number                146 
# 
_exptl.absorpt_coefficient_mu     ? 
_exptl.absorpt_correction_T_max   ? 
_exptl.absorpt_correction_T_min   ? 
_exptl.absorpt_correction_type    ? 
_exptl.absorpt_process_details    ? 
_exptl.entry_id                   4YN6 
_exptl.crystals_number            ? 
_exptl.details                    ? 
_exptl.method                     'X-RAY DIFFRACTION' 
_exptl.method_details             ? 
# 
_exptl_crystal.colour                      ? 
_exptl_crystal.density_diffrn              ? 
_exptl_crystal.density_Matthews            2.23 
_exptl_crystal.density_method              ? 
_exptl_crystal.density_percent_sol         44.77 
_exptl_crystal.description                 ? 
_exptl_crystal.F_000                       ? 
_exptl_crystal.id                          1 
_exptl_crystal.preparation                 ? 
_exptl_crystal.size_max                    ? 
_exptl_crystal.size_mid                    ? 
_exptl_crystal.size_min                    ? 
_exptl_crystal.size_rad                    ? 
_exptl_crystal.colour_lustre               ? 
_exptl_crystal.colour_modifier             ? 
_exptl_crystal.colour_primary              ? 
_exptl_crystal.density_meas                ? 
_exptl_crystal.density_meas_esd            ? 
_exptl_crystal.density_meas_gt             ? 
_exptl_crystal.density_meas_lt             ? 
_exptl_crystal.density_meas_temp           ? 
_exptl_crystal.density_meas_temp_esd       ? 
_exptl_crystal.density_meas_temp_gt        ? 
_exptl_crystal.density_meas_temp_lt        ? 
_exptl_crystal.pdbx_crystal_image_url      ? 
_exptl_crystal.pdbx_crystal_image_format   ? 
_exptl_crystal.pdbx_mosaicity              ? 
_exptl_crystal.pdbx_mosaicity_esd          ? 
# 
_exptl_crystal_grow.apparatus       ? 
_exptl_crystal_grow.atmosphere      ? 
_exptl_crystal_grow.crystal_id      1 
_exptl_crystal_grow.details         ? 
_exptl_crystal_grow.method          'VAPOR DIFFUSION, SITTING DROP' 
_exptl_crystal_grow.method_ref      ? 
_exptl_crystal_grow.pH              ? 
_exptl_crystal_grow.pressure        ? 
_exptl_crystal_grow.pressure_esd    ? 
_exptl_crystal_grow.seeding         ? 
_exptl_crystal_grow.seeding_ref     ? 
_exptl_crystal_grow.temp            291 
_exptl_crystal_grow.temp_details    ? 
_exptl_crystal_grow.temp_esd        ? 
_exptl_crystal_grow.time            ? 
_exptl_crystal_grow.pdbx_details    '50mM Tris HCl, 25mM Magnesium Sulphate and 1.8M Ammonium Sulfate' 
_exptl_crystal_grow.pdbx_pH_range   8.5 
# 
_diffrn.ambient_environment    ? 
_diffrn.ambient_temp           100 
_diffrn.ambient_temp_details   ? 
_diffrn.ambient_temp_esd       ? 
_diffrn.crystal_id             1 
_diffrn.crystal_support        ? 
_diffrn.crystal_treatment      ? 
_diffrn.details                ? 
_diffrn.id                     1 
_diffrn.ambient_pressure       ? 
_diffrn.ambient_pressure_esd   ? 
_diffrn.ambient_pressure_gt    ? 
_diffrn.ambient_pressure_lt    ? 
_diffrn.ambient_temp_gt        ? 
_diffrn.ambient_temp_lt        ? 
# 
_diffrn_detector.details                      ? 
_diffrn_detector.detector                     CCD 
_diffrn_detector.diffrn_id                    1 
_diffrn_detector.type                         'ADSC QUANTUM 1' 
_diffrn_detector.area_resol_mean              ? 
_diffrn_detector.dtime                        ? 
_diffrn_detector.pdbx_frames_total            ? 
_diffrn_detector.pdbx_collection_time_total   ? 
_diffrn_detector.pdbx_collection_date         2011-02-05 
# 
_diffrn_radiation.collimation                      ? 
_diffrn_radiation.diffrn_id                        1 
_diffrn_radiation.filter_edge                      ? 
_diffrn_radiation.inhomogeneity                    ? 
_diffrn_radiation.monochromator                    ? 
_diffrn_radiation.polarisn_norm                    ? 
_diffrn_radiation.polarisn_ratio                   ? 
_diffrn_radiation.probe                            ? 
_diffrn_radiation.type                             ? 
_diffrn_radiation.xray_symbol                      ? 
_diffrn_radiation.wavelength_id                    1 
_diffrn_radiation.pdbx_monochromatic_or_laue_m_l   M 
_diffrn_radiation.pdbx_wavelength_list             ? 
_diffrn_radiation.pdbx_wavelength                  ? 
_diffrn_radiation.pdbx_diffrn_protocol             'SINGLE WAVELENGTH' 
_diffrn_radiation.pdbx_analyzer                    ? 
_diffrn_radiation.pdbx_scattering_type             x-ray 
# 
_diffrn_radiation_wavelength.id           1 
_diffrn_radiation_wavelength.wavelength   0.99 
_diffrn_radiation_wavelength.wt           1.0 
# 
_diffrn_source.current                     ? 
_diffrn_source.details                     ? 
_diffrn_source.diffrn_id                   1 
_diffrn_source.power                       ? 
_diffrn_source.size                        ? 
_diffrn_source.source                      SYNCHROTRON 
_diffrn_source.target                      ? 
_diffrn_source.type                        'APS BEAMLINE 24-ID-E' 
_diffrn_source.voltage                     ? 
_diffrn_source.take-off_angle              ? 
_diffrn_source.pdbx_wavelength_list        0.99 
_diffrn_source.pdbx_wavelength             ? 
_diffrn_source.pdbx_synchrotron_beamline   24-ID-E 
_diffrn_source.pdbx_synchrotron_site       APS 
# 
_reflns.B_iso_Wilson_estimate            ? 
_reflns.entry_id                         4YN6 
_reflns.data_reduction_details           ? 
_reflns.data_reduction_method            ? 
_reflns.d_resolution_high                1.95 
_reflns.d_resolution_low                 50 
_reflns.details                          ? 
_reflns.limit_h_max                      ? 
_reflns.limit_h_min                      ? 
_reflns.limit_k_max                      ? 
_reflns.limit_k_min                      ? 
_reflns.limit_l_max                      ? 
_reflns.limit_l_min                      ? 
_reflns.number_all                       ? 
_reflns.number_obs                       7642 
_reflns.observed_criterion               ? 
_reflns.observed_criterion_F_max         ? 
_reflns.observed_criterion_F_min         ? 
_reflns.observed_criterion_I_max         ? 
_reflns.observed_criterion_I_min         ? 
_reflns.observed_criterion_sigma_F       ? 
_reflns.observed_criterion_sigma_I       ? 
_reflns.percent_possible_obs             99.4 
_reflns.R_free_details                   ? 
_reflns.Rmerge_F_all                     ? 
_reflns.Rmerge_F_obs                     ? 
_reflns.Friedel_coverage                 ? 
_reflns.number_gt                        ? 
_reflns.threshold_expression             ? 
_reflns.pdbx_redundancy                  3.1 
_reflns.pdbx_Rmerge_I_obs                0.07 
_reflns.pdbx_Rmerge_I_all                ? 
_reflns.pdbx_Rsym_value                  ? 
_reflns.pdbx_netI_over_av_sigmaI         ? 
_reflns.pdbx_netI_over_sigmaI            21.3 
_reflns.pdbx_res_netI_over_av_sigmaI_2   ? 
_reflns.pdbx_res_netI_over_sigmaI_2      ? 
_reflns.pdbx_chi_squared                 ? 
_reflns.pdbx_scaling_rejects             ? 
_reflns.pdbx_d_res_high_opt              ? 
_reflns.pdbx_d_res_low_opt               ? 
_reflns.pdbx_d_res_opt_method            ? 
_reflns.phase_calculation_details        ? 
_reflns.pdbx_Rrim_I_all                  ? 
_reflns.pdbx_Rpim_I_all                  ? 
_reflns.pdbx_d_opt                       ? 
_reflns.pdbx_number_measured_all         ? 
_reflns.pdbx_diffrn_id                   1 
_reflns.pdbx_ordinal                     1 
_reflns.pdbx_CC_half                     ? 
_reflns.pdbx_R_split                     ? 
# 
_reflns_shell.Rmerge_F_all                ? 
_reflns_shell.Rmerge_F_gt                 ? 
_reflns_shell.Rmerge_F_obs                ? 
_reflns_shell.Rmerge_I_all                ? 
_reflns_shell.Rmerge_I_gt                 ? 
_reflns_shell.Rmerge_I_obs                ? 
_reflns_shell.d_res_high                  1.95 
_reflns_shell.d_res_low                   2.02 
_reflns_shell.meanI_over_sigI_all         ? 
_reflns_shell.meanI_over_sigI_gt          ? 
_reflns_shell.meanI_over_sigI_obs         7.0 
_reflns_shell.meanI_over_uI_all           ? 
_reflns_shell.meanI_over_uI_gt            ? 
_reflns_shell.number_measured_all         ? 
_reflns_shell.number_measured_gt          ? 
_reflns_shell.number_measured_obs         ? 
_reflns_shell.number_possible             ? 
_reflns_shell.number_unique_all           ? 
_reflns_shell.number_unique_gt            ? 
_reflns_shell.number_unique_obs           ? 
_reflns_shell.pdbx_CC_half                ? 
_reflns_shell.pdbx_R_split                ? 
_reflns_shell.pdbx_Rpim_I_all             ? 
_reflns_shell.pdbx_Rrim_I_all             ? 
_reflns_shell.pdbx_Rsym_value             ? 
_reflns_shell.pdbx_chi_squared            ? 
_reflns_shell.pdbx_diffrn_id              1 
_reflns_shell.pdbx_netI_over_sigmaI_all   ? 
_reflns_shell.pdbx_netI_over_sigmaI_obs   ? 
_reflns_shell.pdbx_ordinal                1 
_reflns_shell.pdbx_redundancy             5.4 
_reflns_shell.pdbx_rejects                ? 
_reflns_shell.percent_possible_all        99.4 
_reflns_shell.percent_possible_gt         ? 
_reflns_shell.percent_possible_obs        ? 
# 
_refine.pdbx_refine_id                           'X-RAY DIFFRACTION' 
_refine.entry_id                                 4YN6 
_refine.pdbx_diffrn_id                           1 
_refine.pdbx_TLS_residual_ADP_flag               ? 
_refine.ls_number_reflns_obs                     4657 
_refine.ls_number_reflns_all                     ? 
_refine.pdbx_ls_sigma_I                          ? 
_refine.pdbx_ls_sigma_F                          2.00 
_refine.pdbx_data_cutoff_high_absF               ? 
_refine.pdbx_data_cutoff_low_absF                ? 
_refine.pdbx_data_cutoff_high_rms_absF           ? 
_refine.ls_d_res_low                             44.401 
_refine.ls_d_res_high                            2.301 
_refine.ls_percent_reflns_obs                    99.34 
_refine.ls_R_factor_obs                          0.2189 
_refine.ls_R_factor_all                          ? 
_refine.ls_R_factor_R_work                       0.2168 
_refine.ls_R_factor_R_free                       0.2607 
_refine.ls_R_factor_R_free_error                 ? 
_refine.ls_R_factor_R_free_error_details         ? 
_refine.ls_percent_reflns_R_free                 4.51 
_refine.ls_number_reflns_R_free                  210 
_refine.ls_number_parameters                     ? 
_refine.ls_number_restraints                     ? 
_refine.occupancy_min                            ? 
_refine.occupancy_max                            ? 
_refine.correlation_coeff_Fo_to_Fc               ? 
_refine.correlation_coeff_Fo_to_Fc_free          ? 
_refine.B_iso_mean                               ? 
_refine.aniso_B[1][1]                            ? 
_refine.aniso_B[2][2]                            ? 
_refine.aniso_B[3][3]                            ? 
_refine.aniso_B[1][2]                            ? 
_refine.aniso_B[1][3]                            ? 
_refine.aniso_B[2][3]                            ? 
_refine.solvent_model_details                    'FLAT BULK SOLVENT MODEL' 
_refine.solvent_model_param_ksol                 ? 
_refine.solvent_model_param_bsol                 ? 
_refine.pdbx_solvent_vdw_probe_radii             1.11 
_refine.pdbx_solvent_ion_probe_radii             ? 
_refine.pdbx_solvent_shrinkage_radii             0.90 
_refine.pdbx_ls_cross_valid_method               THROUGHOUT 
_refine.details                                  ? 
_refine.pdbx_starting_model                      ? 
_refine.pdbx_method_to_determine_struct          ? 
_refine.pdbx_isotropic_thermal_model             ? 
_refine.pdbx_stereochemistry_target_values       ML 
_refine.pdbx_stereochem_target_val_spec_case     ? 
_refine.pdbx_R_Free_selection_details            RANDOM 
_refine.pdbx_overall_ESU_R                       ? 
_refine.pdbx_overall_ESU_R_Free                  ? 
_refine.overall_SU_ML                            0.32 
_refine.pdbx_overall_phase_error                 30.84 
_refine.overall_SU_B                             ? 
_refine.overall_SU_R_Cruickshank_DPI             ? 
_refine.pdbx_overall_SU_R_free_Cruickshank_DPI   ? 
_refine.pdbx_overall_SU_R_Blow_DPI               ? 
_refine.pdbx_overall_SU_R_free_Blow_DPI          ? 
# 
_refine_hist.pdbx_refine_id                   'X-RAY DIFFRACTION' 
_refine_hist.cycle_id                         LAST 
_refine_hist.pdbx_number_atoms_protein        0 
_refine_hist.pdbx_number_atoms_nucleic_acid   814 
_refine_hist.pdbx_number_atoms_ligand         10 
_refine_hist.number_atoms_solvent             54 
_refine_hist.number_atoms_total               878 
_refine_hist.d_res_high                       2.301 
_refine_hist.d_res_low                        44.401 
# 
loop_
_refine_ls_restr.type 
_refine_ls_restr.dev_ideal 
_refine_ls_restr.dev_ideal_target 
_refine_ls_restr.weight 
_refine_ls_restr.number 
_refine_ls_restr.pdbx_refine_id 
_refine_ls_restr.pdbx_restraint_function 
f_bond_d           0.005  ? ? 916  'X-RAY DIFFRACTION' ? 
f_angle_d          1.387  ? ? 1424 'X-RAY DIFFRACTION' ? 
f_dihedral_angle_d 15.266 ? ? 450  'X-RAY DIFFRACTION' ? 
f_chiral_restr     0.159  ? ? 190  'X-RAY DIFFRACTION' ? 
f_plane_restr      0.006  ? ? 38   'X-RAY DIFFRACTION' ? 
# 
_refine_ls_shell.pdbx_refine_id                   'X-RAY DIFFRACTION' 
_refine_ls_shell.pdbx_total_number_of_bins_used   ? 
_refine_ls_shell.d_res_high                       1.95 
_refine_ls_shell.d_res_low                        2.3006 
_refine_ls_shell.number_reflns_R_work             4447 
_refine_ls_shell.R_factor_R_work                  0.2168 
_refine_ls_shell.percent_reflns_obs               99.00 
_refine_ls_shell.R_factor_R_free                  0.2607 
_refine_ls_shell.R_factor_R_free_error            ? 
_refine_ls_shell.percent_reflns_R_free            ? 
_refine_ls_shell.number_reflns_R_free             210 
_refine_ls_shell.number_reflns_all                ? 
_refine_ls_shell.R_factor_all                     ? 
_refine_ls_shell.R_factor_obs                     ? 
_refine_ls_shell.number_reflns_obs                ? 
# 
_struct.entry_id                     4YN6 
_struct.title                        
;Structural Insight reveals dynamics in repeating r(CAG) transcript found in Huntington's disease (HD) and Spinocerebellar ataxias (SCAs)
;
_struct.pdbx_model_details           ? 
_struct.pdbx_formula_weight          ? 
_struct.pdbx_formula_weight_method   ? 
_struct.pdbx_model_type_details      ? 
_struct.pdbx_CASP_flag               ? 
# 
_struct_keywords.entry_id        4YN6 
_struct_keywords.text            
;RNA, Trinucleotide repeat, Huntington's disease (HD), Spinocerebellar ataxias (SCAs)
;
_struct_keywords.pdbx_keywords   RNA 
# 
loop_
_struct_asym.id 
_struct_asym.pdbx_blank_PDB_chainid_flag 
_struct_asym.pdbx_modified 
_struct_asym.entity_id 
_struct_asym.details 
A N N 1 ? 
B N N 1 ? 
C N N 2 ? 
D N N 2 ? 
E N N 3 ? 
F N N 3 ? 
# 
_struct_ref.id                         1 
_struct_ref.db_name                    PDB 
_struct_ref.db_code                    4YN6 
_struct_ref.pdbx_db_accession          4YN6 
_struct_ref.pdbx_db_isoform            ? 
_struct_ref.entity_id                  1 
_struct_ref.pdbx_seq_one_letter_code   ? 
_struct_ref.pdbx_align_begin           1 
# 
loop_
_struct_ref_seq.align_id 
_struct_ref_seq.ref_id 
_struct_ref_seq.pdbx_PDB_id_code 
_struct_ref_seq.pdbx_strand_id 
_struct_ref_seq.seq_align_beg 
_struct_ref_seq.pdbx_seq_align_beg_ins_code 
_struct_ref_seq.seq_align_end 
_struct_ref_seq.pdbx_seq_align_end_ins_code 
_struct_ref_seq.pdbx_db_accession 
_struct_ref_seq.db_align_beg 
_struct_ref_seq.pdbx_db_align_beg_ins_code 
_struct_ref_seq.db_align_end 
_struct_ref_seq.pdbx_db_align_end_ins_code 
_struct_ref_seq.pdbx_auth_seq_align_beg 
_struct_ref_seq.pdbx_auth_seq_align_end 
1 1 4YN6 A 1 ? 19 ? 4YN6 1 ? 19 ? 1 19 
2 1 4YN6 B 1 ? 19 ? 4YN6 1 ? 19 ? 1 19 
# 
_pdbx_struct_assembly.id                   1 
_pdbx_struct_assembly.details              author_defined_assembly 
_pdbx_struct_assembly.method_details       ? 
_pdbx_struct_assembly.oligomeric_details   dimeric 
_pdbx_struct_assembly.oligomeric_count     2 
# 
loop_
_pdbx_struct_assembly_prop.biol_id 
_pdbx_struct_assembly_prop.type 
_pdbx_struct_assembly_prop.value 
_pdbx_struct_assembly_prop.details 
1 'ABSA (A^2)' 2370 ? 
1 MORE         -17  ? 
1 'SSA (A^2)'  6700 ? 
# 
_pdbx_struct_assembly_gen.assembly_id       1 
_pdbx_struct_assembly_gen.oper_expression   1 
_pdbx_struct_assembly_gen.asym_id_list      A,B,C,D,E,F 
# 
_pdbx_struct_oper_list.id                   1 
_pdbx_struct_oper_list.type                 'identity operation' 
_pdbx_struct_oper_list.name                 1_555 
_pdbx_struct_oper_list.symmetry_operation   x,y,z 
_pdbx_struct_oper_list.matrix[1][1]         1.0000000000 
_pdbx_struct_oper_list.matrix[1][2]         0.0000000000 
_pdbx_struct_oper_list.matrix[1][3]         0.0000000000 
_pdbx_struct_oper_list.vector[1]            0.0000000000 
_pdbx_struct_oper_list.matrix[2][1]         0.0000000000 
_pdbx_struct_oper_list.matrix[2][2]         1.0000000000 
_pdbx_struct_oper_list.matrix[2][3]         0.0000000000 
_pdbx_struct_oper_list.vector[2]            0.0000000000 
_pdbx_struct_oper_list.matrix[3][1]         0.0000000000 
_pdbx_struct_oper_list.matrix[3][2]         0.0000000000 
_pdbx_struct_oper_list.matrix[3][3]         1.0000000000 
_pdbx_struct_oper_list.vector[3]            0.0000000000 
# 
loop_
_struct_conn.id 
_struct_conn.conn_type_id 
_struct_conn.pdbx_leaving_atom_flag 
_struct_conn.pdbx_PDB_id 
_struct_conn.ptnr1_label_asym_id 
_struct_conn.ptnr1_label_comp_id 
_struct_conn.ptnr1_label_seq_id 
_struct_conn.ptnr1_label_atom_id 
_struct_conn.pdbx_ptnr1_label_alt_id 
_struct_conn.pdbx_ptnr1_PDB_ins_code 
_struct_conn.pdbx_ptnr1_standard_comp_id 
_struct_conn.ptnr1_symmetry 
_struct_conn.ptnr2_label_asym_id 
_struct_conn.ptnr2_label_comp_id 
_struct_conn.ptnr2_label_seq_id 
_struct_conn.ptnr2_label_atom_id 
_struct_conn.pdbx_ptnr2_label_alt_id 
_struct_conn.pdbx_ptnr2_PDB_ins_code 
_struct_conn.ptnr1_auth_asym_id 
_struct_conn.ptnr1_auth_comp_id 
_struct_conn.ptnr1_auth_seq_id 
_struct_conn.ptnr2_auth_asym_id 
_struct_conn.ptnr2_auth_comp_id 
_struct_conn.ptnr2_auth_seq_id 
_struct_conn.ptnr2_symmetry 
_struct_conn.pdbx_ptnr3_label_atom_id 
_struct_conn.pdbx_ptnr3_label_seq_id 
_struct_conn.pdbx_ptnr3_label_comp_id 
_struct_conn.pdbx_ptnr3_label_asym_id 
_struct_conn.pdbx_ptnr3_label_alt_id 
_struct_conn.pdbx_ptnr3_PDB_ins_code 
_struct_conn.details 
_struct_conn.pdbx_dist_value 
_struct_conn.pdbx_value_order 
_struct_conn.pdbx_role 
hydrog1  hydrog ? ? A G 3  N1 ? ? ? 1_555 B C 19 N3 ? ? A G 3  B C 19 1_555 ? ? ? ? ? ? WATSON-CRICK  ? ? ? 
hydrog2  hydrog ? ? A G 3  N2 ? ? ? 1_555 B C 19 O2 ? ? A G 3  B C 19 1_555 ? ? ? ? ? ? WATSON-CRICK  ? ? ? 
hydrog3  hydrog ? ? A G 3  O6 ? ? ? 1_555 B C 19 N4 ? ? A G 3  B C 19 1_555 ? ? ? ? ? ? WATSON-CRICK  ? ? ? 
hydrog4  hydrog ? ? A G 4  N1 ? ? ? 1_555 B C 18 N3 ? ? A G 4  B C 18 1_555 ? ? ? ? ? ? WATSON-CRICK  ? ? ? 
hydrog5  hydrog ? ? A G 4  N2 ? ? ? 1_555 B C 18 O2 ? ? A G 4  B C 18 1_555 ? ? ? ? ? ? WATSON-CRICK  ? ? ? 
hydrog6  hydrog ? ? A G 4  O6 ? ? ? 1_555 B C 18 N4 ? ? A G 4  B C 18 1_555 ? ? ? ? ? ? WATSON-CRICK  ? ? ? 
hydrog7  hydrog ? ? A G 5  N1 ? ? ? 1_555 B U 17 O2 ? ? A G 5  B U 17 1_555 ? ? ? ? ? ? TYPE_28_PAIR  ? ? ? 
hydrog8  hydrog ? ? A G 5  O6 ? ? ? 1_555 B U 17 N3 ? ? A G 5  B U 17 1_555 ? ? ? ? ? ? TYPE_28_PAIR  ? ? ? 
hydrog9  hydrog ? ? A C 6  N3 ? ? ? 1_555 B G 16 N1 ? ? A C 6  B G 16 1_555 ? ? ? ? ? ? WATSON-CRICK  ? ? ? 
hydrog10 hydrog ? ? A C 6  N4 ? ? ? 1_555 B G 16 O6 ? ? A C 6  B G 16 1_555 ? ? ? ? ? ? WATSON-CRICK  ? ? ? 
hydrog11 hydrog ? ? A C 6  O2 ? ? ? 1_555 B G 16 N2 ? ? A C 6  B G 16 1_555 ? ? ? ? ? ? WATSON-CRICK  ? ? ? 
hydrog12 hydrog ? ? A C 7  N3 ? ? ? 1_555 B G 15 N1 ? ? A C 7  B G 15 1_555 ? ? ? ? ? ? WATSON-CRICK  ? ? ? 
hydrog13 hydrog ? ? A C 7  N4 ? ? ? 1_555 B G 15 O6 ? ? A C 7  B G 15 1_555 ? ? ? ? ? ? WATSON-CRICK  ? ? ? 
hydrog14 hydrog ? ? A C 7  O2 ? ? ? 1_555 B G 15 N2 ? ? A C 7  B G 15 1_555 ? ? ? ? ? ? WATSON-CRICK  ? ? ? 
hydrog15 hydrog ? ? A G 9  N1 ? ? ? 1_555 B C 13 N3 ? ? A G 9  B C 13 1_555 ? ? ? ? ? ? WATSON-CRICK  ? ? ? 
hydrog16 hydrog ? ? A G 9  N2 ? ? ? 1_555 B C 13 O2 ? ? A G 9  B C 13 1_555 ? ? ? ? ? ? WATSON-CRICK  ? ? ? 
hydrog17 hydrog ? ? A G 9  O6 ? ? ? 1_555 B C 13 N4 ? ? A G 9  B C 13 1_555 ? ? ? ? ? ? WATSON-CRICK  ? ? ? 
hydrog18 hydrog ? ? A C 10 N3 ? ? ? 1_555 B G 12 N1 ? ? A C 10 B G 12 1_555 ? ? ? ? ? ? WATSON-CRICK  ? ? ? 
hydrog19 hydrog ? ? A C 10 N4 ? ? ? 1_555 B G 12 O6 ? ? A C 10 B G 12 1_555 ? ? ? ? ? ? WATSON-CRICK  ? ? ? 
hydrog20 hydrog ? ? A C 10 O2 ? ? ? 1_555 B G 12 N2 ? ? A C 10 B G 12 1_555 ? ? ? ? ? ? WATSON-CRICK  ? ? ? 
hydrog21 hydrog ? ? A G 12 N1 ? ? ? 1_555 B C 10 N3 ? ? A G 12 B C 10 1_555 ? ? ? ? ? ? WATSON-CRICK  ? ? ? 
hydrog22 hydrog ? ? A G 12 N2 ? ? ? 1_555 B C 10 O2 ? ? A G 12 B C 10 1_555 ? ? ? ? ? ? WATSON-CRICK  ? ? ? 
hydrog23 hydrog ? ? A G 12 O6 ? ? ? 1_555 B C 10 N4 ? ? A G 12 B C 10 1_555 ? ? ? ? ? ? WATSON-CRICK  ? ? ? 
hydrog24 hydrog ? ? A C 13 N3 ? ? ? 1_555 B G 9  N1 ? ? A C 13 B G 9  1_555 ? ? ? ? ? ? WATSON-CRICK  ? ? ? 
hydrog25 hydrog ? ? A C 13 N4 ? ? ? 1_555 B G 9  O6 ? ? A C 13 B G 9  1_555 ? ? ? ? ? ? WATSON-CRICK  ? ? ? 
hydrog26 hydrog ? ? A C 13 O2 ? ? ? 1_555 B G 9  N2 ? ? A C 13 B G 9  1_555 ? ? ? ? ? ? WATSON-CRICK  ? ? ? 
hydrog27 hydrog ? ? A A 14 N6 ? ? ? 1_555 B A 8  N1 ? ? A A 14 B A 8  1_555 ? ? ? ? ? ? 'A-A MISPAIR' ? ? ? 
hydrog28 hydrog ? ? A G 15 N1 ? ? ? 1_555 B C 7  N3 ? ? A G 15 B C 7  1_555 ? ? ? ? ? ? WATSON-CRICK  ? ? ? 
hydrog29 hydrog ? ? A G 15 N2 ? ? ? 1_555 B C 7  O2 ? ? A G 15 B C 7  1_555 ? ? ? ? ? ? WATSON-CRICK  ? ? ? 
hydrog30 hydrog ? ? A G 15 O6 ? ? ? 1_555 B C 7  N4 ? ? A G 15 B C 7  1_555 ? ? ? ? ? ? WATSON-CRICK  ? ? ? 
hydrog31 hydrog ? ? A G 16 N1 ? ? ? 1_555 B C 6  N3 ? ? A G 16 B C 6  1_555 ? ? ? ? ? ? WATSON-CRICK  ? ? ? 
hydrog32 hydrog ? ? A G 16 N2 ? ? ? 1_555 B C 6  O2 ? ? A G 16 B C 6  1_555 ? ? ? ? ? ? WATSON-CRICK  ? ? ? 
hydrog33 hydrog ? ? A G 16 O6 ? ? ? 1_555 B C 6  N4 ? ? A G 16 B C 6  1_555 ? ? ? ? ? ? WATSON-CRICK  ? ? ? 
hydrog34 hydrog ? ? A U 17 N3 ? ? ? 1_555 B G 5  O6 ? ? A U 17 B G 5  1_555 ? ? ? ? ? ? TYPE_28_PAIR  ? ? ? 
hydrog35 hydrog ? ? A U 17 O2 ? ? ? 1_555 B G 5  N1 ? ? A U 17 B G 5  1_555 ? ? ? ? ? ? TYPE_28_PAIR  ? ? ? 
hydrog36 hydrog ? ? A C 18 N3 ? ? ? 1_555 B G 4  N1 ? ? A C 18 B G 4  1_555 ? ? ? ? ? ? WATSON-CRICK  ? ? ? 
hydrog37 hydrog ? ? A C 18 N4 ? ? ? 1_555 B G 4  O6 ? ? A C 18 B G 4  1_555 ? ? ? ? ? ? WATSON-CRICK  ? ? ? 
hydrog38 hydrog ? ? A C 18 O2 ? ? ? 1_555 B G 4  N2 ? ? A C 18 B G 4  1_555 ? ? ? ? ? ? WATSON-CRICK  ? ? ? 
hydrog39 hydrog ? ? A C 19 N3 ? ? ? 1_555 B G 3  N1 ? ? A C 19 B G 3  1_555 ? ? ? ? ? ? WATSON-CRICK  ? ? ? 
hydrog40 hydrog ? ? A C 19 N4 ? ? ? 1_555 B G 3  O6 ? ? A C 19 B G 3  1_555 ? ? ? ? ? ? WATSON-CRICK  ? ? ? 
hydrog41 hydrog ? ? A C 19 O2 ? ? ? 1_555 B G 3  N2 ? ? A C 19 B G 3  1_555 ? ? ? ? ? ? WATSON-CRICK  ? ? ? 
# 
_struct_conn_type.id          hydrog 
_struct_conn_type.criteria    ? 
_struct_conn_type.reference   ? 
# 
loop_
_struct_site.id 
_struct_site.pdbx_evidence_code 
_struct_site.pdbx_auth_asym_id 
_struct_site.pdbx_auth_comp_id 
_struct_site.pdbx_auth_seq_id 
_struct_site.pdbx_auth_ins_code 
_struct_site.pdbx_num_residues 
_struct_site.details 
AC1 Software A PO4 101 ? 6 'binding site for residue PO4 A 101' 
AC2 Software B PO4 101 ? 7 'binding site for residue PO4 B 101' 
# 
loop_
_struct_site_gen.id 
_struct_site_gen.site_id 
_struct_site_gen.pdbx_num_res 
_struct_site_gen.label_comp_id 
_struct_site_gen.label_asym_id 
_struct_site_gen.label_seq_id 
_struct_site_gen.pdbx_auth_ins_code 
_struct_site_gen.auth_comp_id 
_struct_site_gen.auth_asym_id 
_struct_site_gen.auth_seq_id 
_struct_site_gen.label_atom_id 
_struct_site_gen.label_alt_id 
_struct_site_gen.symmetry 
_struct_site_gen.details 
1  AC1 6 G   A 5 ? G   A 5   . ? 3_555 ? 
2  AC1 6 G   A 5 ? G   A 5   . ? 2_555 ? 
3  AC1 6 C   A 6 ? C   A 6   . ? 1_555 ? 
4  AC1 6 C   A 6 ? C   A 6   . ? 3_555 ? 
5  AC1 6 C   A 6 ? C   A 6   . ? 2_555 ? 
6  AC1 6 HOH E . ? HOH A 203 . ? 2_555 ? 
7  AC2 7 G   B 5 ? G   B 5   . ? 3_555 ? 
8  AC2 7 G   B 5 ? G   B 5   . ? 1_555 ? 
9  AC2 7 C   B 6 ? C   B 6   . ? 1_555 ? 
10 AC2 7 C   B 6 ? C   B 6   . ? 2_555 ? 
11 AC2 7 C   B 6 ? C   B 6   . ? 3_555 ? 
12 AC2 7 HOH F . ? HOH B 207 . ? 3_555 ? 
13 AC2 7 HOH F . ? HOH B 207 . ? 2_555 ? 
# 
_pdbx_validate_close_contact.id               1 
_pdbx_validate_close_contact.PDB_model_num    1 
_pdbx_validate_close_contact.auth_atom_id_1   "O2'" 
_pdbx_validate_close_contact.auth_asym_id_1   B 
_pdbx_validate_close_contact.auth_comp_id_1   U 
_pdbx_validate_close_contact.auth_seq_id_1    1 
_pdbx_validate_close_contact.PDB_ins_code_1   ? 
_pdbx_validate_close_contact.label_alt_id_1   ? 
_pdbx_validate_close_contact.auth_atom_id_2   O 
_pdbx_validate_close_contact.auth_asym_id_2   B 
_pdbx_validate_close_contact.auth_comp_id_2   HOH 
_pdbx_validate_close_contact.auth_seq_id_2    201 
_pdbx_validate_close_contact.PDB_ins_code_2   ? 
_pdbx_validate_close_contact.label_alt_id_2   ? 
_pdbx_validate_close_contact.dist             1.98 
# 
loop_
_pdbx_validate_rmsd_angle.id 
_pdbx_validate_rmsd_angle.PDB_model_num 
_pdbx_validate_rmsd_angle.auth_atom_id_1 
_pdbx_validate_rmsd_angle.auth_asym_id_1 
_pdbx_validate_rmsd_angle.auth_comp_id_1 
_pdbx_validate_rmsd_angle.auth_seq_id_1 
_pdbx_validate_rmsd_angle.PDB_ins_code_1 
_pdbx_validate_rmsd_angle.label_alt_id_1 
_pdbx_validate_rmsd_angle.auth_atom_id_2 
_pdbx_validate_rmsd_angle.auth_asym_id_2 
_pdbx_validate_rmsd_angle.auth_comp_id_2 
_pdbx_validate_rmsd_angle.auth_seq_id_2 
_pdbx_validate_rmsd_angle.PDB_ins_code_2 
_pdbx_validate_rmsd_angle.label_alt_id_2 
_pdbx_validate_rmsd_angle.auth_atom_id_3 
_pdbx_validate_rmsd_angle.auth_asym_id_3 
_pdbx_validate_rmsd_angle.auth_comp_id_3 
_pdbx_validate_rmsd_angle.auth_seq_id_3 
_pdbx_validate_rmsd_angle.PDB_ins_code_3 
_pdbx_validate_rmsd_angle.label_alt_id_3 
_pdbx_validate_rmsd_angle.angle_value 
_pdbx_validate_rmsd_angle.angle_target_value 
_pdbx_validate_rmsd_angle.angle_deviation 
_pdbx_validate_rmsd_angle.angle_standard_deviation 
_pdbx_validate_rmsd_angle.linker_flag 
1 1 "O3'" B U 1 ? ? P B U 2 ? ? OP2 B U 2 ? ? 79.29  105.20 -25.91 2.20 Y 
2 1 "O3'" B U 1 ? ? P B U 2 ? ? OP1 B U 2 ? ? 87.06  105.20 -18.14 2.20 Y 
3 1 OP1   B U 2 ? ? P B U 2 ? ? OP2 B U 2 ? ? 131.49 119.60 11.89  1.50 N 
# 
loop_
_pdbx_struct_special_symmetry.id 
_pdbx_struct_special_symmetry.PDB_model_num 
_pdbx_struct_special_symmetry.auth_asym_id 
_pdbx_struct_special_symmetry.auth_comp_id 
_pdbx_struct_special_symmetry.auth_seq_id 
_pdbx_struct_special_symmetry.PDB_ins_code 
_pdbx_struct_special_symmetry.label_asym_id 
_pdbx_struct_special_symmetry.label_comp_id 
_pdbx_struct_special_symmetry.label_seq_id 
1 1 A PO4 101 ? C PO4 . 
2 1 B PO4 101 ? D PO4 . 
3 1 A HOH 212 ? E HOH . 
4 1 A HOH 214 ? E HOH . 
5 1 A HOH 221 ? E HOH . 
6 1 B HOH 211 ? F HOH . 
7 1 B HOH 217 ? F HOH . 
# 
loop_
_chem_comp_atom.comp_id 
_chem_comp_atom.atom_id 
_chem_comp_atom.type_symbol 
_chem_comp_atom.pdbx_aromatic_flag 
_chem_comp_atom.pdbx_stereo_config 
_chem_comp_atom.pdbx_ordinal 
A   OP3    O N N 1   
A   P      P N N 2   
A   OP1    O N N 3   
A   OP2    O N N 4   
A   "O5'"  O N N 5   
A   "C5'"  C N N 6   
A   "C4'"  C N R 7   
A   "O4'"  O N N 8   
A   "C3'"  C N S 9   
A   "O3'"  O N N 10  
A   "C2'"  C N R 11  
A   "O2'"  O N N 12  
A   "C1'"  C N R 13  
A   N9     N Y N 14  
A   C8     C Y N 15  
A   N7     N Y N 16  
A   C5     C Y N 17  
A   C6     C Y N 18  
A   N6     N N N 19  
A   N1     N Y N 20  
A   C2     C Y N 21  
A   N3     N Y N 22  
A   C4     C Y N 23  
A   HOP3   H N N 24  
A   HOP2   H N N 25  
A   "H5'"  H N N 26  
A   "H5''" H N N 27  
A   "H4'"  H N N 28  
A   "H3'"  H N N 29  
A   "HO3'" H N N 30  
A   "H2'"  H N N 31  
A   "HO2'" H N N 32  
A   "H1'"  H N N 33  
A   H8     H N N 34  
A   H61    H N N 35  
A   H62    H N N 36  
A   H2     H N N 37  
C   OP3    O N N 38  
C   P      P N N 39  
C   OP1    O N N 40  
C   OP2    O N N 41  
C   "O5'"  O N N 42  
C   "C5'"  C N N 43  
C   "C4'"  C N R 44  
C   "O4'"  O N N 45  
C   "C3'"  C N S 46  
C   "O3'"  O N N 47  
C   "C2'"  C N R 48  
C   "O2'"  O N N 49  
C   "C1'"  C N R 50  
C   N1     N N N 51  
C   C2     C N N 52  
C   O2     O N N 53  
C   N3     N N N 54  
C   C4     C N N 55  
C   N4     N N N 56  
C   C5     C N N 57  
C   C6     C N N 58  
C   HOP3   H N N 59  
C   HOP2   H N N 60  
C   "H5'"  H N N 61  
C   "H5''" H N N 62  
C   "H4'"  H N N 63  
C   "H3'"  H N N 64  
C   "HO3'" H N N 65  
C   "H2'"  H N N 66  
C   "HO2'" H N N 67  
C   "H1'"  H N N 68  
C   H41    H N N 69  
C   H42    H N N 70  
C   H5     H N N 71  
C   H6     H N N 72  
G   OP3    O N N 73  
G   P      P N N 74  
G   OP1    O N N 75  
G   OP2    O N N 76  
G   "O5'"  O N N 77  
G   "C5'"  C N N 78  
G   "C4'"  C N R 79  
G   "O4'"  O N N 80  
G   "C3'"  C N S 81  
G   "O3'"  O N N 82  
G   "C2'"  C N R 83  
G   "O2'"  O N N 84  
G   "C1'"  C N R 85  
G   N9     N Y N 86  
G   C8     C Y N 87  
G   N7     N Y N 88  
G   C5     C Y N 89  
G   C6     C N N 90  
G   O6     O N N 91  
G   N1     N N N 92  
G   C2     C N N 93  
G   N2     N N N 94  
G   N3     N N N 95  
G   C4     C Y N 96  
G   HOP3   H N N 97  
G   HOP2   H N N 98  
G   "H5'"  H N N 99  
G   "H5''" H N N 100 
G   "H4'"  H N N 101 
G   "H3'"  H N N 102 
G   "HO3'" H N N 103 
G   "H2'"  H N N 104 
G   "HO2'" H N N 105 
G   "H1'"  H N N 106 
G   H8     H N N 107 
G   H1     H N N 108 
G   H21    H N N 109 
G   H22    H N N 110 
HOH O      O N N 111 
HOH H1     H N N 112 
HOH H2     H N N 113 
PO4 P      P N N 114 
PO4 O1     O N N 115 
PO4 O2     O N N 116 
PO4 O3     O N N 117 
PO4 O4     O N N 118 
U   OP3    O N N 119 
U   P      P N N 120 
U   OP1    O N N 121 
U   OP2    O N N 122 
U   "O5'"  O N N 123 
U   "C5'"  C N N 124 
U   "C4'"  C N R 125 
U   "O4'"  O N N 126 
U   "C3'"  C N S 127 
U   "O3'"  O N N 128 
U   "C2'"  C N R 129 
U   "O2'"  O N N 130 
U   "C1'"  C N R 131 
U   N1     N N N 132 
U   C2     C N N 133 
U   O2     O N N 134 
U   N3     N N N 135 
U   C4     C N N 136 
U   O4     O N N 137 
U   C5     C N N 138 
U   C6     C N N 139 
U   HOP3   H N N 140 
U   HOP2   H N N 141 
U   "H5'"  H N N 142 
U   "H5''" H N N 143 
U   "H4'"  H N N 144 
U   "H3'"  H N N 145 
U   "HO3'" H N N 146 
U   "H2'"  H N N 147 
U   "HO2'" H N N 148 
U   "H1'"  H N N 149 
U   H3     H N N 150 
U   H5     H N N 151 
U   H6     H N N 152 
# 
loop_
_chem_comp_bond.comp_id 
_chem_comp_bond.atom_id_1 
_chem_comp_bond.atom_id_2 
_chem_comp_bond.value_order 
_chem_comp_bond.pdbx_aromatic_flag 
_chem_comp_bond.pdbx_stereo_config 
_chem_comp_bond.pdbx_ordinal 
A   OP3   P      sing N N 1   
A   OP3   HOP3   sing N N 2   
A   P     OP1    doub N N 3   
A   P     OP2    sing N N 4   
A   P     "O5'"  sing N N 5   
A   OP2   HOP2   sing N N 6   
A   "O5'" "C5'"  sing N N 7   
A   "C5'" "C4'"  sing N N 8   
A   "C5'" "H5'"  sing N N 9   
A   "C5'" "H5''" sing N N 10  
A   "C4'" "O4'"  sing N N 11  
A   "C4'" "C3'"  sing N N 12  
A   "C4'" "H4'"  sing N N 13  
A   "O4'" "C1'"  sing N N 14  
A   "C3'" "O3'"  sing N N 15  
A   "C3'" "C2'"  sing N N 16  
A   "C3'" "H3'"  sing N N 17  
A   "O3'" "HO3'" sing N N 18  
A   "C2'" "O2'"  sing N N 19  
A   "C2'" "C1'"  sing N N 20  
A   "C2'" "H2'"  sing N N 21  
A   "O2'" "HO2'" sing N N 22  
A   "C1'" N9     sing N N 23  
A   "C1'" "H1'"  sing N N 24  
A   N9    C8     sing Y N 25  
A   N9    C4     sing Y N 26  
A   C8    N7     doub Y N 27  
A   C8    H8     sing N N 28  
A   N7    C5     sing Y N 29  
A   C5    C6     sing Y N 30  
A   C5    C4     doub Y N 31  
A   C6    N6     sing N N 32  
A   C6    N1     doub Y N 33  
A   N6    H61    sing N N 34  
A   N6    H62    sing N N 35  
A   N1    C2     sing Y N 36  
A   C2    N3     doub Y N 37  
A   C2    H2     sing N N 38  
A   N3    C4     sing Y N 39  
C   OP3   P      sing N N 40  
C   OP3   HOP3   sing N N 41  
C   P     OP1    doub N N 42  
C   P     OP2    sing N N 43  
C   P     "O5'"  sing N N 44  
C   OP2   HOP2   sing N N 45  
C   "O5'" "C5'"  sing N N 46  
C   "C5'" "C4'"  sing N N 47  
C   "C5'" "H5'"  sing N N 48  
C   "C5'" "H5''" sing N N 49  
C   "C4'" "O4'"  sing N N 50  
C   "C4'" "C3'"  sing N N 51  
C   "C4'" "H4'"  sing N N 52  
C   "O4'" "C1'"  sing N N 53  
C   "C3'" "O3'"  sing N N 54  
C   "C3'" "C2'"  sing N N 55  
C   "C3'" "H3'"  sing N N 56  
C   "O3'" "HO3'" sing N N 57  
C   "C2'" "O2'"  sing N N 58  
C   "C2'" "C1'"  sing N N 59  
C   "C2'" "H2'"  sing N N 60  
C   "O2'" "HO2'" sing N N 61  
C   "C1'" N1     sing N N 62  
C   "C1'" "H1'"  sing N N 63  
C   N1    C2     sing N N 64  
C   N1    C6     sing N N 65  
C   C2    O2     doub N N 66  
C   C2    N3     sing N N 67  
C   N3    C4     doub N N 68  
C   C4    N4     sing N N 69  
C   C4    C5     sing N N 70  
C   N4    H41    sing N N 71  
C   N4    H42    sing N N 72  
C   C5    C6     doub N N 73  
C   C5    H5     sing N N 74  
C   C6    H6     sing N N 75  
G   OP3   P      sing N N 76  
G   OP3   HOP3   sing N N 77  
G   P     OP1    doub N N 78  
G   P     OP2    sing N N 79  
G   P     "O5'"  sing N N 80  
G   OP2   HOP2   sing N N 81  
G   "O5'" "C5'"  sing N N 82  
G   "C5'" "C4'"  sing N N 83  
G   "C5'" "H5'"  sing N N 84  
G   "C5'" "H5''" sing N N 85  
G   "C4'" "O4'"  sing N N 86  
G   "C4'" "C3'"  sing N N 87  
G   "C4'" "H4'"  sing N N 88  
G   "O4'" "C1'"  sing N N 89  
G   "C3'" "O3'"  sing N N 90  
G   "C3'" "C2'"  sing N N 91  
G   "C3'" "H3'"  sing N N 92  
G   "O3'" "HO3'" sing N N 93  
G   "C2'" "O2'"  sing N N 94  
G   "C2'" "C1'"  sing N N 95  
G   "C2'" "H2'"  sing N N 96  
G   "O2'" "HO2'" sing N N 97  
G   "C1'" N9     sing N N 98  
G   "C1'" "H1'"  sing N N 99  
G   N9    C8     sing Y N 100 
G   N9    C4     sing Y N 101 
G   C8    N7     doub Y N 102 
G   C8    H8     sing N N 103 
G   N7    C5     sing Y N 104 
G   C5    C6     sing N N 105 
G   C5    C4     doub Y N 106 
G   C6    O6     doub N N 107 
G   C6    N1     sing N N 108 
G   N1    C2     sing N N 109 
G   N1    H1     sing N N 110 
G   C2    N2     sing N N 111 
G   C2    N3     doub N N 112 
G   N2    H21    sing N N 113 
G   N2    H22    sing N N 114 
G   N3    C4     sing N N 115 
HOH O     H1     sing N N 116 
HOH O     H2     sing N N 117 
PO4 P     O1     doub N N 118 
PO4 P     O2     sing N N 119 
PO4 P     O3     sing N N 120 
PO4 P     O4     sing N N 121 
U   OP3   P      sing N N 122 
U   OP3   HOP3   sing N N 123 
U   P     OP1    doub N N 124 
U   P     OP2    sing N N 125 
U   P     "O5'"  sing N N 126 
U   OP2   HOP2   sing N N 127 
U   "O5'" "C5'"  sing N N 128 
U   "C5'" "C4'"  sing N N 129 
U   "C5'" "H5'"  sing N N 130 
U   "C5'" "H5''" sing N N 131 
U   "C4'" "O4'"  sing N N 132 
U   "C4'" "C3'"  sing N N 133 
U   "C4'" "H4'"  sing N N 134 
U   "O4'" "C1'"  sing N N 135 
U   "C3'" "O3'"  sing N N 136 
U   "C3'" "C2'"  sing N N 137 
U   "C3'" "H3'"  sing N N 138 
U   "O3'" "HO3'" sing N N 139 
U   "C2'" "O2'"  sing N N 140 
U   "C2'" "C1'"  sing N N 141 
U   "C2'" "H2'"  sing N N 142 
U   "O2'" "HO2'" sing N N 143 
U   "C1'" N1     sing N N 144 
U   "C1'" "H1'"  sing N N 145 
U   N1    C2     sing N N 146 
U   N1    C6     sing N N 147 
U   C2    O2     doub N N 148 
U   C2    N3     sing N N 149 
U   N3    C4     sing N N 150 
U   N3    H3     sing N N 151 
U   C4    O4     doub N N 152 
U   C4    C5     sing N N 153 
U   C5    C6     doub N N 154 
U   C5    H5     sing N N 155 
U   C6    H6     sing N N 156 
# 
loop_
_ndb_struct_conf_na.entry_id 
_ndb_struct_conf_na.feature 
4YN6 'double helix'        
4YN6 'a-form double helix' 
# 
loop_
_ndb_struct_na_base_pair.model_number 
_ndb_struct_na_base_pair.i_label_asym_id 
_ndb_struct_na_base_pair.i_label_comp_id 
_ndb_struct_na_base_pair.i_label_seq_id 
_ndb_struct_na_base_pair.i_symmetry 
_ndb_struct_na_base_pair.j_label_asym_id 
_ndb_struct_na_base_pair.j_label_comp_id 
_ndb_struct_na_base_pair.j_label_seq_id 
_ndb_struct_na_base_pair.j_symmetry 
_ndb_struct_na_base_pair.shear 
_ndb_struct_na_base_pair.stretch 
_ndb_struct_na_base_pair.stagger 
_ndb_struct_na_base_pair.buckle 
_ndb_struct_na_base_pair.propeller 
_ndb_struct_na_base_pair.opening 
_ndb_struct_na_base_pair.pair_number 
_ndb_struct_na_base_pair.pair_name 
_ndb_struct_na_base_pair.i_auth_asym_id 
_ndb_struct_na_base_pair.i_auth_seq_id 
_ndb_struct_na_base_pair.i_PDB_ins_code 
_ndb_struct_na_base_pair.j_auth_asym_id 
_ndb_struct_na_base_pair.j_auth_seq_id 
_ndb_struct_na_base_pair.j_PDB_ins_code 
_ndb_struct_na_base_pair.hbond_type_28 
_ndb_struct_na_base_pair.hbond_type_12 
1 A G 3  1_555 B C 19 1_555 -0.147 -0.240 -0.201 -4.035 -0.358  -1.961 1  A_G3:C19_B  A 3  ? B 19 ? 19 1 
1 A G 4  1_555 B C 18 1_555 -0.496 -0.192 -0.212 -9.637 -16.020 5.403  2  A_G4:C18_B  A 4  ? B 18 ? 19 1 
1 A G 5  1_555 B U 17 1_555 -2.211 -0.643 0.072  0.530  -5.598  -0.435 3  A_G5:U17_B  A 5  ? B 17 ? 28 1 
1 A C 6  1_555 B G 16 1_555 0.355  -0.170 -0.126 4.205  -9.798  -0.967 4  A_C6:G16_B  A 6  ? B 16 ? 19 1 
1 A C 7  1_555 B G 15 1_555 0.183  -0.202 0.103  -0.032 -11.247 1.591  5  A_C7:G15_B  A 7  ? B 15 ? 19 1 
1 A G 9  1_555 B C 13 1_555 -0.421 -0.025 0.341  0.419  -20.058 11.258 6  A_G9:C13_B  A 9  ? B 13 ? 19 1 
1 A C 10 1_555 B G 12 1_555 0.070  -0.023 0.135  2.406  -15.791 -4.680 7  A_C10:G12_B A 10 ? B 12 ? 19 1 
1 A G 12 1_555 B C 10 1_555 -0.583 -0.407 0.241  -2.197 -16.408 -5.975 8  A_G12:C10_B A 12 ? B 10 ? 19 1 
1 A C 13 1_555 B G 9  1_555 0.570  -0.065 0.197  0.731  -17.858 9.815  9  A_C13:G9_B  A 13 ? B 9  ? 19 1 
1 A A 14 1_555 B A 8  1_555 -1.969 -3.145 -0.495 7.102  10.841  81.775 10 A_A14:A8_B  A 14 ? B 8  ? ?  3 
1 A G 15 1_555 B C 7  1_555 -0.275 -0.168 0.017  -2.973 -13.231 1.823  11 A_G15:C7_B  A 15 ? B 7  ? 19 1 
1 A G 16 1_555 B C 6  1_555 -0.301 -0.062 0.008  -1.849 -7.933  -0.685 12 A_G16:C6_B  A 16 ? B 6  ? 19 1 
1 A U 17 1_555 B G 5  1_555 2.320  -0.636 0.165  0.149  -7.828  -1.177 13 A_U17:G5_B  A 17 ? B 5  ? 28 1 
1 A C 18 1_555 B G 4  1_555 0.553  -0.204 -0.312 10.968 -16.884 6.680  14 A_C18:G4_B  A 18 ? B 4  ? 19 1 
1 A C 19 1_555 B G 3  1_555 0.142  -0.172 -0.152 4.621  -2.498  -1.333 15 A_C19:G3_B  A 19 ? B 3  ? 19 1 
# 
loop_
_ndb_struct_na_base_pair_step.model_number 
_ndb_struct_na_base_pair_step.i_label_asym_id_1 
_ndb_struct_na_base_pair_step.i_label_comp_id_1 
_ndb_struct_na_base_pair_step.i_label_seq_id_1 
_ndb_struct_na_base_pair_step.i_symmetry_1 
_ndb_struct_na_base_pair_step.j_label_asym_id_1 
_ndb_struct_na_base_pair_step.j_label_comp_id_1 
_ndb_struct_na_base_pair_step.j_label_seq_id_1 
_ndb_struct_na_base_pair_step.j_symmetry_1 
_ndb_struct_na_base_pair_step.i_label_asym_id_2 
_ndb_struct_na_base_pair_step.i_label_comp_id_2 
_ndb_struct_na_base_pair_step.i_label_seq_id_2 
_ndb_struct_na_base_pair_step.i_symmetry_2 
_ndb_struct_na_base_pair_step.j_label_asym_id_2 
_ndb_struct_na_base_pair_step.j_label_comp_id_2 
_ndb_struct_na_base_pair_step.j_label_seq_id_2 
_ndb_struct_na_base_pair_step.j_symmetry_2 
_ndb_struct_na_base_pair_step.shift 
_ndb_struct_na_base_pair_step.slide 
_ndb_struct_na_base_pair_step.rise 
_ndb_struct_na_base_pair_step.tilt 
_ndb_struct_na_base_pair_step.roll 
_ndb_struct_na_base_pair_step.twist 
_ndb_struct_na_base_pair_step.x_displacement 
_ndb_struct_na_base_pair_step.y_displacement 
_ndb_struct_na_base_pair_step.helical_rise 
_ndb_struct_na_base_pair_step.inclination 
_ndb_struct_na_base_pair_step.tip 
_ndb_struct_na_base_pair_step.helical_twist 
_ndb_struct_na_base_pair_step.step_number 
_ndb_struct_na_base_pair_step.step_name 
_ndb_struct_na_base_pair_step.i_auth_asym_id_1 
_ndb_struct_na_base_pair_step.i_auth_seq_id_1 
_ndb_struct_na_base_pair_step.i_PDB_ins_code_1 
_ndb_struct_na_base_pair_step.j_auth_asym_id_1 
_ndb_struct_na_base_pair_step.j_auth_seq_id_1 
_ndb_struct_na_base_pair_step.j_PDB_ins_code_1 
_ndb_struct_na_base_pair_step.i_auth_asym_id_2 
_ndb_struct_na_base_pair_step.i_auth_seq_id_2 
_ndb_struct_na_base_pair_step.i_PDB_ins_code_2 
_ndb_struct_na_base_pair_step.j_auth_asym_id_2 
_ndb_struct_na_base_pair_step.j_auth_seq_id_2 
_ndb_struct_na_base_pair_step.j_PDB_ins_code_2 
1 A G 3  1_555 B C 19 1_555 A G 4  1_555 B C 18 1_555 0.452  -1.822 3.398  0.090   7.930    29.990   -4.890 -0.829 2.836  14.997  
-0.171  30.997   1  AA_G3G4:C18C19_BB  A 3  ? B 19 ? A 4  ? B 18 ? 
1 A G 4  1_555 B C 18 1_555 A G 5  1_555 B U 17 1_555 -0.590 -1.824 2.834  -6.328  5.299    26.219   -4.929 -0.057 2.495  11.329  
13.530  27.466   2  AA_G4G5:U17C18_BB  A 4  ? B 18 ? A 5  ? B 17 ? 
1 A G 5  1_555 B U 17 1_555 A C 6  1_555 B G 16 1_555 0.082  -1.452 3.114  0.157   8.981    39.367   -3.022 -0.102 2.732  13.125  
-0.229  40.339   3  AA_G5C6:G16U17_BB  A 5  ? B 17 ? A 6  ? B 16 ? 
1 A C 6  1_555 B G 16 1_555 A C 7  1_555 B G 15 1_555 0.638  -2.143 3.374  2.309   8.798    31.970   -5.155 -0.748 2.742  15.584  
-4.091  33.206   4  AA_C6C7:G15G16_BB  A 6  ? B 16 ? A 7  ? B 15 ? 
1 A C 7  1_555 B G 15 1_555 A G 9  1_555 B C 13 1_555 -0.373 -4.009 6.009  -2.764  14.468   51.479   -6.006 0.120  4.814  16.280  
3.110   53.407   5  AA_C7G9:C13G15_BB  A 7  ? B 15 ? A 9  ? B 13 ? 
1 A G 9  1_555 B C 13 1_555 A C 10 1_555 B G 12 1_555 -0.641 -1.462 3.171  -0.877  2.288    38.472   -2.486 0.866  3.096  3.468   
1.330   38.547   6  AA_G9C10:G12C13_BB A 9  ? B 13 ? A 10 ? B 12 ? 
1 A G 12 1_555 B C 10 1_555 A C 13 1_555 B G 9  1_555 0.897  -1.265 3.125  2.687   1.382    39.202   -2.038 -1.027 3.133  2.055   
-3.998  39.314   7  AA_G12C13:G9C10_BB A 12 ? B 10 ? A 13 ? B 9  ? 
1 A C 13 1_555 B G 9  1_555 A A 14 1_555 B A 8  1_555 0.573  3.133  -1.710 164.339 -38.028  -157.122 -1.604 0.124  -1.648 19.039  
82.278  -177.759 8  AA_C13A14:A8G9_BB  A 13 ? B 9  ? A 14 ? B 8  ? 
1 A A 14 1_555 B A 8  1_555 A G 15 1_555 B C 7  1_555 0.082  -3.746 -2.356 133.521 -108.410 109.645  -2.163 -0.396 -0.532 -54.665 
-67.327 175.388  9  AA_A14G15:C7A8_BB  A 14 ? B 8  ? A 15 ? B 7  ? 
1 A G 15 1_555 B C 7  1_555 A G 16 1_555 B C 6  1_555 -0.696 -2.107 3.176  -4.696  6.595    31.795   -4.781 0.488  2.767  11.801  
8.403   32.784   10 AA_G15G16:C6C7_BB  A 15 ? B 7  ? A 16 ? B 6  ? 
1 A G 16 1_555 B C 6  1_555 A U 17 1_555 B G 5  1_555 -0.110 -1.473 3.199  0.579   8.051    40.188   -2.929 0.216  2.863  11.575  
-0.833  40.958   11 AA_G16U17:G5C6_BB  A 16 ? B 6  ? A 17 ? B 5  ? 
1 A U 17 1_555 B G 5  1_555 A C 18 1_555 B G 4  1_555 0.613  -1.799 2.802  8.271   5.402    26.337   -4.763 0.356  2.467  11.360  
-17.394 28.098   12 AA_U17C18:G4G5_BB  A 17 ? B 5  ? A 18 ? B 4  ? 
1 A C 18 1_555 B G 4  1_555 A C 19 1_555 B G 3  1_555 -0.406 -1.757 3.451  -1.159  8.198    29.177   -4.992 0.547  2.876  15.874  
2.244   30.305   13 AA_C18C19:G3G4_BB  A 18 ? B 4  ? A 19 ? B 3  ? 
# 
_atom_sites.entry_id                    4YN6 
_atom_sites.fract_transf_matrix[1][1]   0.01660601 
_atom_sites.fract_transf_matrix[1][2]   -0.01811845 
_atom_sites.fract_transf_matrix[1][3]   -0.00490428 
_atom_sites.fract_transf_matrix[2][1]   -0.00314727 
_atom_sites.fract_transf_matrix[2][2]   -0.01481244 
_atom_sites.fract_transf_matrix[2][3]   -0.01996973 
_atom_sites.fract_transf_matrix[3][1]   0.00399093 
_atom_sites.fract_transf_matrix[3][2]   0.00478968 
_atom_sites.fract_transf_matrix[3][3]   -0.00418169 
_atom_sites.fract_transf_vector[1]      -0.262602 
_atom_sites.fract_transf_vector[2]      0.000640 
_atom_sites.fract_transf_vector[3]      0.000361 
# 
loop_
_atom_type.symbol 
C 
N 
O 
P 
# 
loop_
_atom_site.group_PDB 
_atom_site.id 
_atom_site.type_symbol 
_atom_site.label_atom_id 
_atom_site.label_alt_id 
_atom_site.label_comp_id 
_atom_site.label_asym_id 
_atom_site.label_entity_id 
_atom_site.label_seq_id 
_atom_site.pdbx_PDB_ins_code 
_atom_site.Cartn_x 
_atom_site.Cartn_y 
_atom_site.Cartn_z 
_atom_site.occupancy 
_atom_site.B_iso_or_equiv 
_atom_site.pdbx_formal_charge 
_atom_site.auth_seq_id 
_atom_site.auth_comp_id 
_atom_site.auth_asym_id 
_atom_site.auth_atom_id 
_atom_site.pdbx_PDB_model_num 
ATOM   1   P P     . U   A 1 1  ? -10.293 2.232   8.392   1.00 129.24 ? 1   U   A P     1 
ATOM   2   O OP1   . U   A 1 1  ? -11.461 1.761   9.193   1.00 118.69 ? 1   U   A OP1   1 
ATOM   3   O OP2   . U   A 1 1  ? -9.132  2.855   9.095   1.00 117.89 ? 1   U   A OP2   1 
ATOM   4   O "O5'" . U   A 1 1  ? -9.766  1.046   7.451   1.00 115.90 ? 1   U   A "O5'" 1 
ATOM   5   C "C5'" . U   A 1 1  ? -10.296 0.839   6.139   1.00 107.36 ? 1   U   A "C5'" 1 
ATOM   6   C "C4'" . U   A 1 1  ? -10.038 -0.563  5.621   1.00 104.38 ? 1   U   A "C4'" 1 
ATOM   7   O "O4'" . U   A 1 1  ? -8.663  -0.690  5.159   1.00 106.92 ? 1   U   A "O4'" 1 
ATOM   8   C "C3'" . U   A 1 1  ? -10.192 -1.682  6.642   1.00 98.35  ? 1   U   A "C3'" 1 
ATOM   9   O "O3'" . U   A 1 1  ? -11.538 -2.052  6.870   1.00 93.29  ? 1   U   A "O3'" 1 
ATOM   10  C "C2'" . U   A 1 1  ? -9.309  -2.786  6.068   1.00 94.71  ? 1   U   A "C2'" 1 
ATOM   11  O "O2'" . U   A 1 1  ? -9.953  -3.453  4.988   1.00 87.49  ? 1   U   A "O2'" 1 
ATOM   12  C "C1'" . U   A 1 1  ? -8.147  -1.961  5.515   1.00 99.19  ? 1   U   A "C1'" 1 
ATOM   13  N N1    . U   A 1 1  ? -7.083  -1.749  6.532   1.00 97.61  ? 1   U   A N1    1 
ATOM   14  C C2    . U   A 1 1  ? -6.300  -2.823  6.937   1.00 95.02  ? 1   U   A C2    1 
ATOM   15  O O2    . U   A 1 1  ? -6.442  -3.961  6.505   1.00 94.38  ? 1   U   A O2    1 
ATOM   16  N N3    . U   A 1 1  ? -5.339  -2.515  7.885   1.00 95.05  ? 1   U   A N3    1 
ATOM   17  C C4    . U   A 1 1  ? -5.073  -1.279  8.461   1.00 97.76  ? 1   U   A C4    1 
ATOM   18  O O4    . U   A 1 1  ? -4.168  -1.165  9.306   1.00 96.64  ? 1   U   A O4    1 
ATOM   19  C C5    . U   A 1 1  ? -5.923  -0.226  7.983   1.00 99.02  ? 1   U   A C5    1 
ATOM   20  C C6    . U   A 1 1  ? -6.864  -0.490  7.065   1.00 97.27  ? 1   U   A C6    1 
ATOM   21  P P     . U   A 1 2  ? -12.088 -2.154  8.379   1.00 99.79  ? 2   U   A P     1 
ATOM   22  O OP1   . U   A 1 2  ? -13.577 -2.208  8.343   1.00 93.45  ? 2   U   A OP1   1 
ATOM   23  O OP2   . U   A 1 2  ? -11.413 -1.131  9.229   1.00 92.89  ? 2   U   A OP2   1 
ATOM   24  O "O5'" . U   A 1 2  ? -11.546 -3.569  8.854   1.00 74.65  ? 2   U   A "O5'" 1 
ATOM   25  C "C5'" . U   A 1 2  ? -11.704 -4.723  8.043   1.00 69.57  ? 2   U   A "C5'" 1 
ATOM   26  C "C4'" . U   A 1 2  ? -11.164 -5.916  8.772   1.00 65.91  ? 2   U   A "C4'" 1 
ATOM   27  O "O4'" . U   A 1 2  ? -9.717  -5.955  8.613   1.00 65.58  ? 2   U   A "O4'" 1 
ATOM   28  C "C3'" . U   A 1 2  ? -11.372 -5.864  10.279  1.00 52.30  ? 2   U   A "C3'" 1 
ATOM   29  O "O3'" . U   A 1 2  ? -12.668 -6.283  10.676  1.00 54.51  ? 2   U   A "O3'" 1 
ATOM   30  C "C2'" . U   A 1 2  ? -10.228 -6.720  10.802  1.00 48.54  ? 2   U   A "C2'" 1 
ATOM   31  O "O2'" . U   A 1 2  ? -10.510 -8.104  10.621  1.00 47.59  ? 2   U   A "O2'" 1 
ATOM   32  C "C1'" . U   A 1 2  ? -9.106  -6.328  9.832   1.00 53.08  ? 2   U   A "C1'" 1 
ATOM   33  N N1    . U   A 1 2  ? -8.308  -5.177  10.329  1.00 55.46  ? 2   U   A N1    1 
ATOM   34  C C2    . U   A 1 2  ? -7.269  -5.434  11.227  1.00 49.77  ? 2   U   A C2    1 
ATOM   35  O O2    . U   A 1 2  ? -6.971  -6.548  11.629  1.00 47.69  ? 2   U   A O2    1 
ATOM   36  N N3    . U   A 1 2  ? -6.569  -4.328  11.655  1.00 53.46  ? 2   U   A N3    1 
ATOM   37  C C4    . U   A 1 2  ? -6.785  -3.008  11.298  1.00 61.60  ? 2   U   A C4    1 
ATOM   38  O O4    . U   A 1 2  ? -6.057  -2.138  11.786  1.00 57.40  ? 2   U   A O4    1 
ATOM   39  C C5    . U   A 1 2  ? -7.873  -2.813  10.374  1.00 63.88  ? 2   U   A C5    1 
ATOM   40  C C6    . U   A 1 2  ? -8.569  -3.872  9.927   1.00 61.69  ? 2   U   A C6    1 
ATOM   41  P P     . G   A 1 3  ? -13.655 -5.274  11.462  1.00 55.05  ? 3   G   A P     1 
ATOM   42  O OP1   . G   A 1 3  ? -14.945 -5.972  11.700  1.00 44.08  ? 3   G   A OP1   1 
ATOM   43  O OP2   . G   A 1 3  ? -13.674 -3.955  10.773  1.00 60.31  ? 3   G   A OP2   1 
ATOM   44  O "O5'" . G   A 1 3  ? -12.911 -5.050  12.851  1.00 46.34  ? 3   G   A "O5'" 1 
ATOM   45  C "C5'" . G   A 1 3  ? -13.603 -4.642  14.016  1.00 37.33  ? 3   G   A "C5'" 1 
ATOM   46  C "C4'" . G   A 1 3  ? -12.781 -5.017  15.212  1.00 37.85  ? 3   G   A "C4'" 1 
ATOM   47  O "O4'" . G   A 1 3  ? -13.238 -6.294  15.725  1.00 35.19  ? 3   G   A "O4'" 1 
ATOM   48  C "C3'" . G   A 1 3  ? -11.312 -5.240  14.887  1.00 33.22  ? 3   G   A "C3'" 1 
ATOM   49  O "O3'" . G   A 1 3  ? -10.569 -4.042  14.938  1.00 41.71  ? 3   G   A "O3'" 1 
ATOM   50  C "C2'" . G   A 1 3  ? -10.882 -6.237  15.936  1.00 32.38  ? 3   G   A "C2'" 1 
ATOM   51  O "O2'" . G   A 1 3  ? -10.657 -5.568  17.163  1.00 33.30  ? 3   G   A "O2'" 1 
ATOM   52  C "C1'" . G   A 1 3  ? -12.138 -7.101  16.061  1.00 34.13  ? 3   G   A "C1'" 1 
ATOM   53  N N9    . G   A 1 3  ? -12.117 -8.242  15.126  1.00 33.84  ? 3   G   A N9    1 
ATOM   54  C C8    . G   A 1 3  ? -12.896 -8.421  14.010  1.00 36.44  ? 3   G   A C8    1 
ATOM   55  N N7    . G   A 1 3  ? -12.654 -9.536  13.368  1.00 36.87  ? 3   G   A N7    1 
ATOM   56  C C5    . G   A 1 3  ? -11.634 -10.127 14.103  1.00 39.05  ? 3   G   A C5    1 
ATOM   57  C C6    . G   A 1 3  ? -10.936 -11.351 13.911  1.00 36.60  ? 3   G   A C6    1 
ATOM   58  O O6    . G   A 1 3  ? -11.090 -12.183 13.009  1.00 36.59  ? 3   G   A O6    1 
ATOM   59  N N1    . G   A 1 3  ? -9.970  -11.561 14.899  1.00 32.91  ? 3   G   A N1    1 
ATOM   60  C C2    . G   A 1 3  ? -9.711  -10.709 15.949  1.00 33.35  ? 3   G   A C2    1 
ATOM   61  N N2    . G   A 1 3  ? -8.740  -11.055 16.822  1.00 27.03  ? 3   G   A N2    1 
ATOM   62  N N3    . G   A 1 3  ? -10.368 -9.571  16.131  1.00 33.26  ? 3   G   A N3    1 
ATOM   63  C C4    . G   A 1 3  ? -11.292 -9.338  15.184  1.00 34.15  ? 3   G   A C4    1 
ATOM   64  P P     . G   A 1 4  ? -9.346  -3.798  13.928  1.00 34.31  ? 4   G   A P     1 
ATOM   65  O OP1   . G   A 1 4  ? -8.821  -2.446  14.218  1.00 41.96  ? 4   G   A OP1   1 
ATOM   66  O OP2   . G   A 1 4  ? -9.852  -4.160  12.585  1.00 41.24  ? 4   G   A OP2   1 
ATOM   67  O "O5'" . G   A 1 4  ? -8.229  -4.837  14.407  1.00 37.80  ? 4   G   A "O5'" 1 
ATOM   68  C "C5'" . G   A 1 4  ? -7.638  -4.705  15.693  1.00 34.42  ? 4   G   A "C5'" 1 
ATOM   69  C "C4'" . G   A 1 4  ? -6.816  -5.911  16.091  1.00 33.80  ? 4   G   A "C4'" 1 
ATOM   70  O "O4'" . G   A 1 4  ? -7.639  -7.108  16.150  1.00 33.31  ? 4   G   A "O4'" 1 
ATOM   71  C "C3'" . G   A 1 4  ? -5.670  -6.300  15.169  1.00 33.37  ? 4   G   A "C3'" 1 
ATOM   72  O "O3'" . G   A 1 4  ? -4.531  -5.464  15.341  1.00 34.70  ? 4   G   A "O3'" 1 
ATOM   73  C "C2'" . G   A 1 4  ? -5.430  -7.747  15.566  1.00 32.01  ? 4   G   A "C2'" 1 
ATOM   74  O "O2'" . G   A 1 4  ? -4.741  -7.812  16.803  1.00 32.26  ? 4   G   A "O2'" 1 
ATOM   75  C "C1'" . G   A 1 4  ? -6.868  -8.232  15.799  1.00 33.97  ? 4   G   A "C1'" 1 
ATOM   76  N N9    . G   A 1 4  ? -7.437  -8.818  14.574  1.00 32.90  ? 4   G   A N9    1 
ATOM   77  C C8    . G   A 1 4  ? -8.419  -8.282  13.773  1.00 38.14  ? 4   G   A C8    1 
ATOM   78  N N7    . G   A 1 4  ? -8.705  -9.029  12.740  1.00 37.82  ? 4   G   A N7    1 
ATOM   79  C C5    . G   A 1 4  ? -7.847  -10.119 12.866  1.00 34.18  ? 4   G   A C5    1 
ATOM   80  C C6    . G   A 1 4  ? -7.687  -11.254 12.030  1.00 32.32  ? 4   G   A C6    1 
ATOM   81  O O6    . G   A 1 4  ? -8.305  -11.537 10.976  1.00 33.18  ? 4   G   A O6    1 
ATOM   82  N N1    . G   A 1 4  ? -6.696  -12.102 12.527  1.00 30.09  ? 4   G   A N1    1 
ATOM   83  C C2    . G   A 1 4  ? -5.950  -11.898 13.669  1.00 33.03  ? 4   G   A C2    1 
ATOM   84  N N2    . G   A 1 4  ? -5.033  -12.840 13.980  1.00 32.01  ? 4   G   A N2    1 
ATOM   85  N N3    . G   A 1 4  ? -6.097  -10.835 14.456  1.00 32.78  ? 4   G   A N3    1 
ATOM   86  C C4    . G   A 1 4  ? -7.054  -9.996  13.990  1.00 31.27  ? 4   G   A C4    1 
ATOM   87  P P     . G   A 1 5  ? -3.559  -5.073  14.109  1.00 35.05  ? 5   G   A P     1 
ATOM   88  O OP1   . G   A 1 5  ? -2.726  -3.948  14.589  1.00 32.35  ? 5   G   A OP1   1 
ATOM   89  O OP2   . G   A 1 5  ? -4.331  -4.960  12.837  1.00 33.38  ? 5   G   A OP2   1 
ATOM   90  O "O5'" . G   A 1 5  ? -2.594  -6.345  13.960  1.00 36.92  ? 5   G   A "O5'" 1 
ATOM   91  C "C5'" . G   A 1 5  ? -1.853  -6.835  15.069  1.00 33.40  ? 5   G   A "C5'" 1 
ATOM   92  C "C4'" . G   A 1 5  ? -1.108  -8.110  14.730  1.00 34.66  ? 5   G   A "C4'" 1 
ATOM   93  O "O4'" . G   A 1 5  ? -2.008  -9.258  14.725  1.00 29.48  ? 5   G   A "O4'" 1 
ATOM   94  C "C3'" . G   A 1 5  ? -0.446  -8.165  13.365  1.00 31.00  ? 5   G   A "C3'" 1 
ATOM   95  O "O3'" . G   A 1 5  ? 0.762   -7.416  13.298  1.00 32.28  ? 5   G   A "O3'" 1 
ATOM   96  C "C2'" . G   A 1 5  ? -0.264  -9.667  13.164  1.00 29.01  ? 5   G   A "C2'" 1 
ATOM   97  O "O2'" . G   A 1 5  ? 0.806   -10.148 13.966  1.00 27.31  ? 5   G   A "O2'" 1 
ATOM   98  C "C1'" . G   A 1 5  ? -1.564  -10.204 13.766  1.00 31.49  ? 5   G   A "C1'" 1 
ATOM   99  N N9    . G   A 1 5  ? -2.604  -10.401 12.725  1.00 32.90  ? 5   G   A N9    1 
ATOM   100 C C8    . G   A 1 5  ? -3.673  -9.581  12.427  1.00 33.28  ? 5   G   A C8    1 
ATOM   101 N N7    . G   A 1 5  ? -4.403  -10.009 11.428  1.00 30.94  ? 5   G   A N7    1 
ATOM   102 C C5    . G   A 1 5  ? -3.792  -11.193 11.042  1.00 32.41  ? 5   G   A C5    1 
ATOM   103 C C6    . G   A 1 5  ? -4.131  -12.115 10.012  1.00 33.34  ? 5   G   A C6    1 
ATOM   104 O O6    . G   A 1 5  ? -5.074  -12.050 9.217   1.00 31.59  ? 5   G   A O6    1 
ATOM   105 N N1    . G   A 1 5  ? -3.244  -13.186 9.942   1.00 28.22  ? 5   G   A N1    1 
ATOM   106 C C2    . G   A 1 5  ? -2.157  -13.348 10.759  1.00 30.04  ? 5   G   A C2    1 
ATOM   107 N N2    . G   A 1 5  ? -1.391  -14.434 10.540  1.00 26.30  ? 5   G   A N2    1 
ATOM   108 N N3    . G   A 1 5  ? -1.835  -12.501 11.729  1.00 30.01  ? 5   G   A N3    1 
ATOM   109 C C4    . G   A 1 5  ? -2.681  -11.446 11.817  1.00 30.98  ? 5   G   A C4    1 
ATOM   110 P P     . C   A 1 6  ? 1.187   -6.657  11.935  1.00 32.22  ? 6   C   A P     1 
ATOM   111 O OP1   . C   A 1 6  ? 2.450   -5.956  12.233  1.00 32.43  ? 6   C   A OP1   1 
ATOM   112 O OP2   . C   A 1 6  ? 0.019   -5.921  11.393  1.00 38.19  ? 6   C   A OP2   1 
ATOM   113 O "O5'" . C   A 1 6  ? 1.472   -7.832  10.886  1.00 33.29  ? 6   C   A "O5'" 1 
ATOM   114 C "C5'" . C   A 1 6  ? 2.512   -8.771  11.128  1.00 31.09  ? 6   C   A "C5'" 1 
ATOM   115 C "C4'" . C   A 1 6  ? 2.482   -9.937  10.174  1.00 30.52  ? 6   C   A "C4'" 1 
ATOM   116 O "O4'" . C   A 1 6  ? 1.288   -10.742 10.396  1.00 30.69  ? 6   C   A "O4'" 1 
ATOM   117 C "C3'" . C   A 1 6  ? 2.417   -9.616  8.691   1.00 27.58  ? 6   C   A "C3'" 1 
ATOM   118 O "O3'" . C   A 1 6  ? 3.648   -9.205  8.126   1.00 29.95  ? 6   C   A "O3'" 1 
ATOM   119 C "C2'" . C   A 1 6  ? 1.903   -10.916 8.119   1.00 31.54  ? 6   C   A "C2'" 1 
ATOM   120 O "O2'" . C   A 1 6  ? 2.933   -11.898 8.118   1.00 32.82  ? 6   C   A "O2'" 1 
ATOM   121 C "C1'" . C   A 1 6  ? 0.866   -11.308 9.177   1.00 28.80  ? 6   C   A "C1'" 1 
ATOM   122 N N1    . C   A 1 6  ? -0.470  -10.779 8.822   1.00 29.79  ? 6   C   A N1    1 
ATOM   123 C C2    . C   A 1 6  ? -1.186  -11.479 7.842   1.00 32.38  ? 6   C   A C2    1 
ATOM   124 O O2    . C   A 1 6  ? -0.678  -12.506 7.362   1.00 31.18  ? 6   C   A O2    1 
ATOM   125 N N3    . C   A 1 6  ? -2.406  -11.039 7.446   1.00 32.96  ? 6   C   A N3    1 
ATOM   126 C C4    . C   A 1 6  ? -2.914  -9.923  7.983   1.00 32.86  ? 6   C   A C4    1 
ATOM   127 N N4    . C   A 1 6  ? -4.125  -9.519  7.575   1.00 29.81  ? 6   C   A N4    1 
ATOM   128 C C5    . C   A 1 6  ? -2.198  -9.183  8.981   1.00 31.61  ? 6   C   A C5    1 
ATOM   129 C C6    . C   A 1 6  ? -0.990  -9.634  9.365   1.00 30.50  ? 6   C   A C6    1 
ATOM   130 P P     . C   A 1 7  ? 3.655   -8.112  6.936   1.00 31.16  ? 7   C   A P     1 
ATOM   131 O OP1   . C   A 1 7  ? 5.078   -7.758  6.710   1.00 26.53  ? 7   C   A OP1   1 
ATOM   132 O OP2   . C   A 1 7  ? 2.684   -7.029  7.260   1.00 32.20  ? 7   C   A OP2   1 
ATOM   133 O "O5'" . C   A 1 7  ? 3.088   -8.894  5.669   1.00 28.02  ? 7   C   A "O5'" 1 
ATOM   134 C "C5'" . C   A 1 7  ? 3.762   -10.037 5.171   1.00 30.08  ? 7   C   A "C5'" 1 
ATOM   135 C "C4'" . C   A 1 7  ? 2.995   -10.697 4.056   1.00 34.54  ? 7   C   A "C4'" 1 
ATOM   136 O "O4'" . C   A 1 7  ? 1.717   -11.189 4.537   1.00 33.23  ? 7   C   A "O4'" 1 
ATOM   137 C "C3'" . C   A 1 7  ? 2.608   -9.826  2.873   1.00 34.72  ? 7   C   A "C3'" 1 
ATOM   138 O "O3'" . C   A 1 7  ? 3.684   -9.558  2.003   1.00 36.29  ? 7   C   A "O3'" 1 
ATOM   139 C "C2'" . C   A 1 7  ? 1.507   -10.650 2.234   1.00 35.11  ? 7   C   A "C2'" 1 
ATOM   140 O "O2'" . C   A 1 7  ? 2.073   -11.750 1.545   1.00 34.09  ? 7   C   A "O2'" 1 
ATOM   141 C "C1'" . C   A 1 7  ? 0.780   -11.180 3.473   1.00 34.80  ? 7   C   A "C1'" 1 
ATOM   142 N N1    . C   A 1 7  ? -0.349  -10.296 3.831   1.00 33.84  ? 7   C   A N1    1 
ATOM   143 C C2    . C   A 1 7  ? -1.545  -10.449 3.132   1.00 34.41  ? 7   C   A C2    1 
ATOM   144 O O2    . C   A 1 7  ? -1.621  -11.335 2.268   1.00 36.10  ? 7   C   A O2    1 
ATOM   145 N N3    . C   A 1 7  ? -2.585  -9.644  3.416   1.00 33.92  ? 7   C   A N3    1 
ATOM   146 C C4    . C   A 1 7  ? -2.455  -8.706  4.358   1.00 36.48  ? 7   C   A C4    1 
ATOM   147 N N4    . C   A 1 7  ? -3.508  -7.923  4.622   1.00 36.27  ? 7   C   A N4    1 
ATOM   148 C C5    . C   A 1 7  ? -1.245  -8.524  5.087   1.00 34.29  ? 7   C   A C5    1 
ATOM   149 C C6    . C   A 1 7  ? -0.223  -9.331  4.785   1.00 33.55  ? 7   C   A C6    1 
ATOM   150 P P     . A   A 1 8  ? 3.671   -8.221  1.106   1.00 42.24  ? 8   A   A P     1 
ATOM   151 O OP1   . A   A 1 8  ? 5.026   -8.096  0.492   1.00 35.48  ? 8   A   A OP1   1 
ATOM   152 O OP2   . A   A 1 8  ? 3.141   -7.087  1.897   1.00 43.24  ? 8   A   A OP2   1 
ATOM   153 O "O5'" . A   A 1 8  ? 2.575   -8.532  -0.007  1.00 43.02  ? 8   A   A "O5'" 1 
ATOM   154 C "C5'" . A   A 1 8  ? 2.734   -9.628  -0.898  1.00 42.24  ? 8   A   A "C5'" 1 
ATOM   155 C "C4'" . A   A 1 8  ? 1.475   -9.876  -1.692  1.00 47.00  ? 8   A   A "C4'" 1 
ATOM   156 O "O4'" . A   A 1 8  ? 0.397   -10.235 -0.791  1.00 44.63  ? 8   A   A "O4'" 1 
ATOM   157 C "C3'" . A   A 1 8  ? 0.925   -8.684  -2.466  1.00 46.85  ? 8   A   A "C3'" 1 
ATOM   158 O "O3'" . A   A 1 8  ? 1.571   -8.483  -3.709  1.00 51.48  ? 8   A   A "O3'" 1 
ATOM   159 C "C2'" . A   A 1 8  ? -0.544  -9.034  -2.603  1.00 49.82  ? 8   A   A "C2'" 1 
ATOM   160 O "O2'" . A   A 1 8  ? -0.729  -10.018 -3.612  1.00 57.30  ? 8   A   A "O2'" 1 
ATOM   161 C "C1'" . A   A 1 8  ? -0.818  -9.681  -1.251  1.00 46.86  ? 8   A   A "C1'" 1 
ATOM   162 N N9    . A   A 1 8  ? -1.279  -8.698  -0.258  1.00 45.49  ? 8   A   A N9    1 
ATOM   163 C C8    . A   A 1 8  ? -0.547  -8.095  0.740   1.00 40.76  ? 8   A   A C8    1 
ATOM   164 N N7    . A   A 1 8  ? -1.266  -7.273  1.464   1.00 43.89  ? 8   A   A N7    1 
ATOM   165 C C5    . A   A 1 8  ? -2.547  -7.345  0.907   1.00 43.12  ? 8   A   A C5    1 
ATOM   166 C C6    . A   A 1 8  ? -3.766  -6.712  1.224   1.00 43.65  ? 8   A   A C6    1 
ATOM   167 N N6    . A   A 1 8  ? -3.914  -5.833  2.223   1.00 40.59  ? 8   A   A N6    1 
ATOM   168 N N1    . A   A 1 8  ? -4.836  -7.010  0.459   1.00 45.22  ? 8   A   A N1    1 
ATOM   169 C C2    . A   A 1 8  ? -4.692  -7.888  -0.551  1.00 47.75  ? 8   A   A C2    1 
ATOM   170 N N3    . A   A 1 8  ? -3.612  -8.553  -0.944  1.00 45.73  ? 8   A   A N3    1 
ATOM   171 C C4    . A   A 1 8  ? -2.566  -8.225  -0.159  1.00 44.85  ? 8   A   A C4    1 
ATOM   172 P P     . G   A 1 9  ? 1.471   -7.064  -4.454  1.00 59.27  ? 9   G   A P     1 
ATOM   173 O OP1   . G   A 1 9  ? 2.459   -7.157  -5.556  1.00 63.09  ? 9   G   A OP1   1 
ATOM   174 O OP2   . G   A 1 9  ? 1.558   -5.930  -3.492  1.00 51.09  ? 9   G   A OP2   1 
ATOM   175 O "O5'" . G   A 1 9  ? -0.014  -7.035  -5.041  1.00 61.73  ? 9   G   A "O5'" 1 
ATOM   176 C "C5'" . G   A 1 9  ? -0.383  -7.848  -6.145  1.00 64.34  ? 9   G   A "C5'" 1 
ATOM   177 C "C4'" . G   A 1 9  ? -1.848  -7.690  -6.491  1.00 69.18  ? 9   G   A "C4'" 1 
ATOM   178 O "O4'" . G   A 1 9  ? -2.661  -8.037  -5.338  1.00 65.37  ? 9   G   A "O4'" 1 
ATOM   179 C "C3'" . G   A 1 9  ? -2.326  -6.290  -6.866  1.00 69.13  ? 9   G   A "C3'" 1 
ATOM   180 O "O3'" . G   A 1 9  ? -2.032  -5.913  -8.202  1.00 75.15  ? 9   G   A "O3'" 1 
ATOM   181 C "C2'" . G   A 1 9  ? -3.819  -6.368  -6.574  1.00 71.59  ? 9   G   A "C2'" 1 
ATOM   182 O "O2'" . G   A 1 9  ? -4.503  -7.058  -7.616  1.00 70.91  ? 9   G   A "O2'" 1 
ATOM   183 C "C1'" . G   A 1 9  ? -3.828  -7.232  -5.314  1.00 67.01  ? 9   G   A "C1'" 1 
ATOM   184 N N9    . G   A 1 9  ? -3.803  -6.398  -4.099  1.00 60.37  ? 9   G   A N9    1 
ATOM   185 C C8    . G   A 1 9  ? -2.741  -6.151  -3.260  1.00 58.30  ? 9   G   A C8    1 
ATOM   186 N N7    . G   A 1 9  ? -3.047  -5.352  -2.270  1.00 54.23  ? 9   G   A N7    1 
ATOM   187 C C5    . G   A 1 9  ? -4.386  -5.050  -2.480  1.00 58.21  ? 9   G   A C5    1 
ATOM   188 C C6    . G   A 1 9  ? -5.270  -4.228  -1.737  1.00 59.97  ? 9   G   A C6    1 
ATOM   189 O O6    . G   A 1 9  ? -5.026  -3.585  -0.706  1.00 58.77  ? 9   G   A O6    1 
ATOM   190 N N1    . G   A 1 9  ? -6.544  -4.201  -2.300  1.00 60.49  ? 9   G   A N1    1 
ATOM   191 C C2    . G   A 1 9  ? -6.914  -4.879  -3.435  1.00 63.26  ? 9   G   A C2    1 
ATOM   192 N N2    . G   A 1 9  ? -8.185  -4.731  -3.832  1.00 65.77  ? 9   G   A N2    1 
ATOM   193 N N3    . G   A 1 9  ? -6.100  -5.649  -4.140  1.00 63.61  ? 9   G   A N3    1 
ATOM   194 C C4    . G   A 1 9  ? -4.862  -5.683  -3.607  1.00 60.93  ? 9   G   A C4    1 
ATOM   195 P P     . C   A 1 10 ? -1.666  -4.379  -8.535  1.00 74.18  ? 10  C   A P     1 
ATOM   196 O OP1   . C   A 1 10 ? -0.472  -4.399  -9.409  1.00 69.43  ? 10  C   A OP1   1 
ATOM   197 O OP2   . C   A 1 10 ? -1.615  -3.618  -7.258  1.00 78.78  ? 10  C   A OP2   1 
ATOM   198 O "O5'" . C   A 1 10 ? -2.925  -3.810  -9.338  1.00 76.98  ? 10  C   A "O5'" 1 
ATOM   199 C "C5'" . C   A 1 10 ? -4.066  -4.608  -9.618  1.00 73.83  ? 10  C   A "C5'" 1 
ATOM   200 C "C4'" . C   A 1 10 ? -5.354  -3.849  -9.380  1.00 79.23  ? 10  C   A "C4'" 1 
ATOM   201 O "O4'" . C   A 1 10 ? -5.899  -4.172  -8.067  1.00 79.63  ? 10  C   A "O4'" 1 
ATOM   202 C "C3'" . C   A 1 10 ? -5.268  -2.328  -9.360  1.00 81.51  ? 10  C   A "C3'" 1 
ATOM   203 O "O3'" . C   A 1 10 ? -5.147  -1.726  -10.641 1.00 86.21  ? 10  C   A "O3'" 1 
ATOM   204 C "C2'" . C   A 1 10 ? -6.541  -1.953  -8.616  1.00 78.63  ? 10  C   A "C2'" 1 
ATOM   205 O "O2'" . C   A 1 10 ? -7.671  -2.120  -9.459  1.00 81.29  ? 10  C   A "O2'" 1 
ATOM   206 C "C1'" . C   A 1 10 ? -6.585  -3.046  -7.545  1.00 75.04  ? 10  C   A "C1'" 1 
ATOM   207 N N1    . C   A 1 10 ? -5.936  -2.603  -6.284  1.00 72.22  ? 10  C   A N1    1 
ATOM   208 C C2    . C   A 1 10 ? -6.688  -1.881  -5.342  1.00 70.74  ? 10  C   A C2    1 
ATOM   209 O O2    . C   A 1 10 ? -7.884  -1.642  -5.567  1.00 72.16  ? 10  C   A O2    1 
ATOM   210 N N3    . C   A 1 10 ? -6.105  -1.464  -4.194  1.00 67.94  ? 10  C   A N3    1 
ATOM   211 C C4    . C   A 1 10 ? -4.818  -1.729  -3.960  1.00 66.02  ? 10  C   A C4    1 
ATOM   212 N N4    . C   A 1 10 ? -4.284  -1.296  -2.816  1.00 62.76  ? 10  C   A N4    1 
ATOM   213 C C5    . C   A 1 10 ? -4.019  -2.448  -4.894  1.00 68.89  ? 10  C   A C5    1 
ATOM   214 C C6    . C   A 1 10 ? -4.612  -2.857  -6.027  1.00 74.38  ? 10  C   A C6    1 
ATOM   215 P P     . A   A 1 11 ? -4.385  -0.310  -10.800 1.00 88.10  ? 11  A   A P     1 
ATOM   216 O OP1   . A   A 1 11 ? -4.190  -0.063  -12.252 1.00 86.32  ? 11  A   A OP1   1 
ATOM   217 O OP2   . A   A 1 11 ? -3.194  -0.296  -9.911  1.00 85.74  ? 11  A   A OP2   1 
ATOM   218 O "O5'" . A   A 1 11 ? -5.411  0.760   -10.208 1.00 79.14  ? 11  A   A "O5'" 1 
ATOM   219 C "C5'" . A   A 1 11 ? -6.691  0.950   -10.793 1.00 79.38  ? 11  A   A "C5'" 1 
ATOM   220 C "C4'" . A   A 1 11 ? -7.574  1.817   -9.926  1.00 84.82  ? 11  A   A "C4'" 1 
ATOM   221 O "O4'" . A   A 1 11 ? -7.807  1.158   -8.654  1.00 85.03  ? 11  A   A "O4'" 1 
ATOM   222 C "C3'" . A   A 1 11 ? -6.994  3.164   -9.531  1.00 87.77  ? 11  A   A "C3'" 1 
ATOM   223 O "O3'" . A   A 1 11 ? -7.090  4.164   -10.523 1.00 91.80  ? 11  A   A "O3'" 1 
ATOM   224 C "C2'" . A   A 1 11 ? -7.749  3.491   -8.254  1.00 84.36  ? 11  A   A "C2'" 1 
ATOM   225 O "O2'" . A   A 1 11 ? -9.073  3.919   -8.543  1.00 89.16  ? 11  A   A "O2'" 1 
ATOM   226 C "C1'" . A   A 1 11 ? -7.812  2.116   -7.609  1.00 83.32  ? 11  A   A "C1'" 1 
ATOM   227 N N9    . A   A 1 11 ? -6.634  1.873   -6.757  1.00 79.82  ? 11  A   A N9    1 
ATOM   228 C C8    . A   A 1 11 ? -5.480  1.202   -7.074  1.00 79.35  ? 11  A   A C8    1 
ATOM   229 N N7    . A   A 1 11 ? -4.618  1.146   -6.088  1.00 76.46  ? 11  A   A N7    1 
ATOM   230 C C5    . A   A 1 11 ? -5.246  1.828   -5.056  1.00 72.69  ? 11  A   A C5    1 
ATOM   231 C C6    . A   A 1 11 ? -4.859  2.125   -3.733  1.00 73.34  ? 11  A   A C6    1 
ATOM   232 N N6    . A   A 1 11 ? -3.691  1.761   -3.186  1.00 71.94  ? 11  A   A N6    1 
ATOM   233 N N1    . A   A 1 11 ? -5.735  2.827   -2.975  1.00 73.17  ? 11  A   A N1    1 
ATOM   234 C C2    . A   A 1 11 ? -6.906  3.204   -3.508  1.00 73.63  ? 11  A   A C2    1 
ATOM   235 N N3    . A   A 1 11 ? -7.379  2.981   -4.733  1.00 74.34  ? 11  A   A N3    1 
ATOM   236 C C4    . A   A 1 11 ? -6.488  2.284   -5.460  1.00 75.41  ? 11  A   A C4    1 
ATOM   237 P P     . G   A 1 12 ? -5.933  5.266   -10.561 1.00 100.28 ? 12  G   A P     1 
ATOM   238 O OP1   . G   A 1 12 ? -5.747  5.824   -11.926 1.00 103.67 ? 12  G   A OP1   1 
ATOM   239 O OP2   . G   A 1 12 ? -4.831  4.561   -9.867  1.00 95.26  ? 12  G   A OP2   1 
ATOM   240 O "O5'" . G   A 1 12 ? -6.436  6.395   -9.556  1.00 90.65  ? 12  G   A "O5'" 1 
ATOM   241 C "C5'" . G   A 1 12 ? -5.821  6.539   -8.289  1.00 81.68  ? 12  G   A "C5'" 1 
ATOM   242 C "C4'" . G   A 1 12 ? -6.713  7.247   -7.310  1.00 81.37  ? 12  G   A "C4'" 1 
ATOM   243 O "O4'" . G   A 1 12 ? -6.997  6.354   -6.202  1.00 85.54  ? 12  G   A "O4'" 1 
ATOM   244 C "C3'" . G   A 1 12 ? -6.087  8.471   -6.661  1.00 84.95  ? 12  G   A "C3'" 1 
ATOM   245 O "O3'" . G   A 1 12 ? -6.228  9.641   -7.446  1.00 90.19  ? 12  G   A "O3'" 1 
ATOM   246 C "C2'" . G   A 1 12 ? -6.775  8.535   -5.301  1.00 82.09  ? 12  G   A "C2'" 1 
ATOM   247 O "O2'" . G   A 1 12 ? -8.072  9.109   -5.403  1.00 78.69  ? 12  G   A "O2'" 1 
ATOM   248 C "C1'" . G   A 1 12 ? -6.918  7.052   -4.977  1.00 81.31  ? 12  G   A "C1'" 1 
ATOM   249 N N9    . G   A 1 12 ? -5.757  6.519   -4.232  1.00 76.94  ? 12  G   A N9    1 
ATOM   250 C C8    . G   A 1 12 ? -4.845  5.602   -4.716  1.00 74.83  ? 12  G   A C8    1 
ATOM   251 N N7    . G   A 1 12 ? -3.924  5.285   -3.848  1.00 71.64  ? 12  G   A N7    1 
ATOM   252 C C5    . G   A 1 12 ? -4.245  6.033   -2.717  1.00 70.44  ? 12  G   A C5    1 
ATOM   253 C C6    . G   A 1 12 ? -3.602  6.109   -1.448  1.00 72.28  ? 12  G   A C6    1 
ATOM   254 O O6    . G   A 1 12 ? -2.588  5.508   -1.054  1.00 73.25  ? 12  G   A O6    1 
ATOM   255 N N1    . G   A 1 12 ? -4.252  6.993   -0.590  1.00 69.28  ? 12  G   A N1    1 
ATOM   256 C C2    . G   A 1 12 ? -5.375  7.709   -0.910  1.00 69.44  ? 12  G   A C2    1 
ATOM   257 N N2    . G   A 1 12 ? -5.850  8.504   0.058   1.00 71.68  ? 12  G   A N2    1 
ATOM   258 N N3    . G   A 1 12 ? -5.984  7.648   -2.084  1.00 71.26  ? 12  G   A N3    1 
ATOM   259 C C4    . G   A 1 12 ? -5.374  6.797   -2.935  1.00 72.44  ? 12  G   A C4    1 
ATOM   260 P P     . C   A 1 13 ? -5.319  10.928  -7.139  1.00 88.15  ? 13  C   A P     1 
ATOM   261 O OP1   . C   A 1 13 ? -5.478  11.875  -8.269  1.00 88.62  ? 13  C   A OP1   1 
ATOM   262 O OP2   . C   A 1 13 ? -3.953  10.477  -6.753  1.00 85.52  ? 13  C   A OP2   1 
ATOM   263 O "O5'" . C   A 1 13 ? -6.007  11.567  -5.856  1.00 79.52  ? 13  C   A "O5'" 1 
ATOM   264 C "C5'" . C   A 1 13 ? -5.488  12.749  -5.291  1.00 81.93  ? 13  C   A "C5'" 1 
ATOM   265 C "C4'" . C   A 1 13 ? -5.300  12.623  -3.805  1.00 82.63  ? 13  C   A "C4'" 1 
ATOM   266 O "O4'" . C   A 1 13 ? -5.340  11.232  -3.389  1.00 84.05  ? 13  C   A "O4'" 1 
ATOM   267 C "C3'" . C   A 1 13 ? -3.967  13.108  -3.276  1.00 82.72  ? 13  C   A "C3'" 1 
ATOM   268 O "O3'" . C   A 1 13 ? -3.868  14.520  -3.233  1.00 91.50  ? 13  C   A "O3'" 1 
ATOM   269 C "C2'" . C   A 1 13 ? -3.895  12.420  -1.920  1.00 80.40  ? 13  C   A "C2'" 1 
ATOM   270 O "O2'" . C   A 1 13 ? -4.753  13.066  -0.991  1.00 80.60  ? 13  C   A "O2'" 1 
ATOM   271 C "C1'" . C   A 1 13 ? -4.502  11.053  -2.257  1.00 79.68  ? 13  C   A "C1'" 1 
ATOM   272 N N1    . C   A 1 13 ? -3.467  10.032  -2.572  1.00 71.50  ? 13  C   A N1    1 
ATOM   273 C C2    . C   A 1 13 ? -2.637  9.542   -1.544  1.00 70.60  ? 13  C   A C2    1 
ATOM   274 O O2    . C   A 1 13 ? -2.768  9.960   -0.376  1.00 70.02  ? 13  C   A O2    1 
ATOM   275 N N3    . C   A 1 13 ? -1.696  8.610   -1.849  1.00 69.66  ? 13  C   A N3    1 
ATOM   276 C C4    . C   A 1 13 ? -1.559  8.153   -3.104  1.00 71.59  ? 13  C   A C4    1 
ATOM   277 N N4    . C   A 1 13 ? -0.611  7.233   -3.343  1.00 66.26  ? 13  C   A N4    1 
ATOM   278 C C5    . C   A 1 13 ? -2.390  8.632   -4.165  1.00 73.68  ? 13  C   A C5    1 
ATOM   279 C C6    . C   A 1 13 ? -3.314  9.557   -3.851  1.00 73.94  ? 13  C   A C6    1 
ATOM   280 P P     . A   A 1 14 ? -2.938  15.284  -4.304  1.00 95.80  ? 14  A   A P     1 
ATOM   281 O OP1   . A   A 1 14 ? -2.736  16.670  -3.810  1.00 89.63  ? 14  A   A OP1   1 
ATOM   282 O OP2   . A   A 1 14 ? -3.478  15.049  -5.668  1.00 83.42  ? 14  A   A OP2   1 
ATOM   283 O "O5'" . A   A 1 14 ? -1.545  14.513  -4.214  1.00 84.84  ? 14  A   A "O5'" 1 
ATOM   284 C "C5'" . A   A 1 14 ? -0.409  15.122  -3.623  1.00 78.69  ? 14  A   A "C5'" 1 
ATOM   285 C "C4'" . A   A 1 14 ? -0.472  15.117  -2.113  1.00 78.74  ? 14  A   A "C4'" 1 
ATOM   286 O "O4'" . A   A 1 14 ? -0.867  13.807  -1.622  1.00 79.78  ? 14  A   A "O4'" 1 
ATOM   287 C "C3'" . A   A 1 14 ? 0.856   15.386  -1.432  1.00 78.20  ? 14  A   A "C3'" 1 
ATOM   288 O "O3'" . A   A 1 14 ? 1.167   16.764  -1.370  1.00 80.17  ? 14  A   A "O3'" 1 
ATOM   289 C "C2'" . A   A 1 14 ? 0.703   14.710  -0.075  1.00 75.68  ? 14  A   A "C2'" 1 
ATOM   290 O "O2'" . A   A 1 14 ? -0.033  15.533  0.821   1.00 75.91  ? 14  A   A "O2'" 1 
ATOM   291 C "C1'" . A   A 1 14 ? -0.145  13.490  -0.446  1.00 76.09  ? 14  A   A "C1'" 1 
ATOM   292 N N9    . A   A 1 14 ? 0.665   12.267  -0.690  1.00 72.02  ? 14  A   A N9    1 
ATOM   293 C C8    . A   A 1 14 ? 1.536   11.630  0.177   1.00 61.29  ? 14  A   A C8    1 
ATOM   294 N N7    . A   A 1 14 ? 2.109   10.555  -0.331  1.00 58.24  ? 14  A   A N7    1 
ATOM   295 C C5    . A   A 1 14 ? 1.589   10.462  -1.626  1.00 63.83  ? 14  A   A C5    1 
ATOM   296 C C6    . A   A 1 14 ? 1.789   9.547   -2.697  1.00 60.66  ? 14  A   A C6    1 
ATOM   297 N N6    . A   A 1 14 ? 2.600   8.489   -2.650  1.00 55.45  ? 14  A   A N6    1 
ATOM   298 N N1    . A   A 1 14 ? 1.116   9.751   -3.857  1.00 63.60  ? 14  A   A N1    1 
ATOM   299 C C2    . A   A 1 14 ? 0.294   10.807  -3.930  1.00 68.69  ? 14  A   A C2    1 
ATOM   300 N N3    . A   A 1 14 ? 0.024   11.729  -3.007  1.00 69.90  ? 14  A   A N3    1 
ATOM   301 C C4    . A   A 1 14 ? 0.706   11.514  -1.860  1.00 69.34  ? 14  A   A C4    1 
ATOM   302 P P     . G   A 1 15 ? 2.386   17.325  -2.246  1.00 80.77  ? 15  G   A P     1 
ATOM   303 O OP1   . G   A 1 15 ? 2.290   18.804  -2.286  1.00 79.26  ? 15  G   A OP1   1 
ATOM   304 O OP2   . G   A 1 15 ? 2.464   16.538  -3.510  1.00 66.13  ? 15  G   A OP2   1 
ATOM   305 O "O5'" . G   A 1 15 ? 3.654   16.967  -1.361  1.00 69.66  ? 15  G   A "O5'" 1 
ATOM   306 C "C5'" . G   A 1 15 ? 4.234   15.683  -1.431  1.00 57.48  ? 15  G   A "C5'" 1 
ATOM   307 C "C4'" . G   A 1 15 ? 4.837   15.281  -0.120  1.00 55.48  ? 15  G   A "C4'" 1 
ATOM   308 O "O4'" . G   A 1 15 ? 4.179   14.072  0.337   1.00 55.92  ? 15  G   A "O4'" 1 
ATOM   309 C "C3'" . G   A 1 15 ? 6.312   14.911  -0.211  1.00 47.88  ? 15  G   A "C3'" 1 
ATOM   310 O "O3'" . G   A 1 15 ? 7.149   16.017  0.043   1.00 51.41  ? 15  G   A "O3'" 1 
ATOM   311 C "C2'" . G   A 1 15 ? 6.463   13.807  0.810   1.00 45.72  ? 15  G   A "C2'" 1 
ATOM   312 O "O2'" . G   A 1 15 ? 6.530   14.357  2.109   1.00 47.11  ? 15  G   A "O2'" 1 
ATOM   313 C "C1'" . G   A 1 15 ? 5.130   13.099  0.660   1.00 48.12  ? 15  G   A "C1'" 1 
ATOM   314 N N9    . G   A 1 15 ? 5.140   12.133  -0.457  1.00 51.95  ? 15  G   A N9    1 
ATOM   315 C C8    . G   A 1 15 ? 4.404   12.233  -1.616  1.00 50.67  ? 15  G   A C8    1 
ATOM   316 N N7    . G   A 1 15 ? 4.583   11.227  -2.433  1.00 49.73  ? 15  G   A N7    1 
ATOM   317 C C5    . G   A 1 15 ? 5.495   10.407  -1.775  1.00 47.22  ? 15  G   A C5    1 
ATOM   318 C C6    . G   A 1 15 ? 6.073   9.165   -2.168  1.00 41.47  ? 15  G   A C6    1 
ATOM   319 O O6    . G   A 1 15 ? 5.877   8.515   -3.213  1.00 38.58  ? 15  G   A O6    1 
ATOM   320 N N1    . G   A 1 15 ? 6.956   8.694   -1.197  1.00 39.04  ? 15  G   A N1    1 
ATOM   321 C C2    . G   A 1 15 ? 7.240   9.326   -0.007  1.00 39.58  ? 15  G   A C2    1 
ATOM   322 N N2    . G   A 1 15 ? 8.110   8.722   0.809   1.00 37.72  ? 15  G   A N2    1 
ATOM   323 N N3    . G   A 1 15 ? 6.706   10.474  0.372   1.00 41.45  ? 15  G   A N3    1 
ATOM   324 C C4    . G   A 1 15 ? 5.848   10.954  -0.552  1.00 47.46  ? 15  G   A C4    1 
ATOM   325 P P     . G   A 1 16 ? 8.492   16.225  -0.808  1.00 52.06  ? 16  G   A P     1 
ATOM   326 O OP1   . G   A 1 16 ? 9.105   17.501  -0.349  1.00 48.26  ? 16  G   A OP1   1 
ATOM   327 O OP2   . G   A 1 16 ? 8.159   16.016  -2.252  1.00 44.84  ? 16  G   A OP2   1 
ATOM   328 O "O5'" . G   A 1 16 ? 9.451   15.056  -0.302  1.00 44.82  ? 16  G   A "O5'" 1 
ATOM   329 C "C5'" . G   A 1 16 ? 10.031  15.098  0.990   1.00 41.01  ? 16  G   A "C5'" 1 
ATOM   330 C "C4'" . G   A 1 16 ? 10.948  13.922  1.213   1.00 43.22  ? 16  G   A "C4'" 1 
ATOM   331 O "O4'" . G   A 1 16 ? 10.183  12.689  1.180   1.00 42.12  ? 16  G   A "O4'" 1 
ATOM   332 C "C3'" . G   A 1 16 ? 12.024  13.709  0.161   1.00 42.12  ? 16  G   A "C3'" 1 
ATOM   333 O "O3'" . G   A 1 16 ? 13.149  14.540  0.352   1.00 42.03  ? 16  G   A "O3'" 1 
ATOM   334 C "C2'" . G   A 1 16 ? 12.337  12.229  0.302   1.00 36.87  ? 16  G   A "C2'" 1 
ATOM   335 O "O2'" . G   A 1 16 ? 13.154  11.996  1.442   1.00 35.49  ? 16  G   A "O2'" 1 
ATOM   336 C "C1'" . G   A 1 16 ? 10.950  11.665  0.585   1.00 38.72  ? 16  G   A "C1'" 1 
ATOM   337 N N9    . G   A 1 16 ? 10.271  11.239  -0.650  1.00 35.97  ? 16  G   A N9    1 
ATOM   338 C C8    . G   A 1 16 ? 9.240   11.860  -1.297  1.00 36.12  ? 16  G   A C8    1 
ATOM   339 N N7    . G   A 1 16 ? 8.856   11.197  -2.361  1.00 40.81  ? 16  G   A N7    1 
ATOM   340 C C5    . G   A 1 16 ? 9.688   10.077  -2.407  1.00 38.10  ? 16  G   A C5    1 
ATOM   341 C C6    . G   A 1 16 ? 9.767   8.985   -3.319  1.00 34.14  ? 16  G   A C6    1 
ATOM   342 O O6    . G   A 1 16 ? 9.088   8.766   -4.324  1.00 34.09  ? 16  G   A O6    1 
ATOM   343 N N1    . G   A 1 16 ? 10.761  8.077   -2.976  1.00 35.17  ? 16  G   A N1    1 
ATOM   344 C C2    . G   A 1 16 ? 11.590  8.189   -1.888  1.00 36.32  ? 16  G   A C2    1 
ATOM   345 N N2    . G   A 1 16 ? 12.492  7.208   -1.707  1.00 29.63  ? 16  G   A N2    1 
ATOM   346 N N3    . G   A 1 16 ? 11.523  9.194   -1.031  1.00 37.13  ? 16  G   A N3    1 
ATOM   347 C C4    . G   A 1 16 ? 10.565  10.094  -1.350  1.00 36.28  ? 16  G   A C4    1 
ATOM   348 P P     . U   A 1 17 ? 13.882  15.173  -0.924  1.00 39.18  ? 17  U   A P     1 
ATOM   349 O OP1   . U   A 1 17 ? 14.850  16.149  -0.375  1.00 42.64  ? 17  U   A OP1   1 
ATOM   350 O OP2   . U   A 1 17 ? 12.875  15.597  -1.937  1.00 41.16  ? 17  U   A OP2   1 
ATOM   351 O "O5'" . U   A 1 17 ? 14.633  13.931  -1.587  1.00 38.08  ? 17  U   A "O5'" 1 
ATOM   352 C "C5'" . U   A 1 17 ? 15.579  13.158  -0.867  1.00 32.20  ? 17  U   A "C5'" 1 
ATOM   353 C "C4'" . U   A 1 17 ? 15.966  11.934  -1.659  1.00 31.51  ? 17  U   A "C4'" 1 
ATOM   354 O "O4'" . U   A 1 17 ? 14.843  11.015  -1.714  1.00 33.29  ? 17  U   A "O4'" 1 
ATOM   355 C "C3'" . U   A 1 17 ? 16.300  12.173  -3.121  1.00 26.69  ? 17  U   A "C3'" 1 
ATOM   356 O "O3'" . U   A 1 17 ? 17.580  12.720  -3.346  1.00 26.16  ? 17  U   A "O3'" 1 
ATOM   357 C "C2'" . U   A 1 17 ? 16.091  10.791  -3.722  1.00 31.29  ? 17  U   A "C2'" 1 
ATOM   358 O "O2'" . U   A 1 17 ? 17.169  9.918   -3.401  1.00 31.84  ? 17  U   A "O2'" 1 
ATOM   359 C "C1'" . U   A 1 17 ? 14.854  10.331  -2.955  1.00 33.60  ? 17  U   A "C1'" 1 
ATOM   360 N N1    . U   A 1 17 ? 13.610  10.647  -3.702  1.00 36.26  ? 17  U   A N1    1 
ATOM   361 C C2    . U   A 1 17 ? 13.267  9.752   -4.714  1.00 34.34  ? 17  U   A C2    1 
ATOM   362 O O2    . U   A 1 17 ? 13.916  8.746   -4.958  1.00 33.42  ? 17  U   A O2    1 
ATOM   363 N N3    . U   A 1 17 ? 12.124  10.072  -5.405  1.00 31.19  ? 17  U   A N3    1 
ATOM   364 C C4    . U   A 1 17 ? 11.308  11.170  -5.206  1.00 32.94  ? 17  U   A C4    1 
ATOM   365 O O4    . U   A 1 17 ? 10.307  11.298  -5.912  1.00 31.10  ? 17  U   A O4    1 
ATOM   366 C C5    . U   A 1 17 ? 11.735  12.064  -4.166  1.00 34.56  ? 17  U   A C5    1 
ATOM   367 C C6    . U   A 1 17 ? 12.853  11.781  -3.468  1.00 35.08  ? 17  U   A C6    1 
ATOM   368 P P     . C   A 1 18 ? 17.888  13.516  -4.720  1.00 31.38  ? 18  C   A P     1 
ATOM   369 O OP1   . C   A 1 18 ? 19.230  14.120  -4.559  1.00 34.66  ? 18  C   A OP1   1 
ATOM   370 O OP2   . C   A 1 18 ? 16.764  14.412  -5.107  1.00 31.93  ? 18  C   A OP2   1 
ATOM   371 O "O5'" . C   A 1 18 ? 18.008  12.339  -5.787  1.00 34.69  ? 18  C   A "O5'" 1 
ATOM   372 C "C5'" . C   A 1 18 ? 19.023  11.355  -5.641  1.00 28.83  ? 18  C   A "C5'" 1 
ATOM   373 C "C4'" . C   A 1 18 ? 18.860  10.258  -6.647  1.00 27.62  ? 18  C   A "C4'" 1 
ATOM   374 O "O4'" . C   A 1 18 ? 17.583  9.603   -6.433  1.00 28.53  ? 18  C   A "O4'" 1 
ATOM   375 C "C3'" . C   A 1 18 ? 18.807  10.697  -8.104  1.00 28.02  ? 18  C   A "C3'" 1 
ATOM   376 O "O3'" . C   A 1 18 ? 20.076  10.924  -8.666  1.00 24.53  ? 18  C   A "O3'" 1 
ATOM   377 C "C2'" . C   A 1 18 ? 18.064  9.551   -8.759  1.00 29.35  ? 18  C   A "C2'" 1 
ATOM   378 O "O2'" . C   A 1 18 ? 18.939  8.439   -8.877  1.00 28.50  ? 18  C   A "O2'" 1 
ATOM   379 C "C1'" . C   A 1 18 ? 17.027  9.225   -7.682  1.00 32.86  ? 18  C   A "C1'" 1 
ATOM   380 N N1    . C   A 1 18 ? 15.759  9.977   -7.874  1.00 33.97  ? 18  C   A N1    1 
ATOM   381 C C2    . C   A 1 18 ? 14.733  9.361   -8.597  1.00 36.43  ? 18  C   A C2    1 
ATOM   382 O O2    . C   A 1 18 ? 14.952  8.223   -9.069  1.00 35.30  ? 18  C   A O2    1 
ATOM   383 N N3    . C   A 1 18 ? 13.555  10.030  -8.768  1.00 34.73  ? 18  C   A N3    1 
ATOM   384 C C4    . C   A 1 18 ? 13.390  11.257  -8.248  1.00 36.70  ? 18  C   A C4    1 
ATOM   385 N N4    . C   A 1 18 ? 12.221  11.888  -8.424  1.00 36.89  ? 18  C   A N4    1 
ATOM   386 C C5    . C   A 1 18 ? 14.412  11.902  -7.501  1.00 31.25  ? 18  C   A C5    1 
ATOM   387 C C6    . C   A 1 18 ? 15.559  11.228  -7.343  1.00 31.44  ? 18  C   A C6    1 
ATOM   388 P P     . C   A 1 19 ? 20.215  11.891  -9.944  1.00 29.72  ? 19  C   A P     1 
ATOM   389 O OP1   . C   A 1 19 ? 21.657  12.061  -10.268 1.00 25.15  ? 19  C   A OP1   1 
ATOM   390 O OP2   . C   A 1 19 ? 19.370  13.077  -9.702  1.00 33.20  ? 19  C   A OP2   1 
ATOM   391 O "O5'" . C   A 1 19 ? 19.505  11.110  -11.142 1.00 29.04  ? 19  C   A "O5'" 1 
ATOM   392 C "C5'" . C   A 1 19 ? 20.128  9.994   -11.760 1.00 28.51  ? 19  C   A "C5'" 1 
ATOM   393 C "C4'" . C   A 1 19 ? 19.274  9.415   -12.864 1.00 28.46  ? 19  C   A "C4'" 1 
ATOM   394 O "O4'" . C   A 1 19 ? 18.023  8.909   -12.321 1.00 26.57  ? 19  C   A "O4'" 1 
ATOM   395 C "C3'" . C   A 1 19 ? 18.824  10.381  -13.951 1.00 29.33  ? 19  C   A "C3'" 1 
ATOM   396 O "O3'" . C   A 1 19 ? 19.818  10.673  -14.919 1.00 33.75  ? 19  C   A "O3'" 1 
ATOM   397 C "C2'" . C   A 1 19 ? 17.627  9.660   -14.537 1.00 31.02  ? 19  C   A "C2'" 1 
ATOM   398 O "O2'" . C   A 1 19 ? 18.050  8.604   -15.389 1.00 28.44  ? 19  C   A "O2'" 1 
ATOM   399 C "C1'" . C   A 1 19 ? 16.996  9.063   -13.277 1.00 30.57  ? 19  C   A "C1'" 1 
ATOM   400 N N1    . C   A 1 19 ? 15.962  9.981   -12.756 1.00 31.94  ? 19  C   A N1    1 
ATOM   401 C C2    . C   A 1 19 ? 14.694  9.910   -13.349 1.00 31.02  ? 19  C   A C2    1 
ATOM   402 O O2    . C   A 1 19 ? 14.499  9.053   -14.225 1.00 25.36  ? 19  C   A O2    1 
ATOM   403 N N3    . C   A 1 19 ? 13.709  10.740  -12.939 1.00 29.57  ? 19  C   A N3    1 
ATOM   404 C C4    . C   A 1 19 ? 13.967  11.635  -11.987 1.00 35.01  ? 19  C   A C4    1 
ATOM   405 N N4    . C   A 1 19 ? 12.976  12.464  -11.601 1.00 33.85  ? 19  C   A N4    1 
ATOM   406 C C5    . C   A 1 19 ? 15.264  11.739  -11.395 1.00 32.07  ? 19  C   A C5    1 
ATOM   407 C C6    . C   A 1 19 ? 16.229  10.916  -11.805 1.00 29.02  ? 19  C   A C6    1 
ATOM   408 P P     . U   B 1 1  ? -2.462  4.935   -11.620 1.00 132.13 ? 1   U   B P     1 
ATOM   409 O OP1   . U   B 1 1  ? -1.871  6.064   -12.399 1.00 114.87 ? 1   U   B OP1   1 
ATOM   410 O OP2   . U   B 1 1  ? -2.291  3.525   -12.086 1.00 115.61 ? 1   U   B OP2   1 
ATOM   411 O "O5'" . U   B 1 1  ? -1.994  5.023   -10.089 1.00 113.33 ? 1   U   B "O5'" 1 
ATOM   412 C "C5'" . U   B 1 1  ? -2.408  6.092   -9.240  1.00 103.06 ? 1   U   B "C5'" 1 
ATOM   413 C "C4'" . U   B 1 1  ? -1.230  6.831   -8.659  1.00 99.81  ? 1   U   B "C4'" 1 
ATOM   414 O "O4'" . U   B 1 1  ? -0.604  6.029   -7.612  1.00 98.38  ? 1   U   B "O4'" 1 
ATOM   415 C "C3'" . U   B 1 1  ? -0.090  7.103   -9.633  1.00 96.08  ? 1   U   B "C3'" 1 
ATOM   416 O "O3'" . U   B 1 1  ? -0.361  8.103   -10.630 1.00 92.06  ? 1   U   B "O3'" 1 
ATOM   417 C "C2'" . U   B 1 1  ? 1.105   7.264   -8.694  1.00 89.43  ? 1   U   B "C2'" 1 
ATOM   418 O "O2'" . U   B 1 1  ? 1.045   8.494   -7.987  1.00 88.08  ? 1   U   B "O2'" 1 
ATOM   419 C "C1'" . U   B 1 1  ? 0.808   6.144   -7.696  1.00 89.77  ? 1   U   B "C1'" 1 
ATOM   420 N N1    . U   B 1 1  ? 1.354   4.848   -8.175  1.00 87.67  ? 1   U   B N1    1 
ATOM   421 C C2    . U   B 1 1  ? 2.723   4.630   -8.050  1.00 86.83  ? 1   U   B C2    1 
ATOM   422 O O2    . U   B 1 1  ? 3.491   5.454   -7.554  1.00 82.59  ? 1   U   B O2    1 
ATOM   423 N N3    . U   B 1 1  ? 3.160   3.405   -8.530  1.00 88.11  ? 1   U   B N3    1 
ATOM   424 C C4    . U   B 1 1  ? 2.405   2.394   -9.112  1.00 88.64  ? 1   U   B C4    1 
ATOM   425 O O4    . U   B 1 1  ? 2.955   1.347   -9.492  1.00 85.78  ? 1   U   B O4    1 
ATOM   426 C C5    . U   B 1 1  ? 1.006   2.701   -9.207  1.00 90.25  ? 1   U   B C5    1 
ATOM   427 C C6    . U   B 1 1  ? 0.546   3.877   -8.748  1.00 88.11  ? 1   U   B C6    1 
ATOM   428 P P     . U   B 1 2  ? 0.138   9.641   -10.597 1.00 99.14  ? 2   U   B P     1 
ATOM   429 O OP1   . U   B 1 2  ? -0.535  9.750   -9.264  1.00 94.08  ? 2   U   B OP1   1 
ATOM   430 O OP2   . U   B 1 2  ? -0.418  9.559   -11.986 1.00 90.14  ? 2   U   B OP2   1 
ATOM   431 O "O5'" . U   B 1 2  ? 1.713   9.422   -10.559 1.00 75.75  ? 2   U   B "O5'" 1 
ATOM   432 C "C5'" . U   B 1 2  ? 2.566   10.466  -10.128 1.00 68.21  ? 2   U   B "C5'" 1 
ATOM   433 C "C4'" . U   B 1 2  ? 3.976   10.204  -10.569 1.00 64.67  ? 2   U   B "C4'" 1 
ATOM   434 O "O4'" . U   B 1 2  ? 4.447   8.977   -9.946  1.00 62.35  ? 2   U   B "O4'" 1 
ATOM   435 C "C3'" . U   B 1 2  ? 4.177   9.952   -12.058 1.00 52.53  ? 2   U   B "C3'" 1 
ATOM   436 O "O3'" . U   B 1 2  ? 4.164   11.135  -12.846 1.00 51.43  ? 2   U   B "O3'" 1 
ATOM   437 C "C2'" . U   B 1 2  ? 5.504   9.205   -12.065 1.00 46.20  ? 2   U   B "C2'" 1 
ATOM   438 O "O2'" . U   B 1 2  ? 6.580   10.104  -11.841 1.00 45.29  ? 2   U   B "O2'" 1 
ATOM   439 C "C1'" . U   B 1 2  ? 5.352   8.327   -10.817 1.00 53.95  ? 2   U   B "C1'" 1 
ATOM   440 N N1    . U   B 1 2  ? 4.833   6.979   -11.153 1.00 54.59  ? 2   U   B N1    1 
ATOM   441 C C2    . U   B 1 2  ? 5.800   6.040   -11.491 1.00 50.28  ? 2   U   B C2    1 
ATOM   442 O O2    . U   B 1 2  ? 6.996   6.283   -11.483 1.00 48.83  ? 2   U   B O2    1 
ATOM   443 N N3    . U   B 1 2  ? 5.333   4.798   -11.835 1.00 53.06  ? 2   U   B N3    1 
ATOM   444 C C4    . U   B 1 2  ? 4.013   4.395   -11.887 1.00 60.54  ? 2   U   B C4    1 
ATOM   445 O O4    . U   B 1 2  ? 3.776   3.222   -12.218 1.00 59.14  ? 2   U   B O4    1 
ATOM   446 C C5    . U   B 1 2  ? 3.063   5.425   -11.539 1.00 62.15  ? 2   U   B C5    1 
ATOM   447 C C6    . U   B 1 2  ? 3.491   6.651   -11.190 1.00 59.49  ? 2   U   B C6    1 
ATOM   448 P P     . G   B 1 3  ? 3.233   11.248  -14.165 1.00 55.36  ? 3   G   B P     1 
ATOM   449 O OP1   . G   B 1 3  ? 3.437   12.582  -14.781 1.00 45.72  ? 3   G   B OP1   1 
ATOM   450 O OP2   . G   B 1 3  ? 1.851   10.807  -13.821 1.00 58.90  ? 3   G   B OP2   1 
ATOM   451 O "O5'" . G   B 1 3  ? 3.853   10.167  -15.160 1.00 44.10  ? 3   G   B "O5'" 1 
ATOM   452 C "C5'" . G   B 1 3  ? 3.725   10.289  -16.565 1.00 36.08  ? 3   G   B "C5'" 1 
ATOM   453 C "C4'" . G   B 1 3  ? 4.835   9.530   -17.227 1.00 37.19  ? 3   G   B "C4'" 1 
ATOM   454 O "O4'" . G   B 1 3  ? 5.898   10.448  -17.582 1.00 35.84  ? 3   G   B "O4'" 1 
ATOM   455 C "C3'" . G   B 1 3  ? 5.505   8.500   -16.327 1.00 32.88  ? 3   G   B "C3'" 1 
ATOM   456 O "O3'" . G   B 1 3  ? 4.851   7.252   -16.373 1.00 39.11  ? 3   G   B "O3'" 1 
ATOM   457 C "C2'" . G   B 1 3  ? 6.912   8.436   -16.869 1.00 31.63  ? 3   G   B "C2'" 1 
ATOM   458 O "O2'" . G   B 1 3  ? 6.945   7.621   -18.032 1.00 34.11  ? 3   G   B "O2'" 1 
ATOM   459 C "C1'" . G   B 1 3  ? 7.146   9.891   -17.268 1.00 32.78  ? 3   G   B "C1'" 1 
ATOM   460 N N9    . G   B 1 3  ? 7.707   10.673  -16.152 1.00 35.00  ? 3   G   B N9    1 
ATOM   461 C C8    . G   B 1 3  ? 7.085   11.653  -15.426 1.00 36.09  ? 3   G   B C8    1 
ATOM   462 N N7    . G   B 1 3  ? 7.842   12.167  -14.491 1.00 36.97  ? 3   G   B N7    1 
ATOM   463 C C5    . G   B 1 3  ? 9.038   11.469  -14.603 1.00 39.98  ? 3   G   B C5    1 
ATOM   464 C C6    . G   B 1 3  ? 10.247  11.567  -13.861 1.00 37.64  ? 3   G   B C6    1 
ATOM   465 O O6    . G   B 1 3  ? 10.498  12.328  -12.920 1.00 37.94  ? 3   G   B O6    1 
ATOM   466 N N1    . G   B 1 3  ? 11.213  10.662  -14.304 1.00 32.55  ? 3   G   B N1    1 
ATOM   467 C C2    . G   B 1 3  ? 11.033  9.780   -15.341 1.00 33.59  ? 3   G   B C2    1 
ATOM   468 N N2    . G   B 1 3  ? 12.058  8.964   -15.652 1.00 29.14  ? 3   G   B N2    1 
ATOM   469 N N3    . G   B 1 3  ? 9.913   9.691   -16.039 1.00 31.11  ? 3   G   B N3    1 
ATOM   470 C C4    . G   B 1 3  ? 8.965   10.541  -15.617 1.00 35.36  ? 3   G   B C4    1 
ATOM   471 P P     . G   B 1 4  ? 4.728   6.351   -15.052 1.00 33.25  ? 4   G   B P     1 
ATOM   472 O OP1   . G   B 1 4  ? 3.966   5.147   -15.457 1.00 42.82  ? 4   G   B OP1   1 
ATOM   473 O OP2   . G   B 1 4  ? 4.239   7.231   -13.974 1.00 39.54  ? 4   G   B OP2   1 
ATOM   474 O "O5'" . G   B 1 4  ? 6.220   5.854   -14.786 1.00 38.79  ? 4   G   B "O5'" 1 
ATOM   475 C "C5'" . G   B 1 4  ? 6.849   5.002   -15.738 1.00 35.89  ? 4   G   B "C5'" 1 
ATOM   476 C "C4'" . G   B 1 4  ? 8.330   4.839   -15.486 1.00 36.77  ? 4   G   B "C4'" 1 
ATOM   477 O "O4'" . G   B 1 4  ? 9.006   6.124   -15.558 1.00 33.41  ? 4   G   B "O4'" 1 
ATOM   478 C "C3'" . G   B 1 4  ? 8.731   4.284   -14.130 1.00 34.53  ? 4   G   B "C3'" 1 
ATOM   479 O "O3'" . G   B 1 4  ? 8.573   2.875   -14.053 1.00 36.40  ? 4   G   B "O3'" 1 
ATOM   480 C "C2'" . G   B 1 4  ? 10.176  4.758   -14.004 1.00 34.45  ? 4   G   B "C2'" 1 
ATOM   481 O "O2'" . G   B 1 4  ? 11.050  3.947   -14.774 1.00 32.80  ? 4   G   B "O2'" 1 
ATOM   482 C "C1'" . G   B 1 4  ? 10.098  6.136   -14.662 1.00 36.43  ? 4   G   B "C1'" 1 
ATOM   483 N N9    . G   B 1 4  ? 9.864   7.190   -13.663 1.00 34.22  ? 4   G   B N9    1 
ATOM   484 C C8    . G   B 1 4  ? 8.710   7.901   -13.462 1.00 38.41  ? 4   G   B C8    1 
ATOM   485 N N7    . G   B 1 4  ? 8.815   8.766   -12.492 1.00 38.02  ? 4   G   B N7    1 
ATOM   486 C C5    . G   B 1 4  ? 10.110  8.599   -12.022 1.00 35.13  ? 4   G   B C5    1 
ATOM   487 C C6    . G   B 1 4  ? 10.787  9.253   -10.962 1.00 34.91  ? 4   G   B C6    1 
ATOM   488 O O6    . G   B 1 4  ? 10.357  10.154  -10.200 1.00 34.02  ? 4   G   B O6    1 
ATOM   489 N N1    . G   B 1 4  ? 12.084  8.755   -10.829 1.00 31.74  ? 4   G   B N1    1 
ATOM   490 C C2    . G   B 1 4  ? 12.667  7.776   -11.595 1.00 33.41  ? 4   G   B C2    1 
ATOM   491 N N2    . G   B 1 4  ? 13.937  7.455   -11.286 1.00 32.50  ? 4   G   B N2    1 
ATOM   492 N N3    . G   B 1 4  ? 12.039  7.159   -12.591 1.00 34.62  ? 4   G   B N3    1 
ATOM   493 C C4    . G   B 1 4  ? 10.770  7.620   -12.734 1.00 32.96  ? 4   G   B C4    1 
ATOM   494 P P     . G   B 1 5  ? 8.172   2.146   -12.667 1.00 37.16  ? 5   G   B P     1 
ATOM   495 O OP1   . G   B 1 5  ? 7.738   0.768   -13.022 1.00 36.23  ? 5   G   B OP1   1 
ATOM   496 O OP2   . G   B 1 5  ? 7.262   3.006   -11.858 1.00 35.40  ? 5   G   B OP2   1 
ATOM   497 O "O5'" . G   B 1 5  ? 9.564   2.079   -11.877 1.00 35.77  ? 5   G   B "O5'" 1 
ATOM   498 C "C5'" . G   B 1 5  ? 10.706  1.459   -12.450 1.00 32.61  ? 5   G   B "C5'" 1 
ATOM   499 C "C4'" . G   B 1 5  ? 11.921  1.592   -11.555 1.00 33.98  ? 5   G   B "C4'" 1 
ATOM   500 O "O4'" . G   B 1 5  ? 12.482  2.932   -11.640 1.00 28.96  ? 5   G   B "O4'" 1 
ATOM   501 C "C3'" . G   B 1 5  ? 11.692  1.397   -10.065 1.00 30.58  ? 5   G   B "C3'" 1 
ATOM   502 O "O3'" . G   B 1 5  ? 11.533  0.038   -9.685  1.00 32.83  ? 5   G   B "O3'" 1 
ATOM   503 C "C2'" . G   B 1 5  ? 12.921  2.069   -9.467  1.00 30.84  ? 5   G   B "C2'" 1 
ATOM   504 O "O2'" . G   B 1 5  ? 14.065  1.237   -9.612  1.00 29.30  ? 5   G   B "O2'" 1 
ATOM   505 C "C1'" . G   B 1 5  ? 13.081  3.276   -10.401 1.00 31.91  ? 5   G   B "C1'" 1 
ATOM   506 N N9    . G   B 1 5  ? 12.418  4.469   -9.827  1.00 32.21  ? 5   G   B N9    1 
ATOM   507 C C8    . G   B 1 5  ? 11.186  4.991   -10.143 1.00 33.49  ? 5   G   B C8    1 
ATOM   508 N N7    . G   B 1 5  ? 10.858  6.031   -9.418  1.00 31.31  ? 5   G   B N7    1 
ATOM   509 C C5    . G   B 1 5  ? 11.934  6.209   -8.564  1.00 33.92  ? 5   G   B C5    1 
ATOM   510 C C6    . G   B 1 5  ? 12.158  7.179   -7.547  1.00 35.11  ? 5   G   B C6    1 
ATOM   511 O O6    . G   B 1 5  ? 11.406  8.101   -7.202  1.00 32.92  ? 5   G   B O6    1 
ATOM   512 N N1    . G   B 1 5  ? 13.385  7.004   -6.906  1.00 29.02  ? 5   G   B N1    1 
ATOM   513 C C2    . G   B 1 5  ? 14.281  6.012   -7.190  1.00 31.68  ? 5   G   B C2    1 
ATOM   514 N N2    . G   B 1 5  ? 15.408  5.987   -6.453  1.00 26.44  ? 5   G   B N2    1 
ATOM   515 N N3    . G   B 1 5  ? 14.080  5.103   -8.139  1.00 33.55  ? 5   G   B N3    1 
ATOM   516 C C4    . G   B 1 5  ? 12.897  5.250   -8.786  1.00 31.79  ? 5   G   B C4    1 
ATOM   517 P P     . C   B 1 6  ? 10.548  -0.357  -8.468  1.00 32.91  ? 6   C   B P     1 
ATOM   518 O OP1   . C   B 1 6  ? 10.552  -1.832  -8.414  1.00 33.47  ? 6   C   B OP1   1 
ATOM   519 O OP2   . C   B 1 6  ? 9.286   0.412   -8.587  1.00 36.48  ? 6   C   B OP2   1 
ATOM   520 O "O5'" . C   B 1 6  ? 11.252  0.231   -7.151  1.00 31.60  ? 6   C   B "O5'" 1 
ATOM   521 C "C5'" . C   B 1 6  ? 12.531  -0.235  -6.748  1.00 30.39  ? 6   C   B "C5'" 1 
ATOM   522 C "C4'" . C   B 1 6  ? 13.126  0.587   -5.631  1.00 29.38  ? 6   C   B "C4'" 1 
ATOM   523 O "O4'" . C   B 1 6  ? 13.428  1.933   -6.097  1.00 31.53  ? 6   C   B "O4'" 1 
ATOM   524 C "C3'" . C   B 1 6  ? 12.246  0.821   -4.418  1.00 26.41  ? 6   C   B "C3'" 1 
ATOM   525 O "O3'" . C   B 1 6  ? 12.170  -0.286  -3.543  1.00 30.25  ? 6   C   B "O3'" 1 
ATOM   526 C "C2'" . C   B 1 6  ? 12.905  2.032   -3.798  1.00 31.22  ? 6   C   B "C2'" 1 
ATOM   527 O "O2'" . C   B 1 6  ? 14.135  1.666   -3.180  1.00 33.23  ? 6   C   B "O2'" 1 
ATOM   528 C "C1'" . C   B 1 6  ? 13.228  2.850   -5.045  1.00 29.51  ? 6   C   B "C1'" 1 
ATOM   529 N N1    . C   B 1 6  ? 12.097  3.743   -5.384  1.00 29.86  ? 6   C   B N1    1 
ATOM   530 C C2    . C   B 1 6  ? 11.958  4.895   -4.601  1.00 32.62  ? 6   C   B C2    1 
ATOM   531 O O2    . C   B 1 6  ? 12.797  5.125   -3.714  1.00 33.49  ? 6   C   B O2    1 
ATOM   532 N N3    . C   B 1 6  ? 10.933  5.744   -4.826  1.00 33.83  ? 6   C   B N3    1 
ATOM   533 C C4    . C   B 1 6  ? 10.049  5.475   -5.792  1.00 34.58  ? 6   C   B C4    1 
ATOM   534 N N4    . C   B 1 6  ? 9.055   6.354   -5.985  1.00 31.22  ? 6   C   B N4    1 
ATOM   535 C C5    . C   B 1 6  ? 10.161  4.298   -6.600  1.00 31.64  ? 6   C   B C5    1 
ATOM   536 C C6    . C   B 1 6  ? 11.186  3.462   -6.366  1.00 29.75  ? 6   C   B C6    1 
ATOM   537 P P     . C   B 1 7  ? 10.809  -0.578  -2.727  1.00 29.90  ? 7   C   B P     1 
ATOM   538 O OP1   . C   B 1 7  ? 10.998  -1.879  -2.023  1.00 28.35  ? 7   C   B OP1   1 
ATOM   539 O OP2   . C   B 1 7  ? 9.654   -0.419  -3.658  1.00 30.37  ? 7   C   B OP2   1 
ATOM   540 O "O5'" . C   B 1 7  ? 10.740  0.589   -1.647  1.00 28.20  ? 7   C   B "O5'" 1 
ATOM   541 C "C5'" . C   B 1 7  ? 11.783  0.762   -0.702  1.00 30.11  ? 7   C   B "C5'" 1 
ATOM   542 C "C4'" . C   B 1 7  ? 11.570  1.996   0.137   1.00 35.68  ? 7   C   B "C4'" 1 
ATOM   543 O "O4'" . C   B 1 7  ? 11.646  3.197   -0.682  1.00 31.07  ? 7   C   B "O4'" 1 
ATOM   544 C "C3'" . C   B 1 7  ? 10.220  2.137   0.830   1.00 34.43  ? 7   C   B "C3'" 1 
ATOM   545 O "O3'" . C   B 1 7  ? 10.077  1.310   1.969   1.00 37.27  ? 7   C   B "O3'" 1 
ATOM   546 C "C2'" . C   B 1 7  ? 10.199  3.621   1.152   1.00 34.34  ? 7   C   B "C2'" 1 
ATOM   547 O "O2'" . C   B 1 7  ? 11.067  3.893   2.235   1.00 34.23  ? 7   C   B "O2'" 1 
ATOM   548 C "C1'" . C   B 1 7  ? 10.822  4.203   -0.120  1.00 34.52  ? 7   C   B "C1'" 1 
ATOM   549 N N1    . C   B 1 7  ? 9.762   4.566   -1.084  1.00 34.94  ? 7   C   B N1    1 
ATOM   550 C C2    . C   B 1 7  ? 9.161   5.816   -0.933  1.00 34.79  ? 7   C   B C2    1 
ATOM   551 O O2    . C   B 1 7  ? 9.568   6.567   -0.040  1.00 35.47  ? 7   C   B O2    1 
ATOM   552 N N3    . C   B 1 7  ? 8.174   6.184   -1.768  1.00 34.05  ? 7   C   B N3    1 
ATOM   553 C C4    . C   B 1 7  ? 7.769   5.333   -2.707  1.00 36.62  ? 7   C   B C4    1 
ATOM   554 N N4    . C   B 1 7  ? 6.792   5.732   -3.520  1.00 37.51  ? 7   C   B N4    1 
ATOM   555 C C5    . C   B 1 7  ? 8.352   4.044   -2.880  1.00 33.34  ? 7   C   B C5    1 
ATOM   556 C C6    . C   B 1 7  ? 9.334   3.700   -2.047  1.00 30.69  ? 7   C   B C6    1 
ATOM   557 P P     . A   B 1 8  ? 8.607   0.867   2.475   1.00 41.85  ? 8   A   B P     1 
ATOM   558 O OP1   . A   B 1 8  ? 8.816   -0.151  3.546   1.00 39.09  ? 8   A   B OP1   1 
ATOM   559 O OP2   . A   B 1 8  ? 7.729   0.511   1.335   1.00 42.15  ? 8   A   B OP2   1 
ATOM   560 O "O5'" . A   B 1 8  ? 7.998   2.209   3.085   1.00 42.62  ? 8   A   B "O5'" 1 
ATOM   561 C "C5'" . A   B 1 8  ? 8.632   2.871   4.172   1.00 41.90  ? 8   A   B "C5'" 1 
ATOM   562 C "C4'" . A   B 1 8  ? 8.004   4.219   4.445   1.00 48.72  ? 8   A   B "C4'" 1 
ATOM   563 O "O4'" . A   B 1 8  ? 8.196   5.094   3.302   1.00 44.98  ? 8   A   B "O4'" 1 
ATOM   564 C "C3'" . A   B 1 8  ? 6.496   4.221   4.665   1.00 48.88  ? 8   A   B "C3'" 1 
ATOM   565 O "O3'" . A   B 1 8  ? 6.134   3.877   5.987   1.00 53.19  ? 8   A   B "O3'" 1 
ATOM   566 C "C2'" . A   B 1 8  ? 6.115   5.640   4.288   1.00 50.16  ? 8   A   B "C2'" 1 
ATOM   567 O "O2'" . A   B 1 8  ? 6.482   6.537   5.327   1.00 56.24  ? 8   A   B "O2'" 1 
ATOM   568 C "C1'" . A   B 1 8  ? 7.042   5.887   3.105   1.00 48.03  ? 8   A   B "C1'" 1 
ATOM   569 N N9    . A   B 1 8  ? 6.417   5.496   1.826   1.00 46.66  ? 8   A   B N9    1 
ATOM   570 C C8    . A   B 1 8  ? 6.582   4.312   1.137   1.00 42.69  ? 8   A   B C8    1 
ATOM   571 N N7    . A   B 1 8  ? 5.894   4.269   0.018   1.00 45.94  ? 8   A   B N7    1 
ATOM   572 C C5    . A   B 1 8  ? 5.237   5.501   -0.030  1.00 44.23  ? 8   A   B C5    1 
ATOM   573 C C6    . A   B 1 8  ? 4.358   6.072   -0.973  1.00 44.86  ? 8   A   B C6    1 
ATOM   574 N N6    . A   B 1 8  ? 3.957   5.448   -2.091  1.00 44.97  ? 8   A   B N6    1 
ATOM   575 N N1    . A   B 1 8  ? 3.888   7.313   -0.716  1.00 45.79  ? 8   A   B N1    1 
ATOM   576 C C2    . A   B 1 8  ? 4.275   7.938   0.409   1.00 48.86  ? 8   A   B C2    1 
ATOM   577 N N3    . A   B 1 8  ? 5.098   7.509   1.365   1.00 47.33  ? 8   A   B N3    1 
ATOM   578 C C4    . A   B 1 8  ? 5.551   6.269   1.079   1.00 46.68  ? 8   A   B C4    1 
ATOM   579 P P     . G   B 1 9  ? 4.636   3.403   6.314   1.00 59.26  ? 9   G   B P     1 
ATOM   580 O OP1   . G   B 1 9  ? 4.697   2.890   7.705   1.00 63.39  ? 9   G   B OP1   1 
ATOM   581 O OP2   . G   B 1 9  ? 4.120   2.533   5.223   1.00 52.07  ? 9   G   B OP2   1 
ATOM   582 O "O5'" . G   B 1 9  ? 3.777   4.748   6.270   1.00 59.51  ? 9   G   B "O5'" 1 
ATOM   583 C "C5'" . G   B 1 9  ? 3.977   5.781   7.225   1.00 61.83  ? 9   G   B "C5'" 1 
ATOM   584 C "C4'" . G   B 1 9  ? 3.057   6.955   6.973   1.00 67.10  ? 9   G   B "C4'" 1 
ATOM   585 O "O4'" . G   B 1 9  ? 3.372   7.569   5.695   1.00 64.08  ? 9   G   B "O4'" 1 
ATOM   586 C "C3'" . G   B 1 9  ? 1.569   6.642   6.874   1.00 69.99  ? 9   G   B "C3'" 1 
ATOM   587 O "O3'" . G   B 1 9  ? 0.946   6.487   8.141   1.00 77.22  ? 9   G   B "O3'" 1 
ATOM   588 C "C2'" . G   B 1 9  ? 1.036   7.821   6.064   1.00 70.12  ? 9   G   B "C2'" 1 
ATOM   589 O "O2'" . G   B 1 9  ? 0.886   8.971   6.889   1.00 71.79  ? 9   G   B "O2'" 1 
ATOM   590 C "C1'" . G   B 1 9  ? 2.192   8.066   5.092   1.00 65.78  ? 9   G   B "C1'" 1 
ATOM   591 N N9    . G   B 1 9  ? 1.991   7.367   3.809   1.00 60.56  ? 9   G   B N9    1 
ATOM   592 C C8    . G   B 1 9  ? 2.584   6.194   3.407   1.00 57.80  ? 9   G   B C8    1 
ATOM   593 N N7    . G   B 1 9  ? 2.213   5.813   2.212   1.00 57.15  ? 9   G   B N7    1 
ATOM   594 C C5    . G   B 1 9  ? 1.320   6.794   1.802   1.00 58.48  ? 9   G   B C5    1 
ATOM   595 C C6    . G   B 1 9  ? 0.589   6.919   0.593   1.00 60.74  ? 9   G   B C6    1 
ATOM   596 O O6    . G   B 1 9  ? 0.590   6.159   -0.385  1.00 60.98  ? 9   G   B O6    1 
ATOM   597 N N1    . G   B 1 9  ? -0.203  8.064   0.586   1.00 62.00  ? 9   G   B N1    1 
ATOM   598 C C2    . G   B 1 9  ? -0.277  8.971   1.613   1.00 63.91  ? 9   G   B C2    1 
ATOM   599 N N2    . G   B 1 9  ? -1.100  10.010  1.415   1.00 67.36  ? 9   G   B N2    1 
ATOM   600 N N3    . G   B 1 9  ? 0.398   8.869   2.749   1.00 65.00  ? 9   G   B N3    1 
ATOM   601 C C4    . G   B 1 9  ? 1.170   7.762   2.776   1.00 62.20  ? 9   G   B C4    1 
ATOM   602 P P     . C   B 1 10 ? -0.366  5.564   8.303   1.00 74.75  ? 10  C   B P     1 
ATOM   603 O OP1   . C   B 1 10 ? -0.615  5.402   9.754   1.00 78.05  ? 10  C   B OP1   1 
ATOM   604 O OP2   . C   B 1 10 ? -0.193  4.349   7.465   1.00 77.72  ? 10  C   B OP2   1 
ATOM   605 O "O5'" . C   B 1 10 ? -1.538  6.443   7.664   1.00 75.33  ? 10  C   B "O5'" 1 
ATOM   606 C "C5'" . C   B 1 10 ? -1.830  7.748   8.151   1.00 73.73  ? 10  C   B "C5'" 1 
ATOM   607 C "C4'" . C   B 1 10 ? -2.797  8.478   7.250   1.00 76.80  ? 10  C   B "C4'" 1 
ATOM   608 O "O4'" . C   B 1 10 ? -2.163  8.791   5.976   1.00 74.23  ? 10  C   B "O4'" 1 
ATOM   609 C "C3'" . C   B 1 10 ? -4.045  7.708   6.851   1.00 80.24  ? 10  C   B "C3'" 1 
ATOM   610 O "O3'" . C   B 1 10 ? -5.038  7.668   7.865   1.00 85.79  ? 10  C   B "O3'" 1 
ATOM   611 C "C2'" . C   B 1 10 ? -4.475  8.426   5.579   1.00 77.25  ? 10  C   B "C2'" 1 
ATOM   612 O "O2'" . C   B 1 10 ? -5.085  9.669   5.889   1.00 80.32  ? 10  C   B "O2'" 1 
ATOM   613 C "C1'" . C   B 1 10 ? -3.120  8.710   4.933   1.00 73.42  ? 10  C   B "C1'" 1 
ATOM   614 N N1    . C   B 1 10 ? -2.730  7.626   3.998   1.00 71.68  ? 10  C   B N1    1 
ATOM   615 C C2    . C   B 1 10 ? -3.265  7.612   2.704   1.00 69.33  ? 10  C   B C2    1 
ATOM   616 O O2    . C   B 1 10 ? -4.038  8.516   2.362   1.00 69.98  ? 10  C   B O2    1 
ATOM   617 N N3    . C   B 1 10 ? -2.918  6.622   1.848   1.00 68.46  ? 10  C   B N3    1 
ATOM   618 C C4    . C   B 1 10 ? -2.080  5.658   2.241   1.00 66.23  ? 10  C   B C4    1 
ATOM   619 N N4    . C   B 1 10 ? -1.765  4.698   1.368   1.00 62.88  ? 10  C   B N4    1 
ATOM   620 C C5    . C   B 1 10 ? -1.523  5.635   3.550   1.00 68.50  ? 10  C   B C5    1 
ATOM   621 C C6    . C   B 1 10 ? -1.876  6.625   4.383   1.00 73.46  ? 10  C   B C6    1 
ATOM   622 P P     . A   B 1 11 ? -5.945  6.349   8.062   1.00 89.81  ? 11  A   B P     1 
ATOM   623 O OP1   . A   B 1 11 ? -6.686  6.502   9.340   1.00 90.53  ? 11  A   B OP1   1 
ATOM   624 O OP2   . A   B 1 11 ? -5.100  5.142   7.875   1.00 84.20  ? 11  A   B OP2   1 
ATOM   625 O "O5'" . A   B 1 11 ? -6.987  6.422   6.856   1.00 83.54  ? 11  A   B "O5'" 1 
ATOM   626 C "C5'" . A   B 1 11 ? -7.760  7.594   6.640   1.00 81.66  ? 11  A   B "C5'" 1 
ATOM   627 C "C4'" . A   B 1 11 ? -8.421  7.585   5.285   1.00 85.35  ? 11  A   B "C4'" 1 
ATOM   628 O "O4'" . A   B 1 11 ? -7.421  7.691   4.240   1.00 87.39  ? 11  A   B "O4'" 1 
ATOM   629 C "C3'" . A   B 1 11 ? -9.173  6.318   4.929   1.00 90.41  ? 11  A   B "C3'" 1 
ATOM   630 O "O3'" . A   B 1 11 ? -10.443 6.224   5.534   1.00 97.49  ? 11  A   B "O3'" 1 
ATOM   631 C "C2'" . A   B 1 11 ? -9.209  6.366   3.409   1.00 86.28  ? 11  A   B "C2'" 1 
ATOM   632 O "O2'" . A   B 1 11 ? -10.186 7.293   2.955   1.00 88.24  ? 11  A   B "O2'" 1 
ATOM   633 C "C1'" . A   B 1 11 ? -7.826  6.935   3.110   1.00 85.76  ? 11  A   B "C1'" 1 
ATOM   634 N N9    . A   B 1 11 ? -6.828  5.874   2.872   1.00 79.78  ? 11  A   B N9    1 
ATOM   635 C C8    . A   B 1 11 ? -5.942  5.325   3.766   1.00 77.37  ? 11  A   B C8    1 
ATOM   636 N N7    . A   B 1 11 ? -5.173  4.404   3.238   1.00 76.31  ? 11  A   B N7    1 
ATOM   637 C C5    . A   B 1 11 ? -5.575  4.343   1.909   1.00 72.73  ? 11  A   B C5    1 
ATOM   638 C C6    . A   B 1 11 ? -5.146  3.564   0.810   1.00 72.14  ? 11  A   B C6    1 
ATOM   639 N N6    . A   B 1 11 ? -4.173  2.642   0.860   1.00 72.94  ? 11  A   B N6    1 
ATOM   640 N N1    . A   B 1 11 ? -5.770  3.767   -0.375  1.00 71.52  ? 11  A   B N1    1 
ATOM   641 C C2    . A   B 1 11 ? -6.750  4.681   -0.451  1.00 72.83  ? 11  A   B C2    1 
ATOM   642 N N3    . A   B 1 11 ? -7.236  5.470   0.508   1.00 74.05  ? 11  A   B N3    1 
ATOM   643 C C4    . A   B 1 11 ? -6.598  5.248   1.672   1.00 74.56  ? 11  A   B C4    1 
ATOM   644 P P     . G   B 1 12 ? -10.975 4.773   5.945   1.00 102.81 ? 12  G   B P     1 
ATOM   645 O OP1   . G   B 1 12 ? -11.778 4.866   7.193   1.00 106.23 ? 12  G   B OP1   1 
ATOM   646 O OP2   . G   B 1 12 ? -9.787  3.882   5.870   1.00 97.57  ? 12  G   B OP2   1 
ATOM   647 O "O5'" . G   B 1 12 ? -11.914 4.368   4.730   1.00 97.41  ? 12  G   B "O5'" 1 
ATOM   648 C "C5'" . G   B 1 12 ? -11.649 3.195   3.991   1.00 87.11  ? 12  G   B "C5'" 1 
ATOM   649 C "C4'" . G   B 1 12 ? -11.984 3.374   2.540   1.00 82.76  ? 12  G   B "C4'" 1 
ATOM   650 O "O4'" . G   B 1 12 ? -10.819 3.858   1.829   1.00 83.32  ? 12  G   B "O4'" 1 
ATOM   651 C "C3'" . G   B 1 12 ? -12.350 2.092   1.825   1.00 85.63  ? 12  G   B "C3'" 1 
ATOM   652 O "O3'" . G   B 1 12 ? -13.697 1.726   2.033   1.00 90.12  ? 12  G   B "O3'" 1 
ATOM   653 C "C2'" . G   B 1 12 ? -11.991 2.394   0.377   1.00 83.67  ? 12  G   B "C2'" 1 
ATOM   654 O "O2'" . G   B 1 12 ? -12.989 3.194   -0.245  1.00 81.35  ? 12  G   B "O2'" 1 
ATOM   655 C "C1'" . G   B 1 12 ? -10.733 3.236   0.562   1.00 83.29  ? 12  G   B "C1'" 1 
ATOM   656 N N9    . G   B 1 12 ? -9.498  2.422   0.532   1.00 78.40  ? 12  G   B N9    1 
ATOM   657 C C8    . G   B 1 12 ? -8.596  2.288   1.567   1.00 76.08  ? 12  G   B C8    1 
ATOM   658 N N7    . G   B 1 12 ? -7.580  1.525   1.269   1.00 71.42  ? 12  G   B N7    1 
ATOM   659 C C5    . G   B 1 12 ? -7.823  1.133   -0.048  1.00 71.96  ? 12  G   B C5    1 
ATOM   660 C C6    . G   B 1 12 ? -7.059  0.296   -0.912  1.00 73.34  ? 12  G   B C6    1 
ATOM   661 O O6    . G   B 1 12 ? -5.981  -0.283  -0.681  1.00 75.29  ? 12  G   B O6    1 
ATOM   662 N N1    . G   B 1 12 ? -7.663  0.156   -2.160  1.00 69.46  ? 12  G   B N1    1 
ATOM   663 C C2    . G   B 1 12 ? -8.844  0.741   -2.533  1.00 69.40  ? 12  G   B C2    1 
ATOM   664 N N2    . G   B 1 12 ? -9.245  0.476   -3.785  1.00 68.28  ? 12  G   B N2    1 
ATOM   665 N N3    . G   B 1 12 ? -9.565  1.528   -1.743  1.00 69.76  ? 12  G   B N3    1 
ATOM   666 C C4    . G   B 1 12 ? -9.001  1.680   -0.522  1.00 72.38  ? 12  G   B C4    1 
ATOM   667 P P     . C   B 1 13 ? -14.150 0.215   1.757   1.00 91.12  ? 13  C   B P     1 
ATOM   668 O OP1   . C   B 1 13 ? -15.546 0.077   2.240   1.00 93.44  ? 13  C   B OP1   1 
ATOM   669 O OP2   . C   B 1 13 ? -13.080 -0.687  2.273   1.00 88.68  ? 13  C   B OP2   1 
ATOM   670 O "O5'" . C   B 1 13 ? -14.144 0.126   0.169   1.00 85.49  ? 13  C   B "O5'" 1 
ATOM   671 C "C5'" . C   B 1 13 ? -14.909 -0.845  -0.510  1.00 87.82  ? 13  C   B "C5'" 1 
ATOM   672 C "C4'" . C   B 1 13 ? -14.192 -1.350  -1.734  1.00 86.76  ? 13  C   B "C4'" 1 
ATOM   673 O "O4'" . C   B 1 13 ? -12.885 -0.727  -1.861  1.00 87.05  ? 13  C   B "O4'" 1 
ATOM   674 C "C3'" . C   B 1 13 ? -13.880 -2.831  -1.735  1.00 86.10  ? 13  C   B "C3'" 1 
ATOM   675 O "O3'" . C   B 1 13 ? -15.014 -3.619  -2.028  1.00 95.41  ? 13  C   B "O3'" 1 
ATOM   676 C "C2'" . C   B 1 13 ? -12.757 -2.923  -2.759  1.00 82.89  ? 13  C   B "C2'" 1 
ATOM   677 O "O2'" . C   B 1 13 ? -13.272 -2.815  -4.080  1.00 83.84  ? 13  C   B "O2'" 1 
ATOM   678 C "C1'" . C   B 1 13 ? -11.974 -1.646  -2.439  1.00 82.02  ? 13  C   B "C1'" 1 
ATOM   679 N N1    . C   B 1 13 ? -10.870 -1.890  -1.475  1.00 74.90  ? 13  C   B N1    1 
ATOM   680 C C2    . C   B 1 13 ? -9.714  -2.568  -1.902  1.00 71.92  ? 13  C   B C2    1 
ATOM   681 O O2    . C   B 1 13 ? -9.624  -2.955  -3.085  1.00 69.75  ? 13  C   B O2    1 
ATOM   682 N N3    . C   B 1 13 ? -8.714  -2.786  -1.006  1.00 70.04  ? 13  C   B N3    1 
ATOM   683 C C4    . C   B 1 13 ? -8.824  -2.359  0.264   1.00 71.97  ? 13  C   B C4    1 
ATOM   684 N N4    . C   B 1 13 ? -7.807  -2.602  1.107   1.00 65.21  ? 13  C   B N4    1 
ATOM   685 C C5    . C   B 1 13 ? -9.990  -1.665  0.720   1.00 73.70  ? 13  C   B C5    1 
ATOM   686 C C6    . C   B 1 13 ? -10.969 -1.460  -0.174  1.00 74.73  ? 13  C   B C6    1 
ATOM   687 P P     . A   B 1 14 ? -15.666 -4.548  -0.889  1.00 99.08  ? 14  A   B P     1 
ATOM   688 O OP1   . A   B 1 14 ? -17.136 -4.375  -1.009  1.00 94.56  ? 14  A   B OP1   1 
ATOM   689 O OP2   . A   B 1 14 ? -15.017 -4.301  0.432   1.00 86.84  ? 14  A   B OP2   1 
ATOM   690 O "O5'" . A   B 1 14 ? -15.282 -6.012  -1.384  1.00 87.21  ? 14  A   B "O5'" 1 
ATOM   691 C "C5'" . A   B 1 14 ? -15.383 -6.333  -2.766  1.00 85.11  ? 14  A   B "C5'" 1 
ATOM   692 C "C4'" . A   B 1 14 ? -14.216 -7.158  -3.250  1.00 83.33  ? 14  A   B "C4'" 1 
ATOM   693 O "O4'" . A   B 1 14 ? -13.042 -6.325  -3.458  1.00 84.06  ? 14  A   B "O4'" 1 
ATOM   694 C "C3'" . A   B 1 14 ? -13.715 -8.235  -2.309  1.00 77.14  ? 14  A   B "C3'" 1 
ATOM   695 O "O3'" . A   B 1 14 ? -14.543 -9.374  -2.247  1.00 80.17  ? 14  A   B "O3'" 1 
ATOM   696 C "C2'" . A   B 1 14 ? -12.325 -8.501  -2.859  1.00 76.96  ? 14  A   B "C2'" 1 
ATOM   697 O "O2'" . A   B 1 14 ? -12.397 -9.232  -4.077  1.00 75.43  ? 14  A   B "O2'" 1 
ATOM   698 C "C1'" . A   B 1 14 ? -11.875 -7.075  -3.166  1.00 78.44  ? 14  A   B "C1'" 1 
ATOM   699 N N9    . A   B 1 14 ? -11.218 -6.498  -1.977  1.00 75.88  ? 14  A   B N9    1 
ATOM   700 C C8    . A   B 1 14 ? -11.741 -5.690  -0.991  1.00 75.01  ? 14  A   B C8    1 
ATOM   701 N N7    . A   B 1 14 ? -10.881 -5.385  -0.040  1.00 70.33  ? 14  A   B N7    1 
ATOM   702 C C5    . A   B 1 14 ? -9.718  -6.052  -0.416  1.00 67.93  ? 14  A   B C5    1 
ATOM   703 C C6    . A   B 1 14 ? -8.435  -6.137  0.167   1.00 62.25  ? 14  A   B C6    1 
ATOM   704 N N6    . A   B 1 14 ? -8.063  -5.533  1.312   1.00 55.84  ? 14  A   B N6    1 
ATOM   705 N N1    . A   B 1 14 ? -7.531  -6.898  -0.495  1.00 57.31  ? 14  A   B N1    1 
ATOM   706 C C2    . A   B 1 14 ? -7.867  -7.519  -1.638  1.00 58.09  ? 14  A   B C2    1 
ATOM   707 N N3    . A   B 1 14 ? -9.030  -7.515  -2.279  1.00 59.63  ? 14  A   B N3    1 
ATOM   708 C C4    . A   B 1 14 ? -9.917  -6.752  -1.605  1.00 69.61  ? 14  A   B C4    1 
ATOM   709 P P     . G   B 1 15 ? -14.306 -10.444 -1.076  1.00 85.26  ? 15  G   B P     1 
ATOM   710 O OP1   . G   B 1 15 ? -15.439 -11.402 -1.101  1.00 81.56  ? 15  G   B OP1   1 
ATOM   711 O OP2   . G   B 1 15 ? -13.936 -9.739  0.190   1.00 68.74  ? 15  G   B OP2   1 
ATOM   712 O "O5'" . G   B 1 15 ? -13.032 -11.235 -1.590  1.00 67.94  ? 15  G   B "O5'" 1 
ATOM   713 C "C5'" . G   B 1 15 ? -11.966 -11.499 -0.711  1.00 55.75  ? 15  G   B "C5'" 1 
ATOM   714 C "C4'" . G   B 1 15 ? -10.780 -12.011 -1.465  1.00 56.99  ? 15  G   B "C4'" 1 
ATOM   715 O "O4'" . G   B 1 15 ? -9.901  -10.899 -1.768  1.00 56.87  ? 15  G   B "O4'" 1 
ATOM   716 C "C3'" . G   B 1 15 ? -9.914  -12.981 -0.679  1.00 48.81  ? 15  G   B "C3'" 1 
ATOM   717 O "O3'" . G   B 1 15 ? -10.342 -14.315 -0.816  1.00 48.70  ? 15  G   B "O3'" 1 
ATOM   718 C "C2'" . G   B 1 15 ? -8.535  -12.739 -1.243  1.00 45.77  ? 15  G   B "C2'" 1 
ATOM   719 O "O2'" . G   B 1 15 ? -8.424  -13.369 -2.504  1.00 48.38  ? 15  G   B "O2'" 1 
ATOM   720 C "C1'" . G   B 1 15 ? -8.576  -11.238 -1.454  1.00 49.06  ? 15  G   B "C1'" 1 
ATOM   721 N N9    . G   B 1 15 ? -8.224  -10.497 -0.225  1.00 49.69  ? 15  G   B N9    1 
ATOM   722 C C8    . G   B 1 15 ? -9.072  -9.699  0.513   1.00 49.13  ? 15  G   B C8    1 
ATOM   723 N N7    . G   B 1 15 ? -8.493  -9.144  1.549   1.00 46.81  ? 15  G   B N7    1 
ATOM   724 C C5    . G   B 1 15 ? -7.175  -9.601  1.491   1.00 46.56  ? 15  G   B C5    1 
ATOM   725 C C6    . G   B 1 15 ? -6.064  -9.339  2.346   1.00 40.03  ? 15  G   B C6    1 
ATOM   726 O O6    . G   B 1 15 ? -6.012  -8.620  3.356   1.00 36.23  ? 15  G   B O6    1 
ATOM   727 N N1    . G   B 1 15 ? -4.927  -10.016 1.918   1.00 39.28  ? 15  G   B N1    1 
ATOM   728 C C2    . G   B 1 15 ? -4.857  -10.837 0.816   1.00 39.62  ? 15  G   B C2    1 
ATOM   729 N N2    . G   B 1 15 ? -3.664  -11.394 0.576   1.00 37.97  ? 15  G   B N2    1 
ATOM   730 N N3    . G   B 1 15 ? -5.873  -11.087 0.007   1.00 39.87  ? 15  G   B N3    1 
ATOM   731 C C4    . G   B 1 15 ? -6.993  -10.440 0.401   1.00 46.47  ? 15  G   B C4    1 
ATOM   732 P P     . G   B 1 16 ? -10.364 -15.272 0.468   1.00 51.97  ? 16  G   B P     1 
ATOM   733 O OP1   . G   B 1 16 ? -11.042 -16.532 0.061   1.00 48.75  ? 16  G   B OP1   1 
ATOM   734 O OP2   . G   B 1 16 ? -10.868 -14.473 1.626   1.00 46.94  ? 16  G   B OP2   1 
ATOM   735 O "O5'" . G   B 1 16 ? -8.825  -15.616 0.707   1.00 45.06  ? 16  G   B "O5'" 1 
ATOM   736 C "C5'" . G   B 1 16 ? -8.100  -16.361 -0.257  1.00 43.18  ? 16  G   B "C5'" 1 
ATOM   737 C "C4'" . G   B 1 16 ? -6.670  -16.573 0.171   1.00 44.23  ? 16  G   B "C4'" 1 
ATOM   738 O "O4'" . G   B 1 16 ? -5.973  -15.301 0.205   1.00 42.87  ? 16  G   B "O4'" 1 
ATOM   739 C "C3'" . G   B 1 16 ? -6.473  -17.130 1.568   1.00 40.61  ? 16  G   B "C3'" 1 
ATOM   740 O "O3'" . G   B 1 16 ? -6.659  -18.526 1.635   1.00 40.82  ? 16  G   B "O3'" 1 
ATOM   741 C "C2'" . G   B 1 16 ? -5.061  -16.680 1.902   1.00 36.93  ? 16  G   B "C2'" 1 
ATOM   742 O "O2'" . G   B 1 16 ? -4.104  -17.488 1.229   1.00 35.62  ? 16  G   B "O2'" 1 
ATOM   743 C "C1'" . G   B 1 16 ? -5.037  -15.299 1.260   1.00 39.08  ? 16  G   B "C1'" 1 
ATOM   744 N N9    . G   B 1 16 ? -5.425  -14.251 2.214   1.00 37.44  ? 16  G   B N9    1 
ATOM   745 C C8    . G   B 1 16 ? -6.615  -13.584 2.253   1.00 36.21  ? 16  G   B C8    1 
ATOM   746 N N7    . G   B 1 16 ? -6.634  -12.697 3.214   1.00 39.82  ? 16  G   B N7    1 
ATOM   747 C C5    . G   B 1 16 ? -5.388  -12.789 3.833   1.00 36.44  ? 16  G   B C5    1 
ATOM   748 C C6    . G   B 1 16 ? -4.830  -12.077 4.930   1.00 33.02  ? 16  G   B C6    1 
ATOM   749 O O6    . G   B 1 16 ? -5.350  -11.186 5.611   1.00 32.95  ? 16  G   B O6    1 
ATOM   750 N N1    . G   B 1 16 ? -3.536  -12.489 5.219   1.00 33.75  ? 16  G   B N1    1 
ATOM   751 C C2    . G   B 1 16 ? -2.862  -13.467 4.534   1.00 34.75  ? 16  G   B C2    1 
ATOM   752 N N2    . G   B 1 16 ? -1.620  -13.735 4.954   1.00 28.85  ? 16  G   B N2    1 
ATOM   753 N N3    . G   B 1 16 ? -3.360  -14.128 3.505   1.00 35.30  ? 16  G   B N3    1 
ATOM   754 C C4    . G   B 1 16 ? -4.626  -13.749 3.218   1.00 37.18  ? 16  G   B C4    1 
ATOM   755 P P     . U   B 1 17 ? -7.400  -19.152 2.916   1.00 40.84  ? 17  U   B P     1 
ATOM   756 O OP1   . U   B 1 17 ? -7.609  -20.584 2.606   1.00 41.31  ? 17  U   B OP1   1 
ATOM   757 O OP2   . U   B 1 17 ? -8.565  -18.306 3.275   1.00 39.94  ? 17  U   B OP2   1 
ATOM   758 O "O5'" . U   B 1 17 ? -6.333  -18.956 4.093   1.00 38.07  ? 17  U   B "O5'" 1 
ATOM   759 C "C5'" . U   B 1 17 ? -5.039  -19.532 4.017   1.00 32.26  ? 17  U   B "C5'" 1 
ATOM   760 C "C4'" . U   B 1 17 ? -4.179  -19.070 5.163   1.00 32.34  ? 17  U   B "C4'" 1 
ATOM   761 O "O4'" . U   B 1 17 ? -3.849  -17.664 4.997   1.00 32.78  ? 17  U   B "O4'" 1 
ATOM   762 C "C3'" . U   B 1 17 ? -4.815  -19.131 6.543   1.00 26.93  ? 17  U   B "C3'" 1 
ATOM   763 O "O3'" . U   B 1 17 ? -4.838  -20.433 7.101   1.00 26.68  ? 17  U   B "O3'" 1 
ATOM   764 C "C2'" . U   B 1 17 ? -3.974  -18.136 7.323   1.00 29.16  ? 17  U   B "C2'" 1 
ATOM   765 O "O2'" . U   B 1 17 ? -2.710  -18.701 7.655   1.00 30.83  ? 17  U   B "O2'" 1 
ATOM   766 C "C1'" . U   B 1 17 ? -3.756  -17.046 6.268   1.00 33.34  ? 17  U   B "C1'" 1 
ATOM   767 N N1    . U   B 1 17 ? -4.783  -15.977 6.368   1.00 36.70  ? 17  U   B N1    1 
ATOM   768 C C2    . U   B 1 17 ? -4.582  -14.999 7.341   1.00 33.19  ? 17  U   B C2    1 
ATOM   769 O O2    . U   B 1 17 ? -3.600  -14.976 8.070   1.00 32.82  ? 17  U   B O2    1 
ATOM   770 N N3    . U   B 1 17 ? -5.565  -14.041 7.411   1.00 29.89  ? 17  U   B N3    1 
ATOM   771 C C4    . U   B 1 17 ? -6.712  -13.961 6.640   1.00 32.43  ? 17  U   B C4    1 
ATOM   772 O O4    . U   B 1 17 ? -7.498  -13.030 6.825   1.00 29.98  ? 17  U   B O4    1 
ATOM   773 C C5    . U   B 1 17 ? -6.866  -15.013 5.677   1.00 34.20  ? 17  U   B C5    1 
ATOM   774 C C6    . U   B 1 17 ? -5.920  -15.963 5.579   1.00 35.34  ? 17  U   B C6    1 
ATOM   775 P P     . C   B 1 18 ? -5.906  -20.806 8.261   1.00 31.62  ? 18  C   B P     1 
ATOM   776 O OP1   . C   B 1 18 ? -5.803  -22.268 8.478   1.00 35.64  ? 18  C   B OP1   1 
ATOM   777 O OP2   . C   B 1 18 ? -7.242  -20.218 7.988   1.00 31.19  ? 18  C   B OP2   1 
ATOM   778 O "O5'" . C   B 1 18 ? -5.328  -20.079 9.551   1.00 33.87  ? 18  C   B "O5'" 1 
ATOM   779 C "C5'" . C   B 1 18 ? -4.066  -20.457 10.079  1.00 29.13  ? 18  C   B "C5'" 1 
ATOM   780 C "C4'" . C   B 1 18 ? -3.608  -19.475 11.120  1.00 27.50  ? 18  C   B "C4'" 1 
ATOM   781 O "O4'" . C   B 1 18 ? -3.494  -18.156 10.530  1.00 25.84  ? 18  C   B "O4'" 1 
ATOM   782 C "C3'" . C   B 1 18 ? -4.553  -19.265 12.293  1.00 28.77  ? 18  C   B "C3'" 1 
ATOM   783 O "O3'" . C   B 1 18 ? -4.439  -20.266 13.269  1.00 23.91  ? 18  C   B "O3'" 1 
ATOM   784 C "C2'" . C   B 1 18 ? -4.123  -17.910 12.804  1.00 28.81  ? 18  C   B "C2'" 1 
ATOM   785 O "O2'" . C   B 1 18 ? -2.891  -18.067 13.482  1.00 27.77  ? 18  C   B "O2'" 1 
ATOM   786 C "C1'" . C   B 1 18 ? -3.851  -17.178 11.488  1.00 29.69  ? 18  C   B "C1'" 1 
ATOM   787 N N1    . C   B 1 18 ? -5.053  -16.464 11.000  1.00 33.44  ? 18  C   B N1    1 
ATOM   788 C C2    . C   B 1 18 ? -5.251  -15.146 11.443  1.00 36.14  ? 18  C   B C2    1 
ATOM   789 O O2    . C   B 1 18 ? -4.414  -14.666 12.238  1.00 34.06  ? 18  C   B O2    1 
ATOM   790 N N3    . C   B 1 18 ? -6.347  -14.454 11.003  1.00 33.23  ? 18  C   B N3    1 
ATOM   791 C C4    . C   B 1 18 ? -7.214  -15.044 10.158  1.00 35.88  ? 18  C   B C4    1 
ATOM   792 N N4    . C   B 1 18 ? -8.277  -14.340 9.738   1.00 34.95  ? 18  C   B N4    1 
ATOM   793 C C5    . C   B 1 18 ? -7.030  -16.384 9.689   1.00 30.17  ? 18  C   B C5    1 
ATOM   794 C C6    . C   B 1 18 ? -5.949  -17.042 10.132  1.00 30.73  ? 18  C   B C6    1 
ATOM   795 P P     . C   B 1 19 ? -5.699  -20.618 14.193  1.00 29.11  ? 19  C   B P     1 
ATOM   796 O OP1   . C   B 1 19 ? -5.353  -21.844 14.963  1.00 22.96  ? 19  C   B OP1   1 
ATOM   797 O OP2   . C   B 1 19 ? -6.901  -20.622 13.331  1.00 33.84  ? 19  C   B OP2   1 
ATOM   798 O "O5'" . C   B 1 19 ? -5.845  -19.378 15.187  1.00 26.79  ? 19  C   B "O5'" 1 
ATOM   799 C "C5'" . C   B 1 19 ? -4.919  -19.180 16.237  1.00 26.20  ? 19  C   B "C5'" 1 
ATOM   800 C "C4'" . C   B 1 19 ? -5.210  -17.922 17.021  1.00 27.31  ? 19  C   B "C4'" 1 
ATOM   801 O "O4'" . C   B 1 19 ? -5.051  -16.749 16.175  1.00 27.34  ? 19  C   B "O4'" 1 
ATOM   802 C "C3'" . C   B 1 19 ? -6.616  -17.772 17.573  1.00 28.85  ? 19  C   B "C3'" 1 
ATOM   803 O "O3'" . C   B 1 19 ? -6.863  -18.536 18.738  1.00 30.02  ? 19  C   B "O3'" 1 
ATOM   804 C "C2'" . C   B 1 19 ? -6.687  -16.282 17.826  1.00 31.45  ? 19  C   B "C2'" 1 
ATOM   805 O "O2'" . C   B 1 19 ? -5.954  -15.967 19.001  1.00 31.45  ? 19  C   B "O2'" 1 
ATOM   806 C "C1'" . C   B 1 19 ? -5.937  -15.740 16.606  1.00 29.44  ? 19  C   B "C1'" 1 
ATOM   807 N N1    . C   B 1 19 ? -6.890  -15.440 15.519  1.00 31.23  ? 19  C   B N1    1 
ATOM   808 C C2    . C   B 1 19 ? -7.583  -14.220 15.570  1.00 30.47  ? 19  C   B C2    1 
ATOM   809 O O2    . C   B 1 19 ? -7.319  -13.432 16.486  1.00 25.83  ? 19  C   B O2    1 
ATOM   810 N N3    . C   B 1 19 ? -8.495  -13.916 14.613  1.00 28.74  ? 19  C   B N3    1 
ATOM   811 C C4    . C   B 1 19 ? -8.736  -14.793 13.635  1.00 34.00  ? 19  C   B C4    1 
ATOM   812 N N4    . C   B 1 19 ? -9.646  -14.481 12.694  1.00 33.32  ? 19  C   B N4    1 
ATOM   813 C C5    . C   B 1 19 ? -8.054  -16.049 13.584  1.00 32.51  ? 19  C   B C5    1 
ATOM   814 C C6    . C   B 1 19 ? -7.159  -16.341 14.533  1.00 29.53  ? 19  C   B C6    1 
HETATM 815 P P     . PO4 C 2 .  ? 2.756   -14.846 10.630  0.29 29.36  ? 101 PO4 A P     1 
HETATM 816 O O1    . PO4 C 2 .  ? 2.063   -16.133 10.255  0.35 29.84  ? 101 PO4 A O1    1 
HETATM 817 O O2    . PO4 C 2 .  ? 3.993   -15.172 11.429  0.42 29.35  ? 101 PO4 A O2    1 
HETATM 818 O O4    . PO4 C 2 .  ? 3.155   -14.081 9.390   0.26 29.83  ? 101 PO4 A O4    1 
HETATM 819 P P     . PO4 D 2 .  ? 17.348  2.712   -4.739  0.33 29.98  ? 101 PO4 B P     1 
HETATM 820 O O1    . PO4 D 2 .  ? 16.840  1.578   -3.877  0.21 30.45  ? 101 PO4 B O1    1 
HETATM 821 O O2    . PO4 D 2 .  ? 18.639  2.310   -5.410  0.36 30.37  ? 101 PO4 B O2    1 
HETATM 822 O O4    . PO4 D 2 .  ? 16.321  3.038   -5.795  0.50 30.16  ? 101 PO4 B O4    1 
HETATM 823 O O     . HOH E 3 .  ? 0.987   6.048   -4.580  1.00 73.25  ? 201 HOH A O     1 
HETATM 824 O O     . HOH E 3 .  ? -6.214  -8.698  10.415  1.00 35.49  ? 202 HOH A O     1 
HETATM 825 O O     . HOH E 3 .  ? 2.498   -12.187 13.089  1.00 29.46  ? 203 HOH A O     1 
HETATM 826 O O     . HOH E 3 .  ? 11.947  14.106  -7.225  1.00 36.59  ? 204 HOH A O     1 
HETATM 827 O O     . HOH E 3 .  ? -2.878  -5.981  11.014  1.00 35.07  ? 205 HOH A O     1 
HETATM 828 O O     . HOH E 3 .  ? 16.674  7.682   -4.541  1.00 33.78  ? 206 HOH A O     1 
HETATM 829 O O     . HOH E 3 .  ? -5.767  15.371  -1.506  1.00 75.55  ? 207 HOH A O     1 
HETATM 830 O O     . HOH E 3 .  ? 17.056  6.640   -9.829  1.00 34.93  ? 208 HOH A O     1 
HETATM 831 O O     . HOH E 3 .  ? -11.342 -11.365 10.397  1.00 40.02  ? 209 HOH A O     1 
HETATM 832 O O     . HOH E 3 .  ? 20.731  14.865  -8.072  1.00 33.38  ? 210 HOH A O     1 
HETATM 833 O O     . HOH E 3 .  ? -7.182  -10.285 8.631   1.00 34.21  ? 211 HOH A O     1 
HETATM 834 O O     . HOH E 3 .  ? 5.664   -11.334 7.554   0.26 27.98  ? 212 HOH A O     1 
HETATM 835 O O     . HOH E 3 .  ? 3.930   -4.756  8.490   1.00 33.90  ? 213 HOH A O     1 
HETATM 836 O O     . HOH E 3 .  ? 21.740  7.984   -9.328  0.31 29.47  ? 214 HOH A O     1 
HETATM 837 O O     . HOH E 3 .  ? 14.205  15.731  -4.792  1.00 40.03  ? 215 HOH A O     1 
HETATM 838 O O     . HOH E 3 .  ? 19.118  10.041  -17.677 1.00 28.92  ? 216 HOH A O     1 
HETATM 839 O O     . HOH E 3 .  ? 20.908  13.262  -14.120 1.00 37.25  ? 217 HOH A O     1 
HETATM 840 O O     . HOH E 3 .  ? -9.790  -7.669  19.053  1.00 39.21  ? 218 HOH A O     1 
HETATM 841 O O     . HOH E 3 .  ? 2.240   -5.558  15.178  1.00 33.74  ? 219 HOH A O     1 
HETATM 842 O O     . HOH E 3 .  ? -7.590  -9.568  19.165  1.00 33.24  ? 220 HOH A O     1 
HETATM 843 O O     . HOH E 3 .  ? 23.944  10.594  -11.599 0.23 24.17  ? 221 HOH A O     1 
HETATM 844 O O     . HOH E 3 .  ? 19.433  14.583  -12.397 1.00 40.47  ? 222 HOH A O     1 
HETATM 845 O O     . HOH E 3 .  ? -14.061 -12.617 12.151  1.00 44.87  ? 223 HOH A O     1 
HETATM 846 O O     . HOH E 3 .  ? 19.621  13.246  -1.037  1.00 33.10  ? 224 HOH A O     1 
HETATM 847 O O     . HOH E 3 .  ? 9.804   14.314  -5.047  1.00 51.87  ? 225 HOH A O     1 
HETATM 848 O O     . HOH E 3 .  ? 9.321   9.720   3.591   1.00 42.42  ? 226 HOH A O     1 
HETATM 849 O O     . HOH F 3 .  ? 1.397   9.689   -6.443  1.00 74.70  ? 201 HOH B O     1 
HETATM 850 O O     . HOH F 3 .  ? 8.581   6.955   -9.466  1.00 36.71  ? 202 HOH B O     1 
HETATM 851 O O     . HOH F 3 .  ? 1.700   8.327   -14.128 1.00 49.81  ? 203 HOH B O     1 
HETATM 852 O O     . HOH F 3 .  ? -9.882  -15.546 8.065   1.00 35.40  ? 204 HOH B O     1 
HETATM 853 O O     . HOH F 3 .  ? -1.314  -16.837 8.879   1.00 32.88  ? 205 HOH B O     1 
HETATM 854 O O     . HOH F 3 .  ? 8.824   12.441  -10.893 1.00 43.33  ? 206 HOH B O     1 
HETATM 855 O O     . HOH F 3 .  ? 15.526  5.442   -3.209  1.00 30.23  ? 207 HOH B O     1 
HETATM 856 O O     . HOH F 3 .  ? 7.981   2.668   -9.150  1.00 35.36  ? 208 HOH B O     1 
HETATM 857 O O     . HOH F 3 .  ? -2.424  -15.237 13.974  1.00 33.02  ? 209 HOH B O     1 
HETATM 858 O O     . HOH F 3 .  ? 9.228   7.541   -19.587 1.00 40.42  ? 210 HOH B O     1 
HETATM 859 O O     . HOH F 3 .  ? 14.538  -0.685  -1.744  0.28 28.04  ? 211 HOH B O     1 
HETATM 860 O O     . HOH F 3 .  ? -7.144  -23.051 11.991  1.00 33.90  ? 212 HOH B O     1 
HETATM 861 O O     . HOH F 3 .  ? -8.229  -20.806 17.765  1.00 32.86  ? 213 HOH B O     1 
HETATM 862 O O     . HOH F 3 .  ? 8.806   -2.866  -4.792  1.00 34.97  ? 214 HOH B O     1 
HETATM 863 O O     . HOH F 3 .  ? 8.792   8.939   -7.901  1.00 35.62  ? 215 HOH B O     1 
HETATM 864 O O     . HOH F 3 .  ? 5.415   0.475   -11.334 1.00 54.78  ? 216 HOH B O     1 
HETATM 865 O O     . HOH F 3 .  ? -1.643  -20.089 15.186  0.27 26.05  ? 217 HOH B O     1 
HETATM 866 O O     . HOH F 3 .  ? -7.715  -16.951 21.162  1.00 30.98  ? 218 HOH B O     1 
HETATM 867 O O     . HOH F 3 .  ? -1.873  1.093   -0.435  1.00 52.01  ? 219 HOH B O     1 
HETATM 868 O O     . HOH F 3 .  ? 11.298  -2.800  -11.245 1.00 34.69  ? 220 HOH B O     1 
HETATM 869 O O     . HOH F 3 .  ? -3.651  -22.988 5.794   1.00 35.04  ? 221 HOH B O     1 
HETATM 870 O O     . HOH F 3 .  ? 2.448   3.993   -4.420  1.00 68.60  ? 222 HOH B O     1 
HETATM 871 O O     . HOH F 3 .  ? 12.394  6.590   -17.746 1.00 33.13  ? 223 HOH B O     1 
HETATM 872 O O     . HOH F 3 .  ? -9.323  -20.965 15.617  1.00 37.85  ? 224 HOH B O     1 
HETATM 873 O O     . HOH F 3 .  ? -9.849  -14.933 4.808   1.00 48.78  ? 225 HOH B O     1 
HETATM 874 O O     . HOH F 3 .  ? 2.505   2.006   -5.400  1.00 77.30  ? 226 HOH B O     1 
HETATM 875 O O     . HOH F 3 .  ? -11.116 -16.850 10.466  1.00 38.47  ? 227 HOH B O     1 
HETATM 876 O O     . HOH F 3 .  ? 0.507   7.501   -17.060 1.00 42.58  ? 228 HOH B O     1 
# 
